data_1IUH
# 
_entry.id   1IUH 
# 
_audit_conform.dict_name       mmcif_pdbx.dic 
_audit_conform.dict_version    5.383 
_audit_conform.dict_location   http://mmcif.pdb.org/dictionaries/ascii/mmcif_pdbx.dic 
# 
loop_
_database_2.database_id 
_database_2.database_code 
_database_2.pdbx_database_accession 
_database_2.pdbx_DOI 
PDB   1IUH         pdb_00001iuh 10.2210/pdb1iuh/pdb 
RCSB  RCSB005289   ?            ?                   
WWPDB D_1000005289 ?            ?                   
# 
loop_
_pdbx_audit_revision_history.ordinal 
_pdbx_audit_revision_history.data_content_type 
_pdbx_audit_revision_history.major_revision 
_pdbx_audit_revision_history.minor_revision 
_pdbx_audit_revision_history.revision_date 
1 'Structure model' 1 0 2003-06-17 
2 'Structure model' 1 1 2008-04-27 
3 'Structure model' 1 2 2011-07-13 
4 'Structure model' 1 3 2017-10-04 
5 'Structure model' 1 4 2023-12-27 
# 
_pdbx_audit_revision_details.ordinal             1 
_pdbx_audit_revision_details.revision_ordinal    1 
_pdbx_audit_revision_details.data_content_type   'Structure model' 
_pdbx_audit_revision_details.provider            repository 
_pdbx_audit_revision_details.type                'Initial release' 
_pdbx_audit_revision_details.description         ? 
_pdbx_audit_revision_details.details             ? 
# 
loop_
_pdbx_audit_revision_group.ordinal 
_pdbx_audit_revision_group.revision_ordinal 
_pdbx_audit_revision_group.data_content_type 
_pdbx_audit_revision_group.group 
1 2 'Structure model' 'Version format compliance' 
2 3 'Structure model' 'Version format compliance' 
3 4 'Structure model' 'Refinement description'    
4 5 'Structure model' 'Data collection'           
5 5 'Structure model' 'Database references'       
# 
loop_
_pdbx_audit_revision_category.ordinal 
_pdbx_audit_revision_category.revision_ordinal 
_pdbx_audit_revision_category.data_content_type 
_pdbx_audit_revision_category.category 
1 4 'Structure model' software       
2 5 'Structure model' chem_comp_atom 
3 5 'Structure model' chem_comp_bond 
4 5 'Structure model' database_2     
# 
loop_
_pdbx_audit_revision_item.ordinal 
_pdbx_audit_revision_item.revision_ordinal 
_pdbx_audit_revision_item.data_content_type 
_pdbx_audit_revision_item.item 
1 5 'Structure model' '_database_2.pdbx_DOI'                
2 5 'Structure model' '_database_2.pdbx_database_accession' 
# 
_pdbx_database_status.status_code                     REL 
_pdbx_database_status.entry_id                        1IUH 
_pdbx_database_status.recvd_initial_deposition_date   2002-03-05 
_pdbx_database_status.deposit_site                    PDBJ 
_pdbx_database_status.process_site                    PDBJ 
_pdbx_database_status.SG_entry                        Y 
_pdbx_database_status.pdb_format_compatible           Y 
_pdbx_database_status.status_code_mr                  ? 
_pdbx_database_status.status_code_sf                  ? 
_pdbx_database_status.status_code_cs                  ? 
_pdbx_database_status.methods_development_category    ? 
_pdbx_database_status.status_code_nmr_data            ? 
# 
_pdbx_database_related.db_name        TargetDB 
_pdbx_database_related.db_id          ttk003000787.1 
_pdbx_database_related.details        . 
_pdbx_database_related.content_type   unspecified 
# 
loop_
_audit_author.name 
_audit_author.pdbx_ordinal 
'Kato, M.'                                               1 
'Sakai, H.'                                              2 
'Shirouzu, M.'                                           3 
'Kuramitsu, S.'                                          4 
'Yokoyama, S.'                                           5 
'RIKEN Structural Genomics/Proteomics Initiative (RSGI)' 6 
# 
_citation.id                        primary 
_citation.title                     
;Crystal Structure of the 2'-5' RNA Ligase from Thermus thermophilus HB8
;
_citation.journal_abbrev            J.MOL.BIOL. 
_citation.journal_volume            329 
_citation.page_first                903 
_citation.page_last                 911 
_citation.year                      2003 
_citation.journal_id_ASTM           JMOBAK 
_citation.country                   UK 
_citation.journal_id_ISSN           0022-2836 
_citation.journal_id_CSD            0070 
_citation.book_publisher            ? 
_citation.pdbx_database_id_PubMed   12798681 
_citation.pdbx_database_id_DOI      '10.1016/S0022-2836(03)00448-0' 
# 
loop_
_citation_author.citation_id 
_citation_author.name 
_citation_author.ordinal 
_citation_author.identifier_ORCID 
primary 'Kato, M.'      1 ? 
primary 'Shirouzu, M.'  2 ? 
primary 'Terada, T.'    3 ? 
primary 'Yamaguchi, H.' 4 ? 
primary 'Murayama, K.'  5 ? 
primary 'Sakai, H.'     6 ? 
primary 'Kuramitsu, S.' 7 ? 
primary 'Yokoyama, S.'  8 ? 
# 
loop_
_entity.id 
_entity.type 
_entity.src_method 
_entity.pdbx_description 
_entity.formula_weight 
_entity.pdbx_number_of_molecules 
_entity.pdbx_ec 
_entity.pdbx_mutation 
_entity.pdbx_fragment 
_entity.details 
1 polymer man 
;2'-5' RNA Ligase
;
22445.906 1  ? ? ? ? 
2 water   nat water              18.015    74 ? ? ? ? 
# 
_entity_poly.entity_id                      1 
_entity_poly.type                           'polypeptide(L)' 
_entity_poly.nstd_linkage                   no 
_entity_poly.nstd_monomer                   no 
_entity_poly.pdbx_seq_one_letter_code       
;MRLFYAVFLPEEVRAALVEAQTKVRPFRGWKPVPPHQLHLTLLFLGERPEEELPDYLALGHRLARLEAPFRARLRGTGYF
PNEGTPRVWFAKAEAEGFLRLAEGLRAGVEELLGEEAVRIPGWDKPFKPHITLARRKAPAPRVPPVLFGLEWPVEGFALV
RSELKPKGPVYTVLEKFSLRGEHGREQAQGPGERPEGD
;
_entity_poly.pdbx_seq_one_letter_code_can   
;MRLFYAVFLPEEVRAALVEAQTKVRPFRGWKPVPPHQLHLTLLFLGERPEEELPDYLALGHRLARLEAPFRARLRGTGYF
PNEGTPRVWFAKAEAEGFLRLAEGLRAGVEELLGEEAVRIPGWDKPFKPHITLARRKAPAPRVPPVLFGLEWPVEGFALV
RSELKPKGPVYTVLEKFSLRGEHGREQAQGPGERPEGD
;
_entity_poly.pdbx_strand_id                 A 
_entity_poly.pdbx_target_identifier         ttk003000787.1 
# 
_pdbx_entity_nonpoly.entity_id   2 
_pdbx_entity_nonpoly.name        water 
_pdbx_entity_nonpoly.comp_id     HOH 
# 
loop_
_entity_poly_seq.entity_id 
_entity_poly_seq.num 
_entity_poly_seq.mon_id 
_entity_poly_seq.hetero 
1 1   MET n 
1 2   ARG n 
1 3   LEU n 
1 4   PHE n 
1 5   TYR n 
1 6   ALA n 
1 7   VAL n 
1 8   PHE n 
1 9   LEU n 
1 10  PRO n 
1 11  GLU n 
1 12  GLU n 
1 13  VAL n 
1 14  ARG n 
1 15  ALA n 
1 16  ALA n 
1 17  LEU n 
1 18  VAL n 
1 19  GLU n 
1 20  ALA n 
1 21  GLN n 
1 22  THR n 
1 23  LYS n 
1 24  VAL n 
1 25  ARG n 
1 26  PRO n 
1 27  PHE n 
1 28  ARG n 
1 29  GLY n 
1 30  TRP n 
1 31  LYS n 
1 32  PRO n 
1 33  VAL n 
1 34  PRO n 
1 35  PRO n 
1 36  HIS n 
1 37  GLN n 
1 38  LEU n 
1 39  HIS n 
1 40  LEU n 
1 41  THR n 
1 42  LEU n 
1 43  LEU n 
1 44  PHE n 
1 45  LEU n 
1 46  GLY n 
1 47  GLU n 
1 48  ARG n 
1 49  PRO n 
1 50  GLU n 
1 51  GLU n 
1 52  GLU n 
1 53  LEU n 
1 54  PRO n 
1 55  ASP n 
1 56  TYR n 
1 57  LEU n 
1 58  ALA n 
1 59  LEU n 
1 60  GLY n 
1 61  HIS n 
1 62  ARG n 
1 63  LEU n 
1 64  ALA n 
1 65  ARG n 
1 66  LEU n 
1 67  GLU n 
1 68  ALA n 
1 69  PRO n 
1 70  PHE n 
1 71  ARG n 
1 72  ALA n 
1 73  ARG n 
1 74  LEU n 
1 75  ARG n 
1 76  GLY n 
1 77  THR n 
1 78  GLY n 
1 79  TYR n 
1 80  PHE n 
1 81  PRO n 
1 82  ASN n 
1 83  GLU n 
1 84  GLY n 
1 85  THR n 
1 86  PRO n 
1 87  ARG n 
1 88  VAL n 
1 89  TRP n 
1 90  PHE n 
1 91  ALA n 
1 92  LYS n 
1 93  ALA n 
1 94  GLU n 
1 95  ALA n 
1 96  GLU n 
1 97  GLY n 
1 98  PHE n 
1 99  LEU n 
1 100 ARG n 
1 101 LEU n 
1 102 ALA n 
1 103 GLU n 
1 104 GLY n 
1 105 LEU n 
1 106 ARG n 
1 107 ALA n 
1 108 GLY n 
1 109 VAL n 
1 110 GLU n 
1 111 GLU n 
1 112 LEU n 
1 113 LEU n 
1 114 GLY n 
1 115 GLU n 
1 116 GLU n 
1 117 ALA n 
1 118 VAL n 
1 119 ARG n 
1 120 ILE n 
1 121 PRO n 
1 122 GLY n 
1 123 TRP n 
1 124 ASP n 
1 125 LYS n 
1 126 PRO n 
1 127 PHE n 
1 128 LYS n 
1 129 PRO n 
1 130 HIS n 
1 131 ILE n 
1 132 THR n 
1 133 LEU n 
1 134 ALA n 
1 135 ARG n 
1 136 ARG n 
1 137 LYS n 
1 138 ALA n 
1 139 PRO n 
1 140 ALA n 
1 141 PRO n 
1 142 ARG n 
1 143 VAL n 
1 144 PRO n 
1 145 PRO n 
1 146 VAL n 
1 147 LEU n 
1 148 PHE n 
1 149 GLY n 
1 150 LEU n 
1 151 GLU n 
1 152 TRP n 
1 153 PRO n 
1 154 VAL n 
1 155 GLU n 
1 156 GLY n 
1 157 PHE n 
1 158 ALA n 
1 159 LEU n 
1 160 VAL n 
1 161 ARG n 
1 162 SER n 
1 163 GLU n 
1 164 LEU n 
1 165 LYS n 
1 166 PRO n 
1 167 LYS n 
1 168 GLY n 
1 169 PRO n 
1 170 VAL n 
1 171 TYR n 
1 172 THR n 
1 173 VAL n 
1 174 LEU n 
1 175 GLU n 
1 176 LYS n 
1 177 PHE n 
1 178 SER n 
1 179 LEU n 
1 180 ARG n 
1 181 GLY n 
1 182 GLU n 
1 183 HIS n 
1 184 GLY n 
1 185 ARG n 
1 186 GLU n 
1 187 GLN n 
1 188 ALA n 
1 189 GLN n 
1 190 GLY n 
1 191 PRO n 
1 192 GLY n 
1 193 GLU n 
1 194 ARG n 
1 195 PRO n 
1 196 GLU n 
1 197 GLY n 
1 198 ASP n 
# 
_entity_src_gen.entity_id                          1 
_entity_src_gen.pdbx_src_id                        1 
_entity_src_gen.pdbx_alt_source_flag               sample 
_entity_src_gen.pdbx_seq_type                      ? 
_entity_src_gen.pdbx_beg_seq_num                   ? 
_entity_src_gen.pdbx_end_seq_num                   ? 
_entity_src_gen.gene_src_common_name               ? 
_entity_src_gen.gene_src_genus                     Thermus 
_entity_src_gen.pdbx_gene_src_gene                 ? 
_entity_src_gen.gene_src_species                   ? 
_entity_src_gen.gene_src_strain                    ? 
_entity_src_gen.gene_src_tissue                    ? 
_entity_src_gen.gene_src_tissue_fraction           ? 
_entity_src_gen.gene_src_details                   ? 
_entity_src_gen.pdbx_gene_src_fragment             ? 
_entity_src_gen.pdbx_gene_src_scientific_name      'Thermus thermophilus' 
_entity_src_gen.pdbx_gene_src_ncbi_taxonomy_id     274 
_entity_src_gen.pdbx_gene_src_variant              ? 
_entity_src_gen.pdbx_gene_src_cell_line            ? 
_entity_src_gen.pdbx_gene_src_atcc                 ? 
_entity_src_gen.pdbx_gene_src_organ                ? 
_entity_src_gen.pdbx_gene_src_organelle            ? 
_entity_src_gen.pdbx_gene_src_cell                 ? 
_entity_src_gen.pdbx_gene_src_cellular_location    ? 
_entity_src_gen.host_org_common_name               ? 
_entity_src_gen.pdbx_host_org_scientific_name      'Escherichia coli BL21(DE3)' 
_entity_src_gen.pdbx_host_org_ncbi_taxonomy_id     469008 
_entity_src_gen.host_org_genus                     Escherichia 
_entity_src_gen.pdbx_host_org_gene                 ? 
_entity_src_gen.pdbx_host_org_organ                ? 
_entity_src_gen.host_org_species                   'Escherichia coli' 
_entity_src_gen.pdbx_host_org_tissue               ? 
_entity_src_gen.pdbx_host_org_tissue_fraction      ? 
_entity_src_gen.pdbx_host_org_strain               'BL21(DE3)' 
_entity_src_gen.pdbx_host_org_variant              ? 
_entity_src_gen.pdbx_host_org_cell_line            ? 
_entity_src_gen.pdbx_host_org_atcc                 ? 
_entity_src_gen.pdbx_host_org_culture_collection   ? 
_entity_src_gen.pdbx_host_org_cell                 ? 
_entity_src_gen.pdbx_host_org_organelle            ? 
_entity_src_gen.pdbx_host_org_cellular_location    ? 
_entity_src_gen.pdbx_host_org_vector_type          plasmid 
_entity_src_gen.pdbx_host_org_vector               ? 
_entity_src_gen.host_org_details                   ? 
_entity_src_gen.expression_system_id               ? 
_entity_src_gen.plasmid_name                       pET11a 
_entity_src_gen.plasmid_details                    ? 
_entity_src_gen.pdbx_description                   ? 
# 
loop_
_chem_comp.id 
_chem_comp.type 
_chem_comp.mon_nstd_flag 
_chem_comp.name 
_chem_comp.pdbx_synonyms 
_chem_comp.formula 
_chem_comp.formula_weight 
ALA 'L-peptide linking' y ALANINE         ? 'C3 H7 N O2'     89.093  
ARG 'L-peptide linking' y ARGININE        ? 'C6 H15 N4 O2 1' 175.209 
ASN 'L-peptide linking' y ASPARAGINE      ? 'C4 H8 N2 O3'    132.118 
ASP 'L-peptide linking' y 'ASPARTIC ACID' ? 'C4 H7 N O4'     133.103 
GLN 'L-peptide linking' y GLUTAMINE       ? 'C5 H10 N2 O3'   146.144 
GLU 'L-peptide linking' y 'GLUTAMIC ACID' ? 'C5 H9 N O4'     147.129 
GLY 'peptide linking'   y GLYCINE         ? 'C2 H5 N O2'     75.067  
HIS 'L-peptide linking' y HISTIDINE       ? 'C6 H10 N3 O2 1' 156.162 
HOH non-polymer         . WATER           ? 'H2 O'           18.015  
ILE 'L-peptide linking' y ISOLEUCINE      ? 'C6 H13 N O2'    131.173 
LEU 'L-peptide linking' y LEUCINE         ? 'C6 H13 N O2'    131.173 
LYS 'L-peptide linking' y LYSINE          ? 'C6 H15 N2 O2 1' 147.195 
MET 'L-peptide linking' y METHIONINE      ? 'C5 H11 N O2 S'  149.211 
PHE 'L-peptide linking' y PHENYLALANINE   ? 'C9 H11 N O2'    165.189 
PRO 'L-peptide linking' y PROLINE         ? 'C5 H9 N O2'     115.130 
SER 'L-peptide linking' y SERINE          ? 'C3 H7 N O3'     105.093 
THR 'L-peptide linking' y THREONINE       ? 'C4 H9 N O3'     119.119 
TRP 'L-peptide linking' y TRYPTOPHAN      ? 'C11 H12 N2 O2'  204.225 
TYR 'L-peptide linking' y TYROSINE        ? 'C9 H11 N O3'    181.189 
VAL 'L-peptide linking' y VALINE          ? 'C5 H11 N O2'    117.146 
# 
loop_
_pdbx_poly_seq_scheme.asym_id 
_pdbx_poly_seq_scheme.entity_id 
_pdbx_poly_seq_scheme.seq_id 
_pdbx_poly_seq_scheme.mon_id 
_pdbx_poly_seq_scheme.ndb_seq_num 
_pdbx_poly_seq_scheme.pdb_seq_num 
_pdbx_poly_seq_scheme.auth_seq_num 
_pdbx_poly_seq_scheme.pdb_mon_id 
_pdbx_poly_seq_scheme.auth_mon_id 
_pdbx_poly_seq_scheme.pdb_strand_id 
_pdbx_poly_seq_scheme.pdb_ins_code 
_pdbx_poly_seq_scheme.hetero 
A 1 1   MET 1   1   1   MET MET A . n 
A 1 2   ARG 2   2   2   ARG ARG A . n 
A 1 3   LEU 3   3   3   LEU LEU A . n 
A 1 4   PHE 4   4   4   PHE PHE A . n 
A 1 5   TYR 5   5   5   TYR TYR A . n 
A 1 6   ALA 6   6   6   ALA ALA A . n 
A 1 7   VAL 7   7   7   VAL VAL A . n 
A 1 8   PHE 8   8   8   PHE PHE A . n 
A 1 9   LEU 9   9   9   LEU LEU A . n 
A 1 10  PRO 10  10  10  PRO PRO A . n 
A 1 11  GLU 11  11  11  GLU GLU A . n 
A 1 12  GLU 12  12  12  GLU GLU A . n 
A 1 13  VAL 13  13  13  VAL VAL A . n 
A 1 14  ARG 14  14  14  ARG ARG A . n 
A 1 15  ALA 15  15  15  ALA ALA A . n 
A 1 16  ALA 16  16  16  ALA ALA A . n 
A 1 17  LEU 17  17  17  LEU LEU A . n 
A 1 18  VAL 18  18  18  VAL VAL A . n 
A 1 19  GLU 19  19  19  GLU GLU A . n 
A 1 20  ALA 20  20  20  ALA ALA A . n 
A 1 21  GLN 21  21  21  GLN GLN A . n 
A 1 22  THR 22  22  22  THR THR A . n 
A 1 23  LYS 23  23  23  LYS LYS A . n 
A 1 24  VAL 24  24  24  VAL VAL A . n 
A 1 25  ARG 25  25  25  ARG ARG A . n 
A 1 26  PRO 26  26  26  PRO PRO A . n 
A 1 27  PHE 27  27  27  PHE PHE A . n 
A 1 28  ARG 28  28  28  ARG ARG A . n 
A 1 29  GLY 29  29  29  GLY GLY A . n 
A 1 30  TRP 30  30  30  TRP TRP A . n 
A 1 31  LYS 31  31  31  LYS LYS A . n 
A 1 32  PRO 32  32  32  PRO PRO A . n 
A 1 33  VAL 33  33  33  VAL VAL A . n 
A 1 34  PRO 34  34  34  PRO PRO A . n 
A 1 35  PRO 35  35  35  PRO PRO A . n 
A 1 36  HIS 36  36  36  HIS HIS A . n 
A 1 37  GLN 37  37  37  GLN GLN A . n 
A 1 38  LEU 38  38  38  LEU LEU A . n 
A 1 39  HIS 39  39  39  HIS HIS A . n 
A 1 40  LEU 40  40  40  LEU LEU A . n 
A 1 41  THR 41  41  41  THR THR A . n 
A 1 42  LEU 42  42  42  LEU LEU A . n 
A 1 43  LEU 43  43  43  LEU LEU A . n 
A 1 44  PHE 44  44  44  PHE PHE A . n 
A 1 45  LEU 45  45  45  LEU LEU A . n 
A 1 46  GLY 46  46  46  GLY GLY A . n 
A 1 47  GLU 47  47  47  GLU GLU A . n 
A 1 48  ARG 48  48  48  ARG ARG A . n 
A 1 49  PRO 49  49  49  PRO PRO A . n 
A 1 50  GLU 50  50  50  GLU GLU A . n 
A 1 51  GLU 51  51  51  GLU GLU A . n 
A 1 52  GLU 52  52  52  GLU GLU A . n 
A 1 53  LEU 53  53  53  LEU LEU A . n 
A 1 54  PRO 54  54  54  PRO PRO A . n 
A 1 55  ASP 55  55  55  ASP ASP A . n 
A 1 56  TYR 56  56  56  TYR TYR A . n 
A 1 57  LEU 57  57  57  LEU LEU A . n 
A 1 58  ALA 58  58  58  ALA ALA A . n 
A 1 59  LEU 59  59  59  LEU LEU A . n 
A 1 60  GLY 60  60  60  GLY GLY A . n 
A 1 61  HIS 61  61  61  HIS HIS A . n 
A 1 62  ARG 62  62  62  ARG ARG A . n 
A 1 63  LEU 63  63  63  LEU LEU A . n 
A 1 64  ALA 64  64  64  ALA ALA A . n 
A 1 65  ARG 65  65  65  ARG ARG A . n 
A 1 66  LEU 66  66  66  LEU LEU A . n 
A 1 67  GLU 67  67  67  GLU GLU A . n 
A 1 68  ALA 68  68  68  ALA ALA A . n 
A 1 69  PRO 69  69  69  PRO PRO A . n 
A 1 70  PHE 70  70  70  PHE PHE A . n 
A 1 71  ARG 71  71  71  ARG ARG A . n 
A 1 72  ALA 72  72  72  ALA ALA A . n 
A 1 73  ARG 73  73  73  ARG ARG A . n 
A 1 74  LEU 74  74  74  LEU LEU A . n 
A 1 75  ARG 75  75  75  ARG ARG A . n 
A 1 76  GLY 76  76  76  GLY GLY A . n 
A 1 77  THR 77  77  77  THR THR A . n 
A 1 78  GLY 78  78  78  GLY GLY A . n 
A 1 79  TYR 79  79  79  TYR TYR A . n 
A 1 80  PHE 80  80  80  PHE PHE A . n 
A 1 81  PRO 81  81  81  PRO PRO A . n 
A 1 82  ASN 82  82  82  ASN ASN A . n 
A 1 83  GLU 83  83  83  GLU GLU A . n 
A 1 84  GLY 84  84  84  GLY GLY A . n 
A 1 85  THR 85  85  85  THR THR A . n 
A 1 86  PRO 86  86  86  PRO PRO A . n 
A 1 87  ARG 87  87  87  ARG ARG A . n 
A 1 88  VAL 88  88  88  VAL VAL A . n 
A 1 89  TRP 89  89  89  TRP TRP A . n 
A 1 90  PHE 90  90  90  PHE PHE A . n 
A 1 91  ALA 91  91  91  ALA ALA A . n 
A 1 92  LYS 92  92  92  LYS LYS A . n 
A 1 93  ALA 93  93  93  ALA ALA A . n 
A 1 94  GLU 94  94  94  GLU GLU A . n 
A 1 95  ALA 95  95  95  ALA ALA A . n 
A 1 96  GLU 96  96  96  GLU GLU A . n 
A 1 97  GLY 97  97  97  GLY GLY A . n 
A 1 98  PHE 98  98  98  PHE PHE A . n 
A 1 99  LEU 99  99  99  LEU LEU A . n 
A 1 100 ARG 100 100 100 ARG ARG A . n 
A 1 101 LEU 101 101 101 LEU LEU A . n 
A 1 102 ALA 102 102 102 ALA ALA A . n 
A 1 103 GLU 103 103 103 GLU GLU A . n 
A 1 104 GLY 104 104 104 GLY GLY A . n 
A 1 105 LEU 105 105 105 LEU LEU A . n 
A 1 106 ARG 106 106 106 ARG ARG A . n 
A 1 107 ALA 107 107 107 ALA ALA A . n 
A 1 108 GLY 108 108 108 GLY GLY A . n 
A 1 109 VAL 109 109 109 VAL VAL A . n 
A 1 110 GLU 110 110 110 GLU GLU A . n 
A 1 111 GLU 111 111 111 GLU GLU A . n 
A 1 112 LEU 112 112 112 LEU LEU A . n 
A 1 113 LEU 113 113 113 LEU LEU A . n 
A 1 114 GLY 114 114 114 GLY GLY A . n 
A 1 115 GLU 115 115 115 GLU GLU A . n 
A 1 116 GLU 116 116 116 GLU GLU A . n 
A 1 117 ALA 117 117 117 ALA ALA A . n 
A 1 118 VAL 118 118 118 VAL VAL A . n 
A 1 119 ARG 119 119 119 ARG ARG A . n 
A 1 120 ILE 120 120 120 ILE ILE A . n 
A 1 121 PRO 121 121 121 PRO PRO A . n 
A 1 122 GLY 122 122 122 GLY GLY A . n 
A 1 123 TRP 123 123 123 TRP TRP A . n 
A 1 124 ASP 124 124 124 ASP ASP A . n 
A 1 125 LYS 125 125 125 LYS LYS A . n 
A 1 126 PRO 126 126 126 PRO PRO A . n 
A 1 127 PHE 127 127 127 PHE PHE A . n 
A 1 128 LYS 128 128 128 LYS LYS A . n 
A 1 129 PRO 129 129 129 PRO PRO A . n 
A 1 130 HIS 130 130 130 HIS HIS A . n 
A 1 131 ILE 131 131 131 ILE ILE A . n 
A 1 132 THR 132 132 132 THR THR A . n 
A 1 133 LEU 133 133 133 LEU LEU A . n 
A 1 134 ALA 134 134 134 ALA ALA A . n 
A 1 135 ARG 135 135 135 ARG ARG A . n 
A 1 136 ARG 136 136 136 ARG ARG A . n 
A 1 137 LYS 137 137 137 LYS LYS A . n 
A 1 138 ALA 138 138 138 ALA ALA A . n 
A 1 139 PRO 139 139 139 PRO PRO A . n 
A 1 140 ALA 140 140 140 ALA ALA A . n 
A 1 141 PRO 141 141 141 PRO PRO A . n 
A 1 142 ARG 142 142 142 ARG ARG A . n 
A 1 143 VAL 143 143 143 VAL VAL A . n 
A 1 144 PRO 144 144 144 PRO PRO A . n 
A 1 145 PRO 145 145 145 PRO PRO A . n 
A 1 146 VAL 146 146 146 VAL VAL A . n 
A 1 147 LEU 147 147 147 LEU LEU A . n 
A 1 148 PHE 148 148 148 PHE PHE A . n 
A 1 149 GLY 149 149 149 GLY GLY A . n 
A 1 150 LEU 150 150 150 LEU LEU A . n 
A 1 151 GLU 151 151 151 GLU GLU A . n 
A 1 152 TRP 152 152 152 TRP TRP A . n 
A 1 153 PRO 153 153 153 PRO PRO A . n 
A 1 154 VAL 154 154 154 VAL VAL A . n 
A 1 155 GLU 155 155 155 GLU GLU A . n 
A 1 156 GLY 156 156 156 GLY GLY A . n 
A 1 157 PHE 157 157 157 PHE PHE A . n 
A 1 158 ALA 158 158 158 ALA ALA A . n 
A 1 159 LEU 159 159 159 LEU LEU A . n 
A 1 160 VAL 160 160 160 VAL VAL A . n 
A 1 161 ARG 161 161 161 ARG ARG A . n 
A 1 162 SER 162 162 162 SER SER A . n 
A 1 163 GLU 163 163 163 GLU GLU A . n 
A 1 164 LEU 164 164 164 LEU LEU A . n 
A 1 165 LYS 165 165 165 LYS LYS A . n 
A 1 166 PRO 166 166 166 PRO PRO A . n 
A 1 167 LYS 167 167 167 LYS LYS A . n 
A 1 168 GLY 168 168 168 GLY GLY A . n 
A 1 169 PRO 169 169 169 PRO PRO A . n 
A 1 170 VAL 170 170 170 VAL VAL A . n 
A 1 171 TYR 171 171 171 TYR TYR A . n 
A 1 172 THR 172 172 172 THR THR A . n 
A 1 173 VAL 173 173 173 VAL VAL A . n 
A 1 174 LEU 174 174 174 LEU LEU A . n 
A 1 175 GLU 175 175 175 GLU GLU A . n 
A 1 176 LYS 176 176 176 LYS LYS A . n 
A 1 177 PHE 177 177 177 PHE PHE A . n 
A 1 178 SER 178 178 178 SER SER A . n 
A 1 179 LEU 179 179 179 LEU LEU A . n 
A 1 180 ARG 180 180 180 ARG ARG A . n 
A 1 181 GLY 181 181 181 GLY GLY A . n 
A 1 182 GLU 182 182 182 GLU GLU A . n 
A 1 183 HIS 183 183 183 HIS HIS A . n 
A 1 184 GLY 184 184 ?   ?   ?   A . n 
A 1 185 ARG 185 185 ?   ?   ?   A . n 
A 1 186 GLU 186 186 ?   ?   ?   A . n 
A 1 187 GLN 187 187 ?   ?   ?   A . n 
A 1 188 ALA 188 188 ?   ?   ?   A . n 
A 1 189 GLN 189 189 ?   ?   ?   A . n 
A 1 190 GLY 190 190 ?   ?   ?   A . n 
A 1 191 PRO 191 191 ?   ?   ?   A . n 
A 1 192 GLY 192 192 ?   ?   ?   A . n 
A 1 193 GLU 193 193 ?   ?   ?   A . n 
A 1 194 ARG 194 194 ?   ?   ?   A . n 
A 1 195 PRO 195 195 ?   ?   ?   A . n 
A 1 196 GLU 196 196 ?   ?   ?   A . n 
A 1 197 GLY 197 197 ?   ?   ?   A . n 
A 1 198 ASP 198 198 ?   ?   ?   A . n 
# 
loop_
_pdbx_nonpoly_scheme.asym_id 
_pdbx_nonpoly_scheme.entity_id 
_pdbx_nonpoly_scheme.mon_id 
_pdbx_nonpoly_scheme.ndb_seq_num 
_pdbx_nonpoly_scheme.pdb_seq_num 
_pdbx_nonpoly_scheme.auth_seq_num 
_pdbx_nonpoly_scheme.pdb_mon_id 
_pdbx_nonpoly_scheme.auth_mon_id 
_pdbx_nonpoly_scheme.pdb_strand_id 
_pdbx_nonpoly_scheme.pdb_ins_code 
B 2 HOH 1  201 201 HOH HOH A . 
B 2 HOH 2  202 202 HOH HOH A . 
B 2 HOH 3  203 203 HOH HOH A . 
B 2 HOH 4  204 204 HOH HOH A . 
B 2 HOH 5  205 205 HOH HOH A . 
B 2 HOH 6  206 206 HOH HOH A . 
B 2 HOH 7  207 207 HOH HOH A . 
B 2 HOH 8  208 208 HOH HOH A . 
B 2 HOH 9  209 209 HOH HOH A . 
B 2 HOH 10 210 210 HOH HOH A . 
B 2 HOH 11 211 211 HOH HOH A . 
B 2 HOH 12 212 212 HOH HOH A . 
B 2 HOH 13 213 213 HOH HOH A . 
B 2 HOH 14 214 214 HOH HOH A . 
B 2 HOH 15 215 215 HOH HOH A . 
B 2 HOH 16 216 216 HOH HOH A . 
B 2 HOH 17 217 217 HOH HOH A . 
B 2 HOH 18 218 218 HOH HOH A . 
B 2 HOH 19 219 219 HOH HOH A . 
B 2 HOH 20 220 220 HOH HOH A . 
B 2 HOH 21 221 221 HOH HOH A . 
B 2 HOH 22 222 222 HOH HOH A . 
B 2 HOH 23 223 223 HOH HOH A . 
B 2 HOH 24 224 224 HOH HOH A . 
B 2 HOH 25 225 225 HOH HOH A . 
B 2 HOH 26 226 226 HOH HOH A . 
B 2 HOH 27 227 227 HOH HOH A . 
B 2 HOH 28 228 228 HOH HOH A . 
B 2 HOH 29 229 229 HOH HOH A . 
B 2 HOH 30 230 230 HOH HOH A . 
B 2 HOH 31 231 231 HOH HOH A . 
B 2 HOH 32 232 232 HOH HOH A . 
B 2 HOH 33 233 233 HOH HOH A . 
B 2 HOH 34 234 234 HOH HOH A . 
B 2 HOH 35 236 236 HOH HOH A . 
B 2 HOH 36 237 237 HOH HOH A . 
B 2 HOH 37 238 238 HOH HOH A . 
B 2 HOH 38 240 240 HOH HOH A . 
B 2 HOH 39 241 241 HOH HOH A . 
B 2 HOH 40 242 242 HOH HOH A . 
B 2 HOH 41 243 243 HOH HOH A . 
B 2 HOH 42 244 244 HOH HOH A . 
B 2 HOH 43 245 245 HOH HOH A . 
B 2 HOH 44 246 246 HOH HOH A . 
B 2 HOH 45 247 247 HOH HOH A . 
B 2 HOH 46 249 249 HOH HOH A . 
B 2 HOH 47 250 250 HOH HOH A . 
B 2 HOH 48 251 251 HOH HOH A . 
B 2 HOH 49 252 252 HOH HOH A . 
B 2 HOH 50 254 254 HOH HOH A . 
B 2 HOH 51 255 255 HOH HOH A . 
B 2 HOH 52 256 256 HOH HOH A . 
B 2 HOH 53 257 257 HOH HOH A . 
B 2 HOH 54 258 258 HOH HOH A . 
B 2 HOH 55 259 259 HOH HOH A . 
B 2 HOH 56 260 260 HOH HOH A . 
B 2 HOH 57 262 262 HOH HOH A . 
B 2 HOH 58 263 263 HOH HOH A . 
B 2 HOH 59 264 264 HOH HOH A . 
B 2 HOH 60 265 265 HOH HOH A . 
B 2 HOH 61 266 266 HOH HOH A . 
B 2 HOH 62 267 267 HOH HOH A . 
B 2 HOH 63 268 268 HOH HOH A . 
B 2 HOH 64 269 269 HOH HOH A . 
B 2 HOH 65 270 270 HOH HOH A . 
B 2 HOH 66 271 271 HOH HOH A . 
B 2 HOH 67 272 272 HOH HOH A . 
B 2 HOH 68 273 273 HOH HOH A . 
B 2 HOH 69 274 274 HOH HOH A . 
B 2 HOH 70 275 275 HOH HOH A . 
B 2 HOH 71 277 277 HOH HOH A . 
B 2 HOH 72 278 278 HOH HOH A . 
B 2 HOH 73 279 279 HOH HOH A . 
B 2 HOH 74 280 280 HOH HOH A . 
# 
loop_
_software.name 
_software.classification 
_software.version 
_software.citation_id 
_software.pdbx_ordinal 
DENZO 'data reduction' .   ? 1 
SOLVE phasing          .   ? 2 
CNS   refinement       1.1 ? 3 
# 
_cell.entry_id           1IUH 
_cell.length_a           37.982 
_cell.length_b           75.816 
_cell.length_c           159.640 
_cell.angle_alpha        90.00 
_cell.angle_beta         90.00 
_cell.angle_gamma        90.00 
_cell.Z_PDB              8 
_cell.pdbx_unique_axis   ? 
# 
_symmetry.entry_id                         1IUH 
_symmetry.space_group_name_H-M             'I 2 2 2' 
_symmetry.pdbx_full_space_group_name_H-M   ? 
_symmetry.cell_setting                     ? 
_symmetry.Int_Tables_number                23 
# 
_exptl.entry_id          1IUH 
_exptl.method            'X-RAY DIFFRACTION' 
_exptl.crystals_number   1 
# 
_exptl_crystal.id                    1 
_exptl_crystal.density_meas          ? 
_exptl_crystal.density_Matthews      2.56 
_exptl_crystal.density_percent_sol   51.91 
_exptl_crystal.description           ? 
# 
_exptl_crystal_grow.crystal_id      1 
_exptl_crystal_grow.method          'VAPOR DIFFUSION, HANGING DROP' 
_exptl_crystal_grow.temp            303 
_exptl_crystal_grow.temp_details    ? 
_exptl_crystal_grow.pH              4.6 
_exptl_crystal_grow.pdbx_details    'PEG4000, ammonium sulfate, pH 4.6, VAPOR DIFFUSION, HANGING DROP, temperature 303K' 
_exptl_crystal_grow.pdbx_pH_range   . 
# 
_diffrn.id                     1 
_diffrn.ambient_temp           100 
_diffrn.ambient_temp_details   ? 
_diffrn.crystal_id             1 
# 
_diffrn_detector.diffrn_id              1 
_diffrn_detector.detector               'IMAGE PLATE' 
_diffrn_detector.type                   'RIGAKU RAXIS IV' 
_diffrn_detector.pdbx_collection_date   2001-09-01 
_diffrn_detector.details                mirrors 
# 
_diffrn_radiation.diffrn_id                        1 
_diffrn_radiation.wavelength_id                    1 
_diffrn_radiation.pdbx_monochromatic_or_laue_m_l   M 
_diffrn_radiation.monochromator                    GRAPHITE 
_diffrn_radiation.pdbx_diffrn_protocol             'SINGLE WAVELENGTH' 
_diffrn_radiation.pdbx_scattering_type             x-ray 
# 
_diffrn_radiation_wavelength.id           1 
_diffrn_radiation_wavelength.wavelength   1.54 
_diffrn_radiation_wavelength.wt           1.0 
# 
_diffrn_source.diffrn_id                   1 
_diffrn_source.source                      'ROTATING ANODE' 
_diffrn_source.type                        RIGAKU 
_diffrn_source.pdbx_synchrotron_site       ? 
_diffrn_source.pdbx_synchrotron_beamline   ? 
_diffrn_source.pdbx_wavelength             ? 
_diffrn_source.pdbx_wavelength_list        1.54 
# 
_reflns.entry_id                     1IUH 
_reflns.observed_criterion_sigma_I   -3 
_reflns.observed_criterion_sigma_F   ? 
_reflns.d_resolution_low             30.0 
_reflns.d_resolution_high            2.5 
_reflns.number_obs                   8130 
_reflns.number_all                   ? 
_reflns.percent_possible_obs         97.7 
_reflns.pdbx_Rmerge_I_obs            ? 
_reflns.pdbx_Rsym_value              0.039 
_reflns.pdbx_netI_over_sigmaI        ? 
_reflns.B_iso_Wilson_estimate        25.5 
_reflns.pdbx_redundancy              ? 
_reflns.R_free_details               ? 
_reflns.limit_h_max                  ? 
_reflns.limit_h_min                  ? 
_reflns.limit_k_max                  ? 
_reflns.limit_k_min                  ? 
_reflns.limit_l_max                  ? 
_reflns.limit_l_min                  ? 
_reflns.observed_criterion_F_max     ? 
_reflns.observed_criterion_F_min     ? 
_reflns.pdbx_diffrn_id               1 
_reflns.pdbx_ordinal                 1 
# 
_refine.entry_id                                 1IUH 
_refine.ls_number_reflns_obs                     8130 
_refine.ls_number_reflns_all                     ? 
_refine.pdbx_ls_sigma_I                          ? 
_refine.pdbx_ls_sigma_F                          0.00 
_refine.pdbx_data_cutoff_high_absF               ? 
_refine.pdbx_data_cutoff_low_absF                ? 
_refine.ls_d_res_low                             20.35 
_refine.ls_d_res_high                            2.50 
_refine.ls_percent_reflns_obs                    97.6 
_refine.ls_R_factor_obs                          0.198 
_refine.ls_R_factor_all                          ? 
_refine.ls_R_factor_R_work                       0.198 
_refine.ls_R_factor_R_free                       0.271 
_refine.ls_R_factor_R_free_error                 0.009 
_refine.ls_R_factor_R_free_error_details         ? 
_refine.ls_percent_reflns_R_free                 10.7 
_refine.ls_number_reflns_R_free                  866 
_refine.ls_number_parameters                     ? 
_refine.ls_number_restraints                     ? 
_refine.occupancy_min                            ? 
_refine.occupancy_max                            ? 
_refine.correlation_coeff_Fo_to_Fc               ? 
_refine.correlation_coeff_Fo_to_Fc_free          ? 
_refine.B_iso_mean                               30.1 
_refine.aniso_B[1][1]                            -9.37 
_refine.aniso_B[2][2]                            9.39 
_refine.aniso_B[3][3]                            -0.02 
_refine.aniso_B[1][2]                            0.00 
_refine.aniso_B[1][3]                            0.00 
_refine.aniso_B[2][3]                            0.00 
_refine.solvent_model_details                    'FLAT MODEL' 
_refine.solvent_model_param_ksol                 0.366271 
_refine.solvent_model_param_bsol                 41.1788 
_refine.pdbx_solvent_vdw_probe_radii             ? 
_refine.pdbx_solvent_ion_probe_radii             ? 
_refine.pdbx_solvent_shrinkage_radii             ? 
_refine.pdbx_ls_cross_valid_method               THROUGHOUT 
_refine.details                                  ? 
_refine.pdbx_starting_model                      ? 
_refine.pdbx_method_to_determine_struct          MIR 
_refine.pdbx_isotropic_thermal_model             RESTRAINED 
_refine.pdbx_stereochemistry_target_values       ? 
_refine.pdbx_stereochem_target_val_spec_case     ? 
_refine.pdbx_R_Free_selection_details            RANDOM 
_refine.pdbx_overall_ESU_R_Free                  ? 
_refine.overall_SU_B                             ? 
_refine.ls_redundancy_reflns_obs                 ? 
_refine.B_iso_min                                ? 
_refine.B_iso_max                                ? 
_refine.overall_SU_R_Cruickshank_DPI             ? 
_refine.overall_SU_R_free                        ? 
_refine.overall_SU_ML                            ? 
_refine.pdbx_overall_ESU_R                       ? 
_refine.pdbx_data_cutoff_high_rms_absF           ? 
_refine.pdbx_refine_id                           'X-RAY DIFFRACTION' 
_refine.pdbx_diffrn_id                           1 
_refine.pdbx_TLS_residual_ADP_flag               ? 
_refine.pdbx_overall_phase_error                 ? 
_refine.pdbx_overall_SU_R_free_Cruickshank_DPI   ? 
_refine.pdbx_overall_SU_R_Blow_DPI               ? 
_refine.pdbx_overall_SU_R_free_Blow_DPI          ? 
# 
_refine_analyze.entry_id                        1IUH 
_refine_analyze.Luzzati_coordinate_error_obs    ? 
_refine_analyze.Luzzati_sigma_a_obs             ? 
_refine_analyze.Luzzati_d_res_low_obs           ? 
_refine_analyze.Luzzati_coordinate_error_free   0.40 
_refine_analyze.Luzzati_sigma_a_free            0.39 
_refine_analyze.Luzzati_d_res_low_free          ? 
_refine_analyze.number_disordered_residues      ? 
_refine_analyze.occupancy_sum_hydrogen          ? 
_refine_analyze.occupancy_sum_non_hydrogen      ? 
_refine_analyze.pdbx_Luzzati_d_res_high_obs     ? 
_refine_analyze.pdbx_refine_id                  'X-RAY DIFFRACTION' 
# 
_refine_hist.pdbx_refine_id                   'X-RAY DIFFRACTION' 
_refine_hist.cycle_id                         LAST 
_refine_hist.pdbx_number_atoms_protein        1481 
_refine_hist.pdbx_number_atoms_nucleic_acid   0 
_refine_hist.pdbx_number_atoms_ligand         0 
_refine_hist.number_atoms_solvent             74 
_refine_hist.number_atoms_total               1555 
_refine_hist.d_res_high                       2.50 
_refine_hist.d_res_low                        20.35 
# 
loop_
_refine_ls_restr.type 
_refine_ls_restr.dev_ideal 
_refine_ls_restr.dev_ideal_target 
_refine_ls_restr.weight 
_refine_ls_restr.number 
_refine_ls_restr.pdbx_refine_id 
_refine_ls_restr.pdbx_restraint_function 
c_bond_d                0.021 ?    ? ? 'X-RAY DIFFRACTION' ? 
c_bond_d_na             ?     ?    ? ? 'X-RAY DIFFRACTION' ? 
c_bond_d_prot           ?     ?    ? ? 'X-RAY DIFFRACTION' ? 
c_angle_d               ?     ?    ? ? 'X-RAY DIFFRACTION' ? 
c_angle_d_na            ?     ?    ? ? 'X-RAY DIFFRACTION' ? 
c_angle_d_prot          ?     ?    ? ? 'X-RAY DIFFRACTION' ? 
c_angle_deg             2.1   ?    ? ? 'X-RAY DIFFRACTION' ? 
c_angle_deg_na          ?     ?    ? ? 'X-RAY DIFFRACTION' ? 
c_angle_deg_prot        ?     ?    ? ? 'X-RAY DIFFRACTION' ? 
c_dihedral_angle_d      26.1  ?    ? ? 'X-RAY DIFFRACTION' ? 
c_dihedral_angle_d_na   ?     ?    ? ? 'X-RAY DIFFRACTION' ? 
c_dihedral_angle_d_prot ?     ?    ? ? 'X-RAY DIFFRACTION' ? 
c_improper_angle_d      1.58  ?    ? ? 'X-RAY DIFFRACTION' ? 
c_improper_angle_d_na   ?     ?    ? ? 'X-RAY DIFFRACTION' ? 
c_improper_angle_d_prot ?     ?    ? ? 'X-RAY DIFFRACTION' ? 
c_mcbond_it             1.37  1.50 ? ? 'X-RAY DIFFRACTION' ? 
c_mcangle_it            2.25  2.00 ? ? 'X-RAY DIFFRACTION' ? 
c_scbond_it             2.36  2.00 ? ? 'X-RAY DIFFRACTION' ? 
c_scangle_it            3.49  2.50 ? ? 'X-RAY DIFFRACTION' ? 
# 
_refine_ls_shell.pdbx_total_number_of_bins_used   6 
_refine_ls_shell.d_res_high                       2.50 
_refine_ls_shell.d_res_low                        2.66 
_refine_ls_shell.number_reflns_R_work             1131 
_refine_ls_shell.R_factor_R_work                  0.217 
_refine_ls_shell.percent_reflns_obs               94.1 
_refine_ls_shell.R_factor_R_free                  0.328 
_refine_ls_shell.R_factor_R_free_error            0.029 
_refine_ls_shell.percent_reflns_R_free            10.2 
_refine_ls_shell.number_reflns_R_free             128 
_refine_ls_shell.number_reflns_obs                ? 
_refine_ls_shell.redundancy_reflns_obs            ? 
_refine_ls_shell.number_reflns_all                ? 
_refine_ls_shell.pdbx_refine_id                   'X-RAY DIFFRACTION' 
_refine_ls_shell.R_factor_all                     ? 
# 
loop_
_pdbx_xplor_file.serial_no 
_pdbx_xplor_file.param_file 
_pdbx_xplor_file.topol_file 
_pdbx_xplor_file.pdbx_refine_id 
1 PROTEIN_REP.PARAM PROTEIN.TOP 'X-RAY DIFFRACTION' 
2 WATER_REP.PARAM   WATER.TOP   'X-RAY DIFFRACTION' 
# 
_struct.entry_id                  1IUH 
_struct.title                     'Crystal structure of TT0787 of thermus thermophilus HB8' 
_struct.pdbx_model_details        ? 
_struct.pdbx_CASP_flag            ? 
_struct.pdbx_model_type_details   ? 
# 
_struct_keywords.entry_id        1IUH 
_struct_keywords.pdbx_keywords   LIGASE 
_struct_keywords.text            
'thermus thermophilus, Ligase, RIKEN Structural Genomics/Proteomics Initiative, RSGI, Structural Genomics' 
# 
loop_
_struct_asym.id 
_struct_asym.pdbx_blank_PDB_chainid_flag 
_struct_asym.pdbx_modified 
_struct_asym.entity_id 
_struct_asym.details 
A N N 1 ? 
B N N 2 ? 
# 
_struct_ref.id                         1 
_struct_ref.db_code                    Q84CU4_THETH 
_struct_ref.db_name                    UNP 
_struct_ref.entity_id                  1 
_struct_ref.pdbx_db_accession          Q84CU4 
_struct_ref.pdbx_align_begin           ? 
_struct_ref.pdbx_seq_one_letter_code   
;MRLFYAVFLPEEVRAALVEAQTKVRPFRGWKPVPPHQLHLTLLFLGERPEEELPDYLALGHRLARLEAPFRARLRGTGYF
PNEGTPRVWFAKAEAEGFLRLAEGLRAGVEELLGEEAVRIPGWDKPFKPHITLARRKAPAPRVPPVLFGLEWPVEGFALV
RSELKPKGPVYTVLEKFSLRGEHGREQAQGPGERPEGD
;
_struct_ref.pdbx_db_isoform            ? 
# 
_struct_ref_seq.align_id                      1 
_struct_ref_seq.ref_id                        1 
_struct_ref_seq.pdbx_PDB_id_code              1IUH 
_struct_ref_seq.pdbx_strand_id                A 
_struct_ref_seq.seq_align_beg                 1 
_struct_ref_seq.pdbx_seq_align_beg_ins_code   ? 
_struct_ref_seq.seq_align_end                 198 
_struct_ref_seq.pdbx_seq_align_end_ins_code   ? 
_struct_ref_seq.pdbx_db_accession             Q84CU4 
_struct_ref_seq.db_align_beg                  1 
_struct_ref_seq.pdbx_db_align_beg_ins_code    ? 
_struct_ref_seq.db_align_end                  198 
_struct_ref_seq.pdbx_db_align_end_ins_code    ? 
_struct_ref_seq.pdbx_auth_seq_align_beg       1 
_struct_ref_seq.pdbx_auth_seq_align_end       198 
# 
_pdbx_struct_assembly.id                   1 
_pdbx_struct_assembly.details              author_defined_assembly 
_pdbx_struct_assembly.method_details       ? 
_pdbx_struct_assembly.oligomeric_details   monomeric 
_pdbx_struct_assembly.oligomeric_count     1 
# 
_pdbx_struct_assembly_gen.assembly_id       1 
_pdbx_struct_assembly_gen.oper_expression   1 
_pdbx_struct_assembly_gen.asym_id_list      A,B 
# 
_pdbx_struct_oper_list.id                   1 
_pdbx_struct_oper_list.type                 'identity operation' 
_pdbx_struct_oper_list.name                 1_555 
_pdbx_struct_oper_list.symmetry_operation   x,y,z 
_pdbx_struct_oper_list.matrix[1][1]         1.0000000000 
_pdbx_struct_oper_list.matrix[1][2]         0.0000000000 
_pdbx_struct_oper_list.matrix[1][3]         0.0000000000 
_pdbx_struct_oper_list.vector[1]            0.0000000000 
_pdbx_struct_oper_list.matrix[2][1]         0.0000000000 
_pdbx_struct_oper_list.matrix[2][2]         1.0000000000 
_pdbx_struct_oper_list.matrix[2][3]         0.0000000000 
_pdbx_struct_oper_list.vector[2]            0.0000000000 
_pdbx_struct_oper_list.matrix[3][1]         0.0000000000 
_pdbx_struct_oper_list.matrix[3][2]         0.0000000000 
_pdbx_struct_oper_list.matrix[3][3]         1.0000000000 
_pdbx_struct_oper_list.vector[3]            0.0000000000 
# 
_struct_biol.id                    1 
_struct_biol.pdbx_parent_biol_id   ? 
_struct_biol.details               ? 
# 
loop_
_struct_conf.conf_type_id 
_struct_conf.id 
_struct_conf.pdbx_PDB_helix_id 
_struct_conf.beg_label_comp_id 
_struct_conf.beg_label_asym_id 
_struct_conf.beg_label_seq_id 
_struct_conf.pdbx_beg_PDB_ins_code 
_struct_conf.end_label_comp_id 
_struct_conf.end_label_asym_id 
_struct_conf.end_label_seq_id 
_struct_conf.pdbx_end_PDB_ins_code 
_struct_conf.beg_auth_comp_id 
_struct_conf.beg_auth_asym_id 
_struct_conf.beg_auth_seq_id 
_struct_conf.end_auth_comp_id 
_struct_conf.end_auth_asym_id 
_struct_conf.end_auth_seq_id 
_struct_conf.pdbx_PDB_helix_class 
_struct_conf.details 
_struct_conf.pdbx_PDB_helix_length 
HELX_P HELX_P1 1 PRO A 10  ? THR A 22  ? PRO A 10  THR A 22  1 ? 13 
HELX_P HELX_P2 2 LYS A 23  ? ARG A 25  ? LYS A 23  ARG A 25  5 ? 3  
HELX_P HELX_P3 3 PRO A 34  ? GLN A 37  ? PRO A 34  GLN A 37  5 ? 4  
HELX_P HELX_P4 4 PRO A 49  ? GLU A 51  ? PRO A 49  GLU A 51  5 ? 3  
HELX_P HELX_P5 5 GLU A 52  ? GLU A 67  ? GLU A 52  GLU A 67  1 ? 16 
HELX_P HELX_P6 6 ALA A 95  ? GLY A 114 ? ALA A 95  GLY A 114 1 ? 20 
HELX_P HELX_P7 7 GLU A 115 ? ILE A 120 ? GLU A 115 ILE A 120 5 ? 6  
# 
_struct_conf_type.id          HELX_P 
_struct_conf_type.criteria    ? 
_struct_conf_type.reference   ? 
# 
_struct_mon_prot_cis.pdbx_id                1 
_struct_mon_prot_cis.label_comp_id          PHE 
_struct_mon_prot_cis.label_seq_id           80 
_struct_mon_prot_cis.label_asym_id          A 
_struct_mon_prot_cis.label_alt_id           . 
_struct_mon_prot_cis.pdbx_PDB_ins_code      ? 
_struct_mon_prot_cis.auth_comp_id           PHE 
_struct_mon_prot_cis.auth_seq_id            80 
_struct_mon_prot_cis.auth_asym_id           A 
_struct_mon_prot_cis.pdbx_label_comp_id_2   PRO 
_struct_mon_prot_cis.pdbx_label_seq_id_2    81 
_struct_mon_prot_cis.pdbx_label_asym_id_2   A 
_struct_mon_prot_cis.pdbx_PDB_ins_code_2    ? 
_struct_mon_prot_cis.pdbx_auth_comp_id_2    PRO 
_struct_mon_prot_cis.pdbx_auth_seq_id_2     81 
_struct_mon_prot_cis.pdbx_auth_asym_id_2    A 
_struct_mon_prot_cis.pdbx_PDB_model_num     1 
_struct_mon_prot_cis.pdbx_omega_angle       -0.44 
# 
loop_
_struct_sheet.id 
_struct_sheet.type 
_struct_sheet.number_strands 
_struct_sheet.details 
A ? 4 ? 
B ? 5 ? 
# 
loop_
_struct_sheet_order.sheet_id 
_struct_sheet_order.range_id_1 
_struct_sheet_order.range_id_2 
_struct_sheet_order.offset 
_struct_sheet_order.sense 
A 1 2 ? anti-parallel 
A 2 3 ? anti-parallel 
A 3 4 ? anti-parallel 
B 1 2 ? anti-parallel 
B 2 3 ? anti-parallel 
B 3 4 ? anti-parallel 
B 4 5 ? anti-parallel 
# 
loop_
_struct_sheet_range.sheet_id 
_struct_sheet_range.id 
_struct_sheet_range.beg_label_comp_id 
_struct_sheet_range.beg_label_asym_id 
_struct_sheet_range.beg_label_seq_id 
_struct_sheet_range.pdbx_beg_PDB_ins_code 
_struct_sheet_range.end_label_comp_id 
_struct_sheet_range.end_label_asym_id 
_struct_sheet_range.end_label_seq_id 
_struct_sheet_range.pdbx_end_PDB_ins_code 
_struct_sheet_range.beg_auth_comp_id 
_struct_sheet_range.beg_auth_asym_id 
_struct_sheet_range.beg_auth_seq_id 
_struct_sheet_range.end_auth_comp_id 
_struct_sheet_range.end_auth_asym_id 
_struct_sheet_range.end_auth_seq_id 
A 1 HIS A 39  ? GLU A 47  ? HIS A 39  GLU A 47  
A 2 ARG A 2   ? PHE A 8   ? ARG A 2   PHE A 8   
A 3 GLY A 156 ? LEU A 164 ? GLY A 156 LEU A 164 
A 4 PRO A 169 ? SER A 178 ? PRO A 169 SER A 178 
B 1 TRP A 30  ? PRO A 32  ? TRP A 30  PRO A 32  
B 2 HIS A 130 ? ARG A 136 ? HIS A 130 ARG A 136 
B 3 VAL A 88  ? GLU A 94  ? VAL A 88  GLU A 94  
B 4 PHE A 70  ? PHE A 80  ? PHE A 70  PHE A 80  
B 5 LEU A 150 ? VAL A 154 ? LEU A 150 VAL A 154 
# 
loop_
_pdbx_struct_sheet_hbond.sheet_id 
_pdbx_struct_sheet_hbond.range_id_1 
_pdbx_struct_sheet_hbond.range_id_2 
_pdbx_struct_sheet_hbond.range_1_label_atom_id 
_pdbx_struct_sheet_hbond.range_1_label_comp_id 
_pdbx_struct_sheet_hbond.range_1_label_asym_id 
_pdbx_struct_sheet_hbond.range_1_label_seq_id 
_pdbx_struct_sheet_hbond.range_1_PDB_ins_code 
_pdbx_struct_sheet_hbond.range_1_auth_atom_id 
_pdbx_struct_sheet_hbond.range_1_auth_comp_id 
_pdbx_struct_sheet_hbond.range_1_auth_asym_id 
_pdbx_struct_sheet_hbond.range_1_auth_seq_id 
_pdbx_struct_sheet_hbond.range_2_label_atom_id 
_pdbx_struct_sheet_hbond.range_2_label_comp_id 
_pdbx_struct_sheet_hbond.range_2_label_asym_id 
_pdbx_struct_sheet_hbond.range_2_label_seq_id 
_pdbx_struct_sheet_hbond.range_2_PDB_ins_code 
_pdbx_struct_sheet_hbond.range_2_auth_atom_id 
_pdbx_struct_sheet_hbond.range_2_auth_comp_id 
_pdbx_struct_sheet_hbond.range_2_auth_asym_id 
_pdbx_struct_sheet_hbond.range_2_auth_seq_id 
A 1 2 O LEU A 42  ? O LEU A 42  N TYR A 5   ? N TYR A 5   
A 2 3 N ALA A 6   ? N ALA A 6   O ALA A 158 ? O ALA A 158 
A 3 4 N ARG A 161 ? N ARG A 161 O THR A 172 ? O THR A 172 
B 1 2 N LYS A 31  ? N LYS A 31  O ARG A 135 ? O ARG A 135 
B 2 3 O LEU A 133 ? O LEU A 133 N TRP A 89  ? N TRP A 89  
B 3 4 O PHE A 90  ? O PHE A 90  N GLY A 78  ? N GLY A 78  
B 4 5 N PHE A 70  ? N PHE A 70  O VAL A 154 ? O VAL A 154 
# 
loop_
_pdbx_validate_torsion.id 
_pdbx_validate_torsion.PDB_model_num 
_pdbx_validate_torsion.auth_comp_id 
_pdbx_validate_torsion.auth_asym_id 
_pdbx_validate_torsion.auth_seq_id 
_pdbx_validate_torsion.PDB_ins_code 
_pdbx_validate_torsion.label_alt_id 
_pdbx_validate_torsion.phi 
_pdbx_validate_torsion.psi 
1 1 LEU A 43  ? ? -166.13 117.74 
2 1 ALA A 95  ? ? 164.01  134.98 
3 1 PRO A 129 ? ? -59.68  97.65  
4 1 PRO A 129 ? ? -59.68  100.04 
5 1 PRO A 166 ? ? -40.73  -90.09 
6 1 LYS A 167 ? ? -46.77  -16.38 
# 
_pdbx_validate_planes.id              1 
_pdbx_validate_planes.PDB_model_num   1 
_pdbx_validate_planes.auth_comp_id    TYR 
_pdbx_validate_planes.auth_asym_id    A 
_pdbx_validate_planes.auth_seq_id     171 
_pdbx_validate_planes.PDB_ins_code    ? 
_pdbx_validate_planes.label_alt_id    ? 
_pdbx_validate_planes.rmsd            0.072 
_pdbx_validate_planes.type            'SIDE CHAIN' 
# 
_pdbx_SG_project.id                    1 
_pdbx_SG_project.project_name          ? 
_pdbx_SG_project.full_name_of_center   'RIKEN Structural Genomics/Proteomics Initiative' 
_pdbx_SG_project.initial_of_center     RSGI 
# 
loop_
_pdbx_unobs_or_zero_occ_residues.id 
_pdbx_unobs_or_zero_occ_residues.PDB_model_num 
_pdbx_unobs_or_zero_occ_residues.polymer_flag 
_pdbx_unobs_or_zero_occ_residues.occupancy_flag 
_pdbx_unobs_or_zero_occ_residues.auth_asym_id 
_pdbx_unobs_or_zero_occ_residues.auth_comp_id 
_pdbx_unobs_or_zero_occ_residues.auth_seq_id 
_pdbx_unobs_or_zero_occ_residues.PDB_ins_code 
_pdbx_unobs_or_zero_occ_residues.label_asym_id 
_pdbx_unobs_or_zero_occ_residues.label_comp_id 
_pdbx_unobs_or_zero_occ_residues.label_seq_id 
1  1 Y 1 A GLY 184 ? A GLY 184 
2  1 Y 1 A ARG 185 ? A ARG 185 
3  1 Y 1 A GLU 186 ? A GLU 186 
4  1 Y 1 A GLN 187 ? A GLN 187 
5  1 Y 1 A ALA 188 ? A ALA 188 
6  1 Y 1 A GLN 189 ? A GLN 189 
7  1 Y 1 A GLY 190 ? A GLY 190 
8  1 Y 1 A PRO 191 ? A PRO 191 
9  1 Y 1 A GLY 192 ? A GLY 192 
10 1 Y 1 A GLU 193 ? A GLU 193 
11 1 Y 1 A ARG 194 ? A ARG 194 
12 1 Y 1 A PRO 195 ? A PRO 195 
13 1 Y 1 A GLU 196 ? A GLU 196 
14 1 Y 1 A GLY 197 ? A GLY 197 
15 1 Y 1 A ASP 198 ? A ASP 198 
# 
loop_
_chem_comp_atom.comp_id 
_chem_comp_atom.atom_id 
_chem_comp_atom.type_symbol 
_chem_comp_atom.pdbx_aromatic_flag 
_chem_comp_atom.pdbx_stereo_config 
_chem_comp_atom.pdbx_ordinal 
ALA N    N N N 1   
ALA CA   C N S 2   
ALA C    C N N 3   
ALA O    O N N 4   
ALA CB   C N N 5   
ALA OXT  O N N 6   
ALA H    H N N 7   
ALA H2   H N N 8   
ALA HA   H N N 9   
ALA HB1  H N N 10  
ALA HB2  H N N 11  
ALA HB3  H N N 12  
ALA HXT  H N N 13  
ARG N    N N N 14  
ARG CA   C N S 15  
ARG C    C N N 16  
ARG O    O N N 17  
ARG CB   C N N 18  
ARG CG   C N N 19  
ARG CD   C N N 20  
ARG NE   N N N 21  
ARG CZ   C N N 22  
ARG NH1  N N N 23  
ARG NH2  N N N 24  
ARG OXT  O N N 25  
ARG H    H N N 26  
ARG H2   H N N 27  
ARG HA   H N N 28  
ARG HB2  H N N 29  
ARG HB3  H N N 30  
ARG HG2  H N N 31  
ARG HG3  H N N 32  
ARG HD2  H N N 33  
ARG HD3  H N N 34  
ARG HE   H N N 35  
ARG HH11 H N N 36  
ARG HH12 H N N 37  
ARG HH21 H N N 38  
ARG HH22 H N N 39  
ARG HXT  H N N 40  
ASN N    N N N 41  
ASN CA   C N S 42  
ASN C    C N N 43  
ASN O    O N N 44  
ASN CB   C N N 45  
ASN CG   C N N 46  
ASN OD1  O N N 47  
ASN ND2  N N N 48  
ASN OXT  O N N 49  
ASN H    H N N 50  
ASN H2   H N N 51  
ASN HA   H N N 52  
ASN HB2  H N N 53  
ASN HB3  H N N 54  
ASN HD21 H N N 55  
ASN HD22 H N N 56  
ASN HXT  H N N 57  
ASP N    N N N 58  
ASP CA   C N S 59  
ASP C    C N N 60  
ASP O    O N N 61  
ASP CB   C N N 62  
ASP CG   C N N 63  
ASP OD1  O N N 64  
ASP OD2  O N N 65  
ASP OXT  O N N 66  
ASP H    H N N 67  
ASP H2   H N N 68  
ASP HA   H N N 69  
ASP HB2  H N N 70  
ASP HB3  H N N 71  
ASP HD2  H N N 72  
ASP HXT  H N N 73  
GLN N    N N N 74  
GLN CA   C N S 75  
GLN C    C N N 76  
GLN O    O N N 77  
GLN CB   C N N 78  
GLN CG   C N N 79  
GLN CD   C N N 80  
GLN OE1  O N N 81  
GLN NE2  N N N 82  
GLN OXT  O N N 83  
GLN H    H N N 84  
GLN H2   H N N 85  
GLN HA   H N N 86  
GLN HB2  H N N 87  
GLN HB3  H N N 88  
GLN HG2  H N N 89  
GLN HG3  H N N 90  
GLN HE21 H N N 91  
GLN HE22 H N N 92  
GLN HXT  H N N 93  
GLU N    N N N 94  
GLU CA   C N S 95  
GLU C    C N N 96  
GLU O    O N N 97  
GLU CB   C N N 98  
GLU CG   C N N 99  
GLU CD   C N N 100 
GLU OE1  O N N 101 
GLU OE2  O N N 102 
GLU OXT  O N N 103 
GLU H    H N N 104 
GLU H2   H N N 105 
GLU HA   H N N 106 
GLU HB2  H N N 107 
GLU HB3  H N N 108 
GLU HG2  H N N 109 
GLU HG3  H N N 110 
GLU HE2  H N N 111 
GLU HXT  H N N 112 
GLY N    N N N 113 
GLY CA   C N N 114 
GLY C    C N N 115 
GLY O    O N N 116 
GLY OXT  O N N 117 
GLY H    H N N 118 
GLY H2   H N N 119 
GLY HA2  H N N 120 
GLY HA3  H N N 121 
GLY HXT  H N N 122 
HIS N    N N N 123 
HIS CA   C N S 124 
HIS C    C N N 125 
HIS O    O N N 126 
HIS CB   C N N 127 
HIS CG   C Y N 128 
HIS ND1  N Y N 129 
HIS CD2  C Y N 130 
HIS CE1  C Y N 131 
HIS NE2  N Y N 132 
HIS OXT  O N N 133 
HIS H    H N N 134 
HIS H2   H N N 135 
HIS HA   H N N 136 
HIS HB2  H N N 137 
HIS HB3  H N N 138 
HIS HD1  H N N 139 
HIS HD2  H N N 140 
HIS HE1  H N N 141 
HIS HE2  H N N 142 
HIS HXT  H N N 143 
HOH O    O N N 144 
HOH H1   H N N 145 
HOH H2   H N N 146 
ILE N    N N N 147 
ILE CA   C N S 148 
ILE C    C N N 149 
ILE O    O N N 150 
ILE CB   C N S 151 
ILE CG1  C N N 152 
ILE CG2  C N N 153 
ILE CD1  C N N 154 
ILE OXT  O N N 155 
ILE H    H N N 156 
ILE H2   H N N 157 
ILE HA   H N N 158 
ILE HB   H N N 159 
ILE HG12 H N N 160 
ILE HG13 H N N 161 
ILE HG21 H N N 162 
ILE HG22 H N N 163 
ILE HG23 H N N 164 
ILE HD11 H N N 165 
ILE HD12 H N N 166 
ILE HD13 H N N 167 
ILE HXT  H N N 168 
LEU N    N N N 169 
LEU CA   C N S 170 
LEU C    C N N 171 
LEU O    O N N 172 
LEU CB   C N N 173 
LEU CG   C N N 174 
LEU CD1  C N N 175 
LEU CD2  C N N 176 
LEU OXT  O N N 177 
LEU H    H N N 178 
LEU H2   H N N 179 
LEU HA   H N N 180 
LEU HB2  H N N 181 
LEU HB3  H N N 182 
LEU HG   H N N 183 
LEU HD11 H N N 184 
LEU HD12 H N N 185 
LEU HD13 H N N 186 
LEU HD21 H N N 187 
LEU HD22 H N N 188 
LEU HD23 H N N 189 
LEU HXT  H N N 190 
LYS N    N N N 191 
LYS CA   C N S 192 
LYS C    C N N 193 
LYS O    O N N 194 
LYS CB   C N N 195 
LYS CG   C N N 196 
LYS CD   C N N 197 
LYS CE   C N N 198 
LYS NZ   N N N 199 
LYS OXT  O N N 200 
LYS H    H N N 201 
LYS H2   H N N 202 
LYS HA   H N N 203 
LYS HB2  H N N 204 
LYS HB3  H N N 205 
LYS HG2  H N N 206 
LYS HG3  H N N 207 
LYS HD2  H N N 208 
LYS HD3  H N N 209 
LYS HE2  H N N 210 
LYS HE3  H N N 211 
LYS HZ1  H N N 212 
LYS HZ2  H N N 213 
LYS HZ3  H N N 214 
LYS HXT  H N N 215 
MET N    N N N 216 
MET CA   C N S 217 
MET C    C N N 218 
MET O    O N N 219 
MET CB   C N N 220 
MET CG   C N N 221 
MET SD   S N N 222 
MET CE   C N N 223 
MET OXT  O N N 224 
MET H    H N N 225 
MET H2   H N N 226 
MET HA   H N N 227 
MET HB2  H N N 228 
MET HB3  H N N 229 
MET HG2  H N N 230 
MET HG3  H N N 231 
MET HE1  H N N 232 
MET HE2  H N N 233 
MET HE3  H N N 234 
MET HXT  H N N 235 
PHE N    N N N 236 
PHE CA   C N S 237 
PHE C    C N N 238 
PHE O    O N N 239 
PHE CB   C N N 240 
PHE CG   C Y N 241 
PHE CD1  C Y N 242 
PHE CD2  C Y N 243 
PHE CE1  C Y N 244 
PHE CE2  C Y N 245 
PHE CZ   C Y N 246 
PHE OXT  O N N 247 
PHE H    H N N 248 
PHE H2   H N N 249 
PHE HA   H N N 250 
PHE HB2  H N N 251 
PHE HB3  H N N 252 
PHE HD1  H N N 253 
PHE HD2  H N N 254 
PHE HE1  H N N 255 
PHE HE2  H N N 256 
PHE HZ   H N N 257 
PHE HXT  H N N 258 
PRO N    N N N 259 
PRO CA   C N S 260 
PRO C    C N N 261 
PRO O    O N N 262 
PRO CB   C N N 263 
PRO CG   C N N 264 
PRO CD   C N N 265 
PRO OXT  O N N 266 
PRO H    H N N 267 
PRO HA   H N N 268 
PRO HB2  H N N 269 
PRO HB3  H N N 270 
PRO HG2  H N N 271 
PRO HG3  H N N 272 
PRO HD2  H N N 273 
PRO HD3  H N N 274 
PRO HXT  H N N 275 
SER N    N N N 276 
SER CA   C N S 277 
SER C    C N N 278 
SER O    O N N 279 
SER CB   C N N 280 
SER OG   O N N 281 
SER OXT  O N N 282 
SER H    H N N 283 
SER H2   H N N 284 
SER HA   H N N 285 
SER HB2  H N N 286 
SER HB3  H N N 287 
SER HG   H N N 288 
SER HXT  H N N 289 
THR N    N N N 290 
THR CA   C N S 291 
THR C    C N N 292 
THR O    O N N 293 
THR CB   C N R 294 
THR OG1  O N N 295 
THR CG2  C N N 296 
THR OXT  O N N 297 
THR H    H N N 298 
THR H2   H N N 299 
THR HA   H N N 300 
THR HB   H N N 301 
THR HG1  H N N 302 
THR HG21 H N N 303 
THR HG22 H N N 304 
THR HG23 H N N 305 
THR HXT  H N N 306 
TRP N    N N N 307 
TRP CA   C N S 308 
TRP C    C N N 309 
TRP O    O N N 310 
TRP CB   C N N 311 
TRP CG   C Y N 312 
TRP CD1  C Y N 313 
TRP CD2  C Y N 314 
TRP NE1  N Y N 315 
TRP CE2  C Y N 316 
TRP CE3  C Y N 317 
TRP CZ2  C Y N 318 
TRP CZ3  C Y N 319 
TRP CH2  C Y N 320 
TRP OXT  O N N 321 
TRP H    H N N 322 
TRP H2   H N N 323 
TRP HA   H N N 324 
TRP HB2  H N N 325 
TRP HB3  H N N 326 
TRP HD1  H N N 327 
TRP HE1  H N N 328 
TRP HE3  H N N 329 
TRP HZ2  H N N 330 
TRP HZ3  H N N 331 
TRP HH2  H N N 332 
TRP HXT  H N N 333 
TYR N    N N N 334 
TYR CA   C N S 335 
TYR C    C N N 336 
TYR O    O N N 337 
TYR CB   C N N 338 
TYR CG   C Y N 339 
TYR CD1  C Y N 340 
TYR CD2  C Y N 341 
TYR CE1  C Y N 342 
TYR CE2  C Y N 343 
TYR CZ   C Y N 344 
TYR OH   O N N 345 
TYR OXT  O N N 346 
TYR H    H N N 347 
TYR H2   H N N 348 
TYR HA   H N N 349 
TYR HB2  H N N 350 
TYR HB3  H N N 351 
TYR HD1  H N N 352 
TYR HD2  H N N 353 
TYR HE1  H N N 354 
TYR HE2  H N N 355 
TYR HH   H N N 356 
TYR HXT  H N N 357 
VAL N    N N N 358 
VAL CA   C N S 359 
VAL C    C N N 360 
VAL O    O N N 361 
VAL CB   C N N 362 
VAL CG1  C N N 363 
VAL CG2  C N N 364 
VAL OXT  O N N 365 
VAL H    H N N 366 
VAL H2   H N N 367 
VAL HA   H N N 368 
VAL HB   H N N 369 
VAL HG11 H N N 370 
VAL HG12 H N N 371 
VAL HG13 H N N 372 
VAL HG21 H N N 373 
VAL HG22 H N N 374 
VAL HG23 H N N 375 
VAL HXT  H N N 376 
# 
loop_
_chem_comp_bond.comp_id 
_chem_comp_bond.atom_id_1 
_chem_comp_bond.atom_id_2 
_chem_comp_bond.value_order 
_chem_comp_bond.pdbx_aromatic_flag 
_chem_comp_bond.pdbx_stereo_config 
_chem_comp_bond.pdbx_ordinal 
ALA N   CA   sing N N 1   
ALA N   H    sing N N 2   
ALA N   H2   sing N N 3   
ALA CA  C    sing N N 4   
ALA CA  CB   sing N N 5   
ALA CA  HA   sing N N 6   
ALA C   O    doub N N 7   
ALA C   OXT  sing N N 8   
ALA CB  HB1  sing N N 9   
ALA CB  HB2  sing N N 10  
ALA CB  HB3  sing N N 11  
ALA OXT HXT  sing N N 12  
ARG N   CA   sing N N 13  
ARG N   H    sing N N 14  
ARG N   H2   sing N N 15  
ARG CA  C    sing N N 16  
ARG CA  CB   sing N N 17  
ARG CA  HA   sing N N 18  
ARG C   O    doub N N 19  
ARG C   OXT  sing N N 20  
ARG CB  CG   sing N N 21  
ARG CB  HB2  sing N N 22  
ARG CB  HB3  sing N N 23  
ARG CG  CD   sing N N 24  
ARG CG  HG2  sing N N 25  
ARG CG  HG3  sing N N 26  
ARG CD  NE   sing N N 27  
ARG CD  HD2  sing N N 28  
ARG CD  HD3  sing N N 29  
ARG NE  CZ   sing N N 30  
ARG NE  HE   sing N N 31  
ARG CZ  NH1  sing N N 32  
ARG CZ  NH2  doub N N 33  
ARG NH1 HH11 sing N N 34  
ARG NH1 HH12 sing N N 35  
ARG NH2 HH21 sing N N 36  
ARG NH2 HH22 sing N N 37  
ARG OXT HXT  sing N N 38  
ASN N   CA   sing N N 39  
ASN N   H    sing N N 40  
ASN N   H2   sing N N 41  
ASN CA  C    sing N N 42  
ASN CA  CB   sing N N 43  
ASN CA  HA   sing N N 44  
ASN C   O    doub N N 45  
ASN C   OXT  sing N N 46  
ASN CB  CG   sing N N 47  
ASN CB  HB2  sing N N 48  
ASN CB  HB3  sing N N 49  
ASN CG  OD1  doub N N 50  
ASN CG  ND2  sing N N 51  
ASN ND2 HD21 sing N N 52  
ASN ND2 HD22 sing N N 53  
ASN OXT HXT  sing N N 54  
ASP N   CA   sing N N 55  
ASP N   H    sing N N 56  
ASP N   H2   sing N N 57  
ASP CA  C    sing N N 58  
ASP CA  CB   sing N N 59  
ASP CA  HA   sing N N 60  
ASP C   O    doub N N 61  
ASP C   OXT  sing N N 62  
ASP CB  CG   sing N N 63  
ASP CB  HB2  sing N N 64  
ASP CB  HB3  sing N N 65  
ASP CG  OD1  doub N N 66  
ASP CG  OD2  sing N N 67  
ASP OD2 HD2  sing N N 68  
ASP OXT HXT  sing N N 69  
GLN N   CA   sing N N 70  
GLN N   H    sing N N 71  
GLN N   H2   sing N N 72  
GLN CA  C    sing N N 73  
GLN CA  CB   sing N N 74  
GLN CA  HA   sing N N 75  
GLN C   O    doub N N 76  
GLN C   OXT  sing N N 77  
GLN CB  CG   sing N N 78  
GLN CB  HB2  sing N N 79  
GLN CB  HB3  sing N N 80  
GLN CG  CD   sing N N 81  
GLN CG  HG2  sing N N 82  
GLN CG  HG3  sing N N 83  
GLN CD  OE1  doub N N 84  
GLN CD  NE2  sing N N 85  
GLN NE2 HE21 sing N N 86  
GLN NE2 HE22 sing N N 87  
GLN OXT HXT  sing N N 88  
GLU N   CA   sing N N 89  
GLU N   H    sing N N 90  
GLU N   H2   sing N N 91  
GLU CA  C    sing N N 92  
GLU CA  CB   sing N N 93  
GLU CA  HA   sing N N 94  
GLU C   O    doub N N 95  
GLU C   OXT  sing N N 96  
GLU CB  CG   sing N N 97  
GLU CB  HB2  sing N N 98  
GLU CB  HB3  sing N N 99  
GLU CG  CD   sing N N 100 
GLU CG  HG2  sing N N 101 
GLU CG  HG3  sing N N 102 
GLU CD  OE1  doub N N 103 
GLU CD  OE2  sing N N 104 
GLU OE2 HE2  sing N N 105 
GLU OXT HXT  sing N N 106 
GLY N   CA   sing N N 107 
GLY N   H    sing N N 108 
GLY N   H2   sing N N 109 
GLY CA  C    sing N N 110 
GLY CA  HA2  sing N N 111 
GLY CA  HA3  sing N N 112 
GLY C   O    doub N N 113 
GLY C   OXT  sing N N 114 
GLY OXT HXT  sing N N 115 
HIS N   CA   sing N N 116 
HIS N   H    sing N N 117 
HIS N   H2   sing N N 118 
HIS CA  C    sing N N 119 
HIS CA  CB   sing N N 120 
HIS CA  HA   sing N N 121 
HIS C   O    doub N N 122 
HIS C   OXT  sing N N 123 
HIS CB  CG   sing N N 124 
HIS CB  HB2  sing N N 125 
HIS CB  HB3  sing N N 126 
HIS CG  ND1  sing Y N 127 
HIS CG  CD2  doub Y N 128 
HIS ND1 CE1  doub Y N 129 
HIS ND1 HD1  sing N N 130 
HIS CD2 NE2  sing Y N 131 
HIS CD2 HD2  sing N N 132 
HIS CE1 NE2  sing Y N 133 
HIS CE1 HE1  sing N N 134 
HIS NE2 HE2  sing N N 135 
HIS OXT HXT  sing N N 136 
HOH O   H1   sing N N 137 
HOH O   H2   sing N N 138 
ILE N   CA   sing N N 139 
ILE N   H    sing N N 140 
ILE N   H2   sing N N 141 
ILE CA  C    sing N N 142 
ILE CA  CB   sing N N 143 
ILE CA  HA   sing N N 144 
ILE C   O    doub N N 145 
ILE C   OXT  sing N N 146 
ILE CB  CG1  sing N N 147 
ILE CB  CG2  sing N N 148 
ILE CB  HB   sing N N 149 
ILE CG1 CD1  sing N N 150 
ILE CG1 HG12 sing N N 151 
ILE CG1 HG13 sing N N 152 
ILE CG2 HG21 sing N N 153 
ILE CG2 HG22 sing N N 154 
ILE CG2 HG23 sing N N 155 
ILE CD1 HD11 sing N N 156 
ILE CD1 HD12 sing N N 157 
ILE CD1 HD13 sing N N 158 
ILE OXT HXT  sing N N 159 
LEU N   CA   sing N N 160 
LEU N   H    sing N N 161 
LEU N   H2   sing N N 162 
LEU CA  C    sing N N 163 
LEU CA  CB   sing N N 164 
LEU CA  HA   sing N N 165 
LEU C   O    doub N N 166 
LEU C   OXT  sing N N 167 
LEU CB  CG   sing N N 168 
LEU CB  HB2  sing N N 169 
LEU CB  HB3  sing N N 170 
LEU CG  CD1  sing N N 171 
LEU CG  CD2  sing N N 172 
LEU CG  HG   sing N N 173 
LEU CD1 HD11 sing N N 174 
LEU CD1 HD12 sing N N 175 
LEU CD1 HD13 sing N N 176 
LEU CD2 HD21 sing N N 177 
LEU CD2 HD22 sing N N 178 
LEU CD2 HD23 sing N N 179 
LEU OXT HXT  sing N N 180 
LYS N   CA   sing N N 181 
LYS N   H    sing N N 182 
LYS N   H2   sing N N 183 
LYS CA  C    sing N N 184 
LYS CA  CB   sing N N 185 
LYS CA  HA   sing N N 186 
LYS C   O    doub N N 187 
LYS C   OXT  sing N N 188 
LYS CB  CG   sing N N 189 
LYS CB  HB2  sing N N 190 
LYS CB  HB3  sing N N 191 
LYS CG  CD   sing N N 192 
LYS CG  HG2  sing N N 193 
LYS CG  HG3  sing N N 194 
LYS CD  CE   sing N N 195 
LYS CD  HD2  sing N N 196 
LYS CD  HD3  sing N N 197 
LYS CE  NZ   sing N N 198 
LYS CE  HE2  sing N N 199 
LYS CE  HE3  sing N N 200 
LYS NZ  HZ1  sing N N 201 
LYS NZ  HZ2  sing N N 202 
LYS NZ  HZ3  sing N N 203 
LYS OXT HXT  sing N N 204 
MET N   CA   sing N N 205 
MET N   H    sing N N 206 
MET N   H2   sing N N 207 
MET CA  C    sing N N 208 
MET CA  CB   sing N N 209 
MET CA  HA   sing N N 210 
MET C   O    doub N N 211 
MET C   OXT  sing N N 212 
MET CB  CG   sing N N 213 
MET CB  HB2  sing N N 214 
MET CB  HB3  sing N N 215 
MET CG  SD   sing N N 216 
MET CG  HG2  sing N N 217 
MET CG  HG3  sing N N 218 
MET SD  CE   sing N N 219 
MET CE  HE1  sing N N 220 
MET CE  HE2  sing N N 221 
MET CE  HE3  sing N N 222 
MET OXT HXT  sing N N 223 
PHE N   CA   sing N N 224 
PHE N   H    sing N N 225 
PHE N   H2   sing N N 226 
PHE CA  C    sing N N 227 
PHE CA  CB   sing N N 228 
PHE CA  HA   sing N N 229 
PHE C   O    doub N N 230 
PHE C   OXT  sing N N 231 
PHE CB  CG   sing N N 232 
PHE CB  HB2  sing N N 233 
PHE CB  HB3  sing N N 234 
PHE CG  CD1  doub Y N 235 
PHE CG  CD2  sing Y N 236 
PHE CD1 CE1  sing Y N 237 
PHE CD1 HD1  sing N N 238 
PHE CD2 CE2  doub Y N 239 
PHE CD2 HD2  sing N N 240 
PHE CE1 CZ   doub Y N 241 
PHE CE1 HE1  sing N N 242 
PHE CE2 CZ   sing Y N 243 
PHE CE2 HE2  sing N N 244 
PHE CZ  HZ   sing N N 245 
PHE OXT HXT  sing N N 246 
PRO N   CA   sing N N 247 
PRO N   CD   sing N N 248 
PRO N   H    sing N N 249 
PRO CA  C    sing N N 250 
PRO CA  CB   sing N N 251 
PRO CA  HA   sing N N 252 
PRO C   O    doub N N 253 
PRO C   OXT  sing N N 254 
PRO CB  CG   sing N N 255 
PRO CB  HB2  sing N N 256 
PRO CB  HB3  sing N N 257 
PRO CG  CD   sing N N 258 
PRO CG  HG2  sing N N 259 
PRO CG  HG3  sing N N 260 
PRO CD  HD2  sing N N 261 
PRO CD  HD3  sing N N 262 
PRO OXT HXT  sing N N 263 
SER N   CA   sing N N 264 
SER N   H    sing N N 265 
SER N   H2   sing N N 266 
SER CA  C    sing N N 267 
SER CA  CB   sing N N 268 
SER CA  HA   sing N N 269 
SER C   O    doub N N 270 
SER C   OXT  sing N N 271 
SER CB  OG   sing N N 272 
SER CB  HB2  sing N N 273 
SER CB  HB3  sing N N 274 
SER OG  HG   sing N N 275 
SER OXT HXT  sing N N 276 
THR N   CA   sing N N 277 
THR N   H    sing N N 278 
THR N   H2   sing N N 279 
THR CA  C    sing N N 280 
THR CA  CB   sing N N 281 
THR CA  HA   sing N N 282 
THR C   O    doub N N 283 
THR C   OXT  sing N N 284 
THR CB  OG1  sing N N 285 
THR CB  CG2  sing N N 286 
THR CB  HB   sing N N 287 
THR OG1 HG1  sing N N 288 
THR CG2 HG21 sing N N 289 
THR CG2 HG22 sing N N 290 
THR CG2 HG23 sing N N 291 
THR OXT HXT  sing N N 292 
TRP N   CA   sing N N 293 
TRP N   H    sing N N 294 
TRP N   H2   sing N N 295 
TRP CA  C    sing N N 296 
TRP CA  CB   sing N N 297 
TRP CA  HA   sing N N 298 
TRP C   O    doub N N 299 
TRP C   OXT  sing N N 300 
TRP CB  CG   sing N N 301 
TRP CB  HB2  sing N N 302 
TRP CB  HB3  sing N N 303 
TRP CG  CD1  doub Y N 304 
TRP CG  CD2  sing Y N 305 
TRP CD1 NE1  sing Y N 306 
TRP CD1 HD1  sing N N 307 
TRP CD2 CE2  doub Y N 308 
TRP CD2 CE3  sing Y N 309 
TRP NE1 CE2  sing Y N 310 
TRP NE1 HE1  sing N N 311 
TRP CE2 CZ2  sing Y N 312 
TRP CE3 CZ3  doub Y N 313 
TRP CE3 HE3  sing N N 314 
TRP CZ2 CH2  doub Y N 315 
TRP CZ2 HZ2  sing N N 316 
TRP CZ3 CH2  sing Y N 317 
TRP CZ3 HZ3  sing N N 318 
TRP CH2 HH2  sing N N 319 
TRP OXT HXT  sing N N 320 
TYR N   CA   sing N N 321 
TYR N   H    sing N N 322 
TYR N   H2   sing N N 323 
TYR CA  C    sing N N 324 
TYR CA  CB   sing N N 325 
TYR CA  HA   sing N N 326 
TYR C   O    doub N N 327 
TYR C   OXT  sing N N 328 
TYR CB  CG   sing N N 329 
TYR CB  HB2  sing N N 330 
TYR CB  HB3  sing N N 331 
TYR CG  CD1  doub Y N 332 
TYR CG  CD2  sing Y N 333 
TYR CD1 CE1  sing Y N 334 
TYR CD1 HD1  sing N N 335 
TYR CD2 CE2  doub Y N 336 
TYR CD2 HD2  sing N N 337 
TYR CE1 CZ   doub Y N 338 
TYR CE1 HE1  sing N N 339 
TYR CE2 CZ   sing Y N 340 
TYR CE2 HE2  sing N N 341 
TYR CZ  OH   sing N N 342 
TYR OH  HH   sing N N 343 
TYR OXT HXT  sing N N 344 
VAL N   CA   sing N N 345 
VAL N   H    sing N N 346 
VAL N   H2   sing N N 347 
VAL CA  C    sing N N 348 
VAL CA  CB   sing N N 349 
VAL CA  HA   sing N N 350 
VAL C   O    doub N N 351 
VAL C   OXT  sing N N 352 
VAL CB  CG1  sing N N 353 
VAL CB  CG2  sing N N 354 
VAL CB  HB   sing N N 355 
VAL CG1 HG11 sing N N 356 
VAL CG1 HG12 sing N N 357 
VAL CG1 HG13 sing N N 358 
VAL CG2 HG21 sing N N 359 
VAL CG2 HG22 sing N N 360 
VAL CG2 HG23 sing N N 361 
VAL OXT HXT  sing N N 362 
# 
_atom_sites.entry_id                    1IUH 
_atom_sites.fract_transf_matrix[1][1]   0.00919366 
_atom_sites.fract_transf_matrix[1][2]   -0.02181018 
_atom_sites.fract_transf_matrix[1][3]   0.01153067 
_atom_sites.fract_transf_matrix[2][1]   0.00469320 
_atom_sites.fract_transf_matrix[2][2]   -0.00415639 
_atom_sites.fract_transf_matrix[2][3]   -0.01160493 
_atom_sites.fract_transf_matrix[3][1]   0.00542993 
_atom_sites.fract_transf_matrix[3][2]   0.00290085 
_atom_sites.fract_transf_matrix[3][3]   0.00115698 
_atom_sites.fract_transf_vector[1]      0.087661 
_atom_sites.fract_transf_vector[2]      0.225804 
_atom_sites.fract_transf_vector[3]      0.133057 
# 
loop_
_atom_type.symbol 
C 
N 
O 
S 
# 
loop_
_atom_site.group_PDB 
_atom_site.id 
_atom_site.type_symbol 
_atom_site.label_atom_id 
_atom_site.label_alt_id 
_atom_site.label_comp_id 
_atom_site.label_asym_id 
_atom_site.label_entity_id 
_atom_site.label_seq_id 
_atom_site.pdbx_PDB_ins_code 
_atom_site.Cartn_x 
_atom_site.Cartn_y 
_atom_site.Cartn_z 
_atom_site.occupancy 
_atom_site.B_iso_or_equiv 
_atom_site.pdbx_formal_charge 
_atom_site.auth_seq_id 
_atom_site.auth_comp_id 
_atom_site.auth_asym_id 
_atom_site.auth_atom_id 
_atom_site.pdbx_PDB_model_num 
ATOM   1    N N   . MET A 1 1   ? 5.125   3.807   17.409  1.00 30.01 ? 1   MET A N   1 
ATOM   2    C CA  . MET A 1 1   ? 4.166   3.684   16.292  1.00 30.09 ? 1   MET A CA  1 
ATOM   3    C C   . MET A 1 1   ? 4.732   2.994   15.047  1.00 29.26 ? 1   MET A C   1 
ATOM   4    O O   . MET A 1 1   ? 5.826   3.256   14.587  1.00 30.57 ? 1   MET A O   1 
ATOM   5    C CB  . MET A 1 1   ? 3.670   5.042   15.876  1.00 32.14 ? 1   MET A CB  1 
ATOM   6    C CG  . MET A 1 1   ? 3.268   5.975   17.000  1.00 33.33 ? 1   MET A CG  1 
ATOM   7    S SD  . MET A 1 1   ? 2.316   7.369   16.344  1.00 35.63 ? 1   MET A SD  1 
ATOM   8    C CE  . MET A 1 1   ? 0.813   7.229   17.285  1.00 36.95 ? 1   MET A CE  1 
ATOM   9    N N   . ARG A 1 2   ? 3.953   2.097   14.505  1.00 27.99 ? 2   ARG A N   1 
ATOM   10   C CA  . ARG A 1 2   ? 4.310   1.383   13.308  1.00 26.80 ? 2   ARG A CA  1 
ATOM   11   C C   . ARG A 1 2   ? 3.588   2.195   12.231  1.00 25.32 ? 2   ARG A C   1 
ATOM   12   O O   . ARG A 1 2   ? 2.354   2.291   12.177  1.00 24.38 ? 2   ARG A O   1 
ATOM   13   C CB  . ARG A 1 2   ? 3.772   -0.006  13.471  1.00 29.26 ? 2   ARG A CB  1 
ATOM   14   C CG  . ARG A 1 2   ? 3.809   -0.870  12.290  1.00 33.36 ? 2   ARG A CG  1 
ATOM   15   C CD  . ARG A 1 2   ? 2.919   -2.073  12.607  1.00 35.60 ? 2   ARG A CD  1 
ATOM   16   N NE  . ARG A 1 2   ? 2.949   -3.067  11.545  1.00 38.22 ? 2   ARG A NE  1 
ATOM   17   C CZ  . ARG A 1 2   ? 3.888   -4.010  11.428  1.00 39.57 ? 2   ARG A CZ  1 
ATOM   18   N NH1 . ARG A 1 2   ? 4.886   -4.095  12.326  1.00 37.19 ? 2   ARG A NH1 1 
ATOM   19   N NH2 . ARG A 1 2   ? 3.824   -4.839  10.383  1.00 39.33 ? 2   ARG A NH2 1 
ATOM   20   N N   . LEU A 1 3   ? 4.369   2.839   11.399  1.00 24.30 ? 3   LEU A N   1 
ATOM   21   C CA  . LEU A 1 3   ? 3.831   3.734   10.380  1.00 23.86 ? 3   LEU A CA  1 
ATOM   22   C C   . LEU A 1 3   ? 4.168   3.334   8.946   1.00 24.14 ? 3   LEU A C   1 
ATOM   23   O O   . LEU A 1 3   ? 5.179   2.659   8.704   1.00 24.28 ? 3   LEU A O   1 
ATOM   24   C CB  . LEU A 1 3   ? 4.430   5.115   10.613  1.00 23.31 ? 3   LEU A CB  1 
ATOM   25   C CG  . LEU A 1 3   ? 4.209   5.784   11.975  1.00 24.74 ? 3   LEU A CG  1 
ATOM   26   C CD1 . LEU A 1 3   ? 5.210   6.891   12.151  1.00 24.14 ? 3   LEU A CD1 1 
ATOM   27   C CD2 . LEU A 1 3   ? 2.788   6.338   12.063  1.00 22.88 ? 3   LEU A CD2 1 
ATOM   28   N N   . PHE A 1 4   ? 3.326   3.773   8.010   1.00 23.70 ? 4   PHE A N   1 
ATOM   29   C CA  . PHE A 1 4   ? 3.548   3.584   6.567   1.00 22.07 ? 4   PHE A CA  1 
ATOM   30   C C   . PHE A 1 4   ? 2.796   4.663   5.776   1.00 22.46 ? 4   PHE A C   1 
ATOM   31   O O   . PHE A 1 4   ? 1.846   5.288   6.288   1.00 20.98 ? 4   PHE A O   1 
ATOM   32   C CB  . PHE A 1 4   ? 3.103   2.183   6.085   1.00 21.59 ? 4   PHE A CB  1 
ATOM   33   C CG  . PHE A 1 4   ? 1.609   1.917   6.147   1.00 20.13 ? 4   PHE A CG  1 
ATOM   34   C CD1 . PHE A 1 4   ? 0.815   2.019   5.012   1.00 22.11 ? 4   PHE A CD1 1 
ATOM   35   C CD2 . PHE A 1 4   ? 0.990   1.506   7.329   1.00 21.92 ? 4   PHE A CD2 1 
ATOM   36   C CE1 . PHE A 1 4   ? -0.572  1.711   5.047   1.00 19.93 ? 4   PHE A CE1 1 
ATOM   37   C CE2 . PHE A 1 4   ? -0.404  1.195   7.365   1.00 19.44 ? 4   PHE A CE2 1 
ATOM   38   C CZ  . PHE A 1 4   ? -1.166  1.304   6.207   1.00 18.98 ? 4   PHE A CZ  1 
ATOM   39   N N   . TYR A 1 5   ? 3.294   4.945   4.571   1.00 22.35 ? 5   TYR A N   1 
ATOM   40   C CA  . TYR A 1 5   ? 2.603   5.851   3.648   1.00 21.97 ? 5   TYR A CA  1 
ATOM   41   C C   . TYR A 1 5   ? 1.817   4.966   2.643   1.00 20.75 ? 5   TYR A C   1 
ATOM   42   O O   . TYR A 1 5   ? 2.295   3.939   2.168   1.00 19.50 ? 5   TYR A O   1 
ATOM   43   C CB  . TYR A 1 5   ? 3.555   6.799   2.867   1.00 21.35 ? 5   TYR A CB  1 
ATOM   44   C CG  . TYR A 1 5   ? 4.270   7.847   3.721   1.00 21.27 ? 5   TYR A CG  1 
ATOM   45   C CD1 . TYR A 1 5   ? 5.577   7.612   4.157   1.00 20.83 ? 5   TYR A CD1 1 
ATOM   46   C CD2 . TYR A 1 5   ? 3.669   9.091   4.051   1.00 19.71 ? 5   TYR A CD2 1 
ATOM   47   C CE1 . TYR A 1 5   ? 6.289   8.576   4.889   1.00 19.76 ? 5   TYR A CE1 1 
ATOM   48   C CE2 . TYR A 1 5   ? 4.386   10.086  4.806   1.00 16.72 ? 5   TYR A CE2 1 
ATOM   49   C CZ  . TYR A 1 5   ? 5.703   9.790   5.205   1.00 18.85 ? 5   TYR A CZ  1 
ATOM   50   O OH  . TYR A 1 5   ? 6.513   10.635  5.898   1.00 18.02 ? 5   TYR A OH  1 
ATOM   51   N N   . ALA A 1 6   ? 0.610   5.384   2.309   1.00 20.67 ? 6   ALA A N   1 
ATOM   52   C CA  . ALA A 1 6   ? -0.176  4.586   1.415   1.00 21.19 ? 6   ALA A CA  1 
ATOM   53   C C   . ALA A 1 6   ? -1.183  5.405   0.634   1.00 20.43 ? 6   ALA A C   1 
ATOM   54   O O   . ALA A 1 6   ? -1.478  6.547   0.972   1.00 20.51 ? 6   ALA A O   1 
ATOM   55   C CB  . ALA A 1 6   ? -0.932  3.467   2.239   1.00 21.50 ? 6   ALA A CB  1 
ATOM   56   N N   . VAL A 1 7   ? -1.726  4.781   -0.402  1.00 19.87 ? 7   VAL A N   1 
ATOM   57   C CA  . VAL A 1 7   ? -2.755  5.399   -1.193  1.00 18.96 ? 7   VAL A CA  1 
ATOM   58   C C   . VAL A 1 7   ? -4.043  4.616   -0.900  1.00 21.10 ? 7   VAL A C   1 
ATOM   59   O O   . VAL A 1 7   ? -4.063  3.388   -1.036  1.00 23.79 ? 7   VAL A O   1 
ATOM   60   C CB  . VAL A 1 7   ? -2.462  5.272   -2.682  1.00 16.08 ? 7   VAL A CB  1 
ATOM   61   C CG1 . VAL A 1 7   ? -3.757  5.556   -3.515  1.00 15.05 ? 7   VAL A CG1 1 
ATOM   62   C CG2 . VAL A 1 7   ? -1.399  6.164   -3.040  1.00 10.72 ? 7   VAL A CG2 1 
ATOM   63   N N   . PHE A 1 8   ? -5.093  5.303   -0.477  1.00 21.49 ? 8   PHE A N   1 
ATOM   64   C CA  . PHE A 1 8   ? -6.386  4.653   -0.286  1.00 21.65 ? 8   PHE A CA  1 
ATOM   65   C C   . PHE A 1 8   ? -7.134  4.803   -1.607  1.00 23.93 ? 8   PHE A C   1 
ATOM   66   O O   . PHE A 1 8   ? -6.765  5.620   -2.473  1.00 24.97 ? 8   PHE A O   1 
ATOM   67   C CB  . PHE A 1 8   ? -7.139  5.210   0.925   1.00 19.64 ? 8   PHE A CB  1 
ATOM   68   C CG  . PHE A 1 8   ? -6.612  4.668   2.209   1.00 17.82 ? 8   PHE A CG  1 
ATOM   69   C CD1 . PHE A 1 8   ? -5.731  5.421   2.993   1.00 16.22 ? 8   PHE A CD1 1 
ATOM   70   C CD2 . PHE A 1 8   ? -6.883  3.344   2.559   1.00 15.70 ? 8   PHE A CD2 1 
ATOM   71   C CE1 . PHE A 1 8   ? -5.113  4.871   4.100   1.00 14.01 ? 8   PHE A CE1 1 
ATOM   72   C CE2 . PHE A 1 8   ? -6.296  2.769   3.636   1.00 15.19 ? 8   PHE A CE2 1 
ATOM   73   C CZ  . PHE A 1 8   ? -5.383  3.542   4.435   1.00 17.69 ? 8   PHE A CZ  1 
ATOM   74   N N   . LEU A 1 9   ? -8.178  4.014   -1.760  1.00 25.08 ? 9   LEU A N   1 
ATOM   75   C CA  . LEU A 1 9   ? -8.826  3.898   -3.031  1.00 26.10 ? 9   LEU A CA  1 
ATOM   76   C C   . LEU A 1 9   ? -10.256 4.351   -3.109  1.00 27.83 ? 9   LEU A C   1 
ATOM   77   O O   . LEU A 1 9   ? -10.982 4.356   -2.103  1.00 29.31 ? 9   LEU A O   1 
ATOM   78   C CB  . LEU A 1 9   ? -8.680  2.428   -3.456  1.00 24.13 ? 9   LEU A CB  1 
ATOM   79   C CG  . LEU A 1 9   ? -7.240  1.982   -3.166  1.00 24.83 ? 9   LEU A CG  1 
ATOM   80   C CD1 . LEU A 1 9   ? -7.167  0.471   -2.966  1.00 24.26 ? 9   LEU A CD1 1 
ATOM   81   C CD2 . LEU A 1 9   ? -6.312  2.408   -4.263  1.00 23.16 ? 9   LEU A CD2 1 
ATOM   82   N N   . PRO A 1 10  ? -10.693 4.750   -4.320  1.00 28.53 ? 10  PRO A N   1 
ATOM   83   C CA  . PRO A 1 10  ? -12.074 5.205   -4.465  1.00 28.91 ? 10  PRO A CA  1 
ATOM   84   C C   . PRO A 1 10  ? -13.062 4.042   -4.647  1.00 30.27 ? 10  PRO A C   1 
ATOM   85   O O   . PRO A 1 10  ? -12.701 2.895   -4.942  1.00 30.24 ? 10  PRO A O   1 
ATOM   86   C CB  . PRO A 1 10  ? -11.996 6.130   -5.669  1.00 26.05 ? 10  PRO A CB  1 
ATOM   87   C CG  . PRO A 1 10  ? -11.021 5.385   -6.606  1.00 25.82 ? 10  PRO A CG  1 
ATOM   88   C CD  . PRO A 1 10  ? -9.962  4.835   -5.610  1.00 28.14 ? 10  PRO A CD  1 
ATOM   89   N N   . GLU A 1 11  ? -14.318 4.363   -4.453  1.00 32.22 ? 11  GLU A N   1 
ATOM   90   C CA  . GLU A 1 11  ? -15.380 3.405   -4.590  1.00 34.95 ? 11  GLU A CA  1 
ATOM   91   C C   . GLU A 1 11  ? -15.295 2.380   -5.775  1.00 33.92 ? 11  GLU A C   1 
ATOM   92   O O   . GLU A 1 11  ? -15.326 1.153   -5.573  1.00 34.44 ? 11  GLU A O   1 
ATOM   93   C CB  . GLU A 1 11  ? -16.691 4.220   -4.588  1.00 36.88 ? 11  GLU A CB  1 
ATOM   94   C CG  . GLU A 1 11  ? -17.945 3.460   -4.924  1.00 44.88 ? 11  GLU A CG  1 
ATOM   95   C CD  . GLU A 1 11  ? -19.093 3.852   -4.001  1.00 50.14 ? 11  GLU A CD  1 
ATOM   96   O OE1 . GLU A 1 11  ? -19.261 5.075   -3.732  1.00 51.98 ? 11  GLU A OE1 1 
ATOM   97   O OE2 . GLU A 1 11  ? -19.830 2.935   -3.535  1.00 53.61 ? 11  GLU A OE2 1 
ATOM   98   N N   . GLU A 1 12  ? -15.175 2.836   -7.009  1.00 33.37 ? 12  GLU A N   1 
ATOM   99   C CA  . GLU A 1 12  ? -15.167 1.859   -8.093  1.00 33.40 ? 12  GLU A CA  1 
ATOM   100  C C   . GLU A 1 12  ? -14.001 0.905   -8.060  1.00 33.15 ? 12  GLU A C   1 
ATOM   101  O O   . GLU A 1 12  ? -14.097 -0.210  -8.600  1.00 32.42 ? 12  GLU A O   1 
ATOM   102  C CB  . GLU A 1 12  ? -15.189 2.556   -9.434  1.00 33.50 ? 12  GLU A CB  1 
ATOM   103  C CG  . GLU A 1 12  ? -15.371 4.021   -9.265  1.00 38.44 ? 12  GLU A CG  1 
ATOM   104  C CD  . GLU A 1 12  ? -14.093 4.787   -8.930  1.00 37.12 ? 12  GLU A CD  1 
ATOM   105  O OE1 . GLU A 1 12  ? -13.156 4.833   -9.749  1.00 36.03 ? 12  GLU A OE1 1 
ATOM   106  O OE2 . GLU A 1 12  ? -14.073 5.370   -7.840  1.00 38.08 ? 12  GLU A OE2 1 
ATOM   107  N N   . VAL A 1 13  ? -12.892 1.358   -7.461  1.00 31.87 ? 13  VAL A N   1 
ATOM   108  C CA  . VAL A 1 13  ? -11.711 0.546   -7.339  1.00 30.53 ? 13  VAL A CA  1 
ATOM   109  C C   . VAL A 1 13  ? -11.900 -0.487  -6.219  1.00 31.76 ? 13  VAL A C   1 
ATOM   110  O O   . VAL A 1 13  ? -11.613 -1.697  -6.396  1.00 31.69 ? 13  VAL A O   1 
ATOM   111  C CB  . VAL A 1 13  ? -10.504 1.447   -7.108  1.00 31.05 ? 13  VAL A CB  1 
ATOM   112  C CG1 . VAL A 1 13  ? -9.202  0.607   -6.941  1.00 29.59 ? 13  VAL A CG1 1 
ATOM   113  C CG2 . VAL A 1 13  ? -10.405 2.431   -8.282  1.00 28.87 ? 13  VAL A CG2 1 
ATOM   114  N N   . ARG A 1 14  ? -12.429 -0.052  -5.086  1.00 31.84 ? 14  ARG A N   1 
ATOM   115  C CA  . ARG A 1 14  ? -12.639 -1.024  -4.026  1.00 33.93 ? 14  ARG A CA  1 
ATOM   116  C C   . ARG A 1 14  ? -13.674 -2.026  -4.482  1.00 33.62 ? 14  ARG A C   1 
ATOM   117  O O   . ARG A 1 14  ? -13.569 -3.208  -4.219  1.00 35.56 ? 14  ARG A O   1 
ATOM   118  C CB  . ARG A 1 14  ? -13.101 -0.381  -2.705  1.00 34.77 ? 14  ARG A CB  1 
ATOM   119  C CG  . ARG A 1 14  ? -12.066 0.421   -1.934  1.00 33.18 ? 14  ARG A CG  1 
ATOM   120  C CD  . ARG A 1 14  ? -12.673 0.942   -0.632  1.00 35.60 ? 14  ARG A CD  1 
ATOM   121  N NE  . ARG A 1 14  ? -14.029 1.500   -0.791  1.00 39.38 ? 14  ARG A NE  1 
ATOM   122  C CZ  . ARG A 1 14  ? -14.338 2.795   -0.958  1.00 38.47 ? 14  ARG A CZ  1 
ATOM   123  N NH1 . ARG A 1 14  ? -13.398 3.734   -0.996  1.00 39.02 ? 14  ARG A NH1 1 
ATOM   124  N NH2 . ARG A 1 14  ? -15.609 3.150   -1.083  1.00 38.97 ? 14  ARG A NH2 1 
ATOM   125  N N   . ALA A 1 15  ? -14.667 -1.589  -5.208  1.00 32.49 ? 15  ALA A N   1 
ATOM   126  C CA  . ALA A 1 15  ? -15.640 -2.575  -5.626  1.00 32.73 ? 15  ALA A CA  1 
ATOM   127  C C   . ALA A 1 15  ? -15.111 -3.627  -6.613  1.00 31.31 ? 15  ALA A C   1 
ATOM   128  O O   . ALA A 1 15  ? -15.494 -4.781  -6.576  1.00 30.84 ? 15  ALA A O   1 
ATOM   129  C CB  . ALA A 1 15  ? -16.833 -1.862  -6.217  1.00 35.03 ? 15  ALA A CB  1 
ATOM   130  N N   . ALA A 1 16  ? -14.234 -3.225  -7.517  1.00 31.34 ? 16  ALA A N   1 
ATOM   131  C CA  . ALA A 1 16  ? -13.709 -4.168  -8.494  1.00 31.55 ? 16  ALA A CA  1 
ATOM   132  C C   . ALA A 1 16  ? -12.860 -5.209  -7.807  1.00 32.23 ? 16  ALA A C   1 
ATOM   133  O O   . ALA A 1 16  ? -12.833 -6.371  -8.201  1.00 33.12 ? 16  ALA A O   1 
ATOM   134  C CB  . ALA A 1 16  ? -12.863 -3.434  -9.524  1.00 33.10 ? 16  ALA A CB  1 
ATOM   135  N N   . LEU A 1 17  ? -12.146 -4.742  -6.797  1.00 31.61 ? 17  LEU A N   1 
ATOM   136  C CA  . LEU A 1 17  ? -11.260 -5.537  -5.980  1.00 32.52 ? 17  LEU A CA  1 
ATOM   137  C C   . LEU A 1 17  ? -12.067 -6.436  -5.012  1.00 31.96 ? 17  LEU A C   1 
ATOM   138  O O   . LEU A 1 17  ? -11.668 -7.558  -4.672  1.00 31.64 ? 17  LEU A O   1 
ATOM   139  C CB  . LEU A 1 17  ? -10.363 -4.556  -5.197  1.00 33.26 ? 17  LEU A CB  1 
ATOM   140  C CG  . LEU A 1 17  ? -8.878  -4.288  -5.521  1.00 33.12 ? 17  LEU A CG  1 
ATOM   141  C CD1 . LEU A 1 17  ? -8.566  -4.601  -6.944  1.00 31.95 ? 17  LEU A CD1 1 
ATOM   142  C CD2 . LEU A 1 17  ? -8.520  -2.823  -5.121  1.00 32.08 ? 17  LEU A CD2 1 
ATOM   143  N N   . VAL A 1 18  ? -13.184 -5.912  -4.522  1.00 31.26 ? 18  VAL A N   1 
ATOM   144  C CA  . VAL A 1 18  ? -14.015 -6.689  -3.643  1.00 29.62 ? 18  VAL A CA  1 
ATOM   145  C C   . VAL A 1 18  ? -14.702 -7.781  -4.451  1.00 31.58 ? 18  VAL A C   1 
ATOM   146  O O   . VAL A 1 18  ? -15.008 -8.832  -3.936  1.00 32.71 ? 18  VAL A O   1 
ATOM   147  C CB  . VAL A 1 18  ? -15.017 -5.839  -3.022  1.00 28.57 ? 18  VAL A CB  1 
ATOM   148  C CG1 . VAL A 1 18  ? -16.091 -6.669  -2.445  1.00 28.77 ? 18  VAL A CG1 1 
ATOM   149  C CG2 . VAL A 1 18  ? -14.358 -5.054  -1.940  1.00 26.21 ? 18  VAL A CG2 1 
ATOM   150  N N   . GLU A 1 19  ? -14.934 -7.548  -5.734  1.00 32.38 ? 19  GLU A N   1 
ATOM   151  C CA  . GLU A 1 19  ? -15.536 -8.571  -6.523  1.00 33.36 ? 19  GLU A CA  1 
ATOM   152  C C   . GLU A 1 19  ? -14.459 -9.637  -6.790  1.00 33.32 ? 19  GLU A C   1 
ATOM   153  O O   . GLU A 1 19  ? -14.743 -10.829 -6.908  1.00 35.43 ? 19  GLU A O   1 
ATOM   154  C CB  . GLU A 1 19  ? -16.132 -7.946  -7.784  1.00 36.89 ? 19  GLU A CB  1 
ATOM   155  C CG  . GLU A 1 19  ? -17.460 -7.126  -7.445  1.00 42.95 ? 19  GLU A CG  1 
ATOM   156  C CD  . GLU A 1 19  ? -17.858 -6.026  -8.476  1.00 43.76 ? 19  GLU A CD  1 
ATOM   157  O OE1 . GLU A 1 19  ? -18.079 -6.315  -9.662  1.00 45.86 ? 19  GLU A OE1 1 
ATOM   158  O OE2 . GLU A 1 19  ? -17.964 -4.851  -8.094  1.00 46.46 ? 19  GLU A OE2 1 
ATOM   159  N N   . ALA A 1 20  ? -13.211 -9.212  -6.829  1.00 32.13 ? 20  ALA A N   1 
ATOM   160  C CA  . ALA A 1 20  ? -12.087 -10.094 -7.053  1.00 29.30 ? 20  ALA A CA  1 
ATOM   161  C C   . ALA A 1 20  ? -11.982 -11.028 -5.877  1.00 29.43 ? 20  ALA A C   1 
ATOM   162  O O   . ALA A 1 20  ? -11.887 -12.239 -6.052  1.00 26.58 ? 20  ALA A O   1 
ATOM   163  C CB  . ALA A 1 20  ? -10.844 -9.297  -7.134  1.00 28.70 ? 20  ALA A CB  1 
ATOM   164  N N   . GLN A 1 21  ? -12.007 -10.446 -4.678  1.00 29.90 ? 21  GLN A N   1 
ATOM   165  C CA  . GLN A 1 21  ? -11.895 -11.218 -3.423  1.00 32.43 ? 21  GLN A CA  1 
ATOM   166  C C   . GLN A 1 21  ? -12.884 -12.398 -3.392  1.00 34.19 ? 21  GLN A C   1 
ATOM   167  O O   . GLN A 1 21  ? -12.700 -13.423 -2.710  1.00 34.17 ? 21  GLN A O   1 
ATOM   168  C CB  . GLN A 1 21  ? -12.143 -10.316 -2.200  1.00 29.66 ? 21  GLN A CB  1 
ATOM   169  C CG  . GLN A 1 21  ? -11.028 -9.318  -1.983  1.00 30.22 ? 21  GLN A CG  1 
ATOM   170  C CD  . GLN A 1 21  ? -11.311 -8.395  -0.823  1.00 31.79 ? 21  GLN A CD  1 
ATOM   171  O OE1 . GLN A 1 21  ? -12.391 -7.789  -0.744  1.00 32.08 ? 21  GLN A OE1 1 
ATOM   172  N NE2 . GLN A 1 21  ? -10.343 -8.283  0.101   1.00 30.78 ? 21  GLN A NE2 1 
ATOM   173  N N   . THR A 1 22  ? -13.937 -12.210 -4.162  1.00 35.43 ? 22  THR A N   1 
ATOM   174  C CA  . THR A 1 22  ? -15.004 -13.150 -4.250  1.00 35.53 ? 22  THR A CA  1 
ATOM   175  C C   . THR A 1 22  ? -14.513 -14.534 -4.643  1.00 35.52 ? 22  THR A C   1 
ATOM   176  O O   . THR A 1 22  ? -15.024 -15.546 -4.124  1.00 33.79 ? 22  THR A O   1 
ATOM   177  C CB  . THR A 1 22  ? -16.049 -12.568 -5.239  1.00 35.28 ? 22  THR A CB  1 
ATOM   178  O OG1 . THR A 1 22  ? -17.003 -11.794 -4.491  1.00 35.69 ? 22  THR A OG1 1 
ATOM   179  C CG2 . THR A 1 22  ? -16.722 -13.644 -6.048  1.00 34.67 ? 22  THR A CG2 1 
ATOM   180  N N   . LYS A 1 23  ? -13.499 -14.585 -5.512  1.00 35.04 ? 23  LYS A N   1 
ATOM   181  C CA  . LYS A 1 23  ? -13.017 -15.888 -5.997  1.00 34.84 ? 23  LYS A CA  1 
ATOM   182  C C   . LYS A 1 23  ? -12.359 -16.667 -4.882  1.00 34.09 ? 23  LYS A C   1 
ATOM   183  O O   . LYS A 1 23  ? -12.003 -17.828 -5.040  1.00 34.28 ? 23  LYS A O   1 
ATOM   184  C CB  . LYS A 1 23  ? -11.978 -15.734 -7.128  1.00 35.38 ? 23  LYS A CB  1 
ATOM   185  C CG  . LYS A 1 23  ? -12.019 -14.421 -7.958  1.00 39.87 ? 23  LYS A CG  1 
ATOM   186  C CD  . LYS A 1 23  ? -12.544 -14.585 -9.403  1.00 40.19 ? 23  LYS A CD  1 
ATOM   187  C CE  . LYS A 1 23  ? -14.090 -14.364 -9.483  1.00 42.66 ? 23  LYS A CE  1 
ATOM   188  N NZ  . LYS A 1 23  ? -14.747 -14.839 -10.763 1.00 39.25 ? 23  LYS A NZ  1 
ATOM   189  N N   . VAL A 1 24  ? -12.268 -16.061 -3.721  1.00 31.82 ? 24  VAL A N   1 
ATOM   190  C CA  . VAL A 1 24  ? -11.511 -16.699 -2.697  1.00 31.07 ? 24  VAL A CA  1 
ATOM   191  C C   . VAL A 1 24  ? -12.277 -17.100 -1.437  1.00 31.78 ? 24  VAL A C   1 
ATOM   192  O O   . VAL A 1 24  ? -11.710 -17.701 -0.504  1.00 31.79 ? 24  VAL A O   1 
ATOM   193  C CB  . VAL A 1 24  ? -10.304 -15.726 -2.444  1.00 30.41 ? 24  VAL A CB  1 
ATOM   194  C CG1 . VAL A 1 24  ? -10.336 -15.203 -1.080  1.00 25.98 ? 24  VAL A CG1 1 
ATOM   195  C CG2 . VAL A 1 24  ? -8.979  -16.373 -2.884  1.00 26.12 ? 24  VAL A CG2 1 
ATOM   196  N N   . ARG A 1 25  ? -13.567 -16.789 -1.418  1.00 30.58 ? 25  ARG A N   1 
ATOM   197  C CA  . ARG A 1 25  ? -14.421 -17.129 -0.284  1.00 31.32 ? 25  ARG A CA  1 
ATOM   198  C C   . ARG A 1 25  ? -14.607 -18.666 -0.052  1.00 29.27 ? 25  ARG A C   1 
ATOM   199  O O   . ARG A 1 25  ? -14.853 -19.120 1.068   1.00 26.68 ? 25  ARG A O   1 
ATOM   200  C CB  . ARG A 1 25  ? -15.787 -16.469 -0.482  1.00 35.54 ? 25  ARG A CB  1 
ATOM   201  C CG  . ARG A 1 25  ? -16.896 -17.027 0.397   1.00 42.08 ? 25  ARG A CG  1 
ATOM   202  C CD  . ARG A 1 25  ? -18.219 -16.394 0.011   1.00 48.43 ? 25  ARG A CD  1 
ATOM   203  N NE  . ARG A 1 25  ? -18.141 -14.950 0.234   1.00 53.99 ? 25  ARG A NE  1 
ATOM   204  C CZ  . ARG A 1 25  ? -19.139 -14.222 0.727   1.00 55.66 ? 25  ARG A CZ  1 
ATOM   205  N NH1 . ARG A 1 25  ? -20.292 -14.832 1.018   1.00 56.74 ? 25  ARG A NH1 1 
ATOM   206  N NH2 . ARG A 1 25  ? -18.957 -12.923 1.014   1.00 56.13 ? 25  ARG A NH2 1 
ATOM   207  N N   . PRO A 1 26  ? -14.568 -19.463 -1.127  1.00 27.93 ? 26  PRO A N   1 
ATOM   208  C CA  . PRO A 1 26  ? -14.721 -20.909 -0.986  1.00 27.24 ? 26  PRO A CA  1 
ATOM   209  C C   . PRO A 1 26  ? -13.496 -21.468 -0.221  1.00 29.52 ? 26  PRO A C   1 
ATOM   210  O O   . PRO A 1 26  ? -13.522 -22.608 0.314   1.00 30.05 ? 26  PRO A O   1 
ATOM   211  C CB  . PRO A 1 26  ? -14.718 -21.397 -2.429  1.00 28.00 ? 26  PRO A CB  1 
ATOM   212  C CG  . PRO A 1 26  ? -15.150 -20.199 -3.233  1.00 27.97 ? 26  PRO A CG  1 
ATOM   213  C CD  . PRO A 1 26  ? -14.508 -19.058 -2.545  1.00 26.88 ? 26  PRO A CD  1 
ATOM   214  N N   . PHE A 1 27  ? -12.412 -20.677 -0.151  1.00 28.89 ? 27  PHE A N   1 
ATOM   215  C CA  . PHE A 1 27  ? -11.223 -21.172 0.517   1.00 27.45 ? 27  PHE A CA  1 
ATOM   216  C C   . PHE A 1 27  ? -10.896 -20.575 1.848   1.00 28.70 ? 27  PHE A C   1 
ATOM   217  O O   . PHE A 1 27  ? -10.261 -19.536 1.925   1.00 29.07 ? 27  PHE A O   1 
ATOM   218  C CB  . PHE A 1 27  ? -10.069 -21.010 -0.402  1.00 25.03 ? 27  PHE A CB  1 
ATOM   219  C CG  . PHE A 1 27  ? -10.330 -21.546 -1.740  1.00 23.57 ? 27  PHE A CG  1 
ATOM   220  C CD1 . PHE A 1 27  ? -10.520 -20.695 -2.817  1.00 22.66 ? 27  PHE A CD1 1 
ATOM   221  C CD2 . PHE A 1 27  ? -10.470 -22.924 -1.921  1.00 24.96 ? 27  PHE A CD2 1 
ATOM   222  C CE1 . PHE A 1 27  ? -10.858 -21.196 -4.067  1.00 20.44 ? 27  PHE A CE1 1 
ATOM   223  C CE2 . PHE A 1 27  ? -10.808 -23.428 -3.154  1.00 22.16 ? 27  PHE A CE2 1 
ATOM   224  C CZ  . PHE A 1 27  ? -11.006 -22.555 -4.224  1.00 21.52 ? 27  PHE A CZ  1 
ATOM   225  N N   . ARG A 1 28  ? -11.275 -21.277 2.906   1.00 29.93 ? 28  ARG A N   1 
ATOM   226  C CA  . ARG A 1 28  ? -11.067 -20.782 4.273   1.00 30.06 ? 28  ARG A CA  1 
ATOM   227  C C   . ARG A 1 28  ? -9.587  -20.524 4.627   1.00 27.79 ? 28  ARG A C   1 
ATOM   228  O O   . ARG A 1 28  ? -9.262  -19.858 5.587   1.00 25.48 ? 28  ARG A O   1 
ATOM   229  C CB  . ARG A 1 28  ? -11.787 -21.722 5.313   1.00 32.17 ? 28  ARG A CB  1 
ATOM   230  C CG  . ARG A 1 28  ? -11.275 -23.177 5.428   1.00 33.52 ? 28  ARG A CG  1 
ATOM   231  C CD  . ARG A 1 28  ? -11.658 -23.787 6.765   1.00 36.58 ? 28  ARG A CD  1 
ATOM   232  N NE  . ARG A 1 28  ? -12.803 -24.710 6.669   1.00 42.02 ? 28  ARG A NE  1 
ATOM   233  C CZ  . ARG A 1 28  ? -14.066 -24.358 6.876   1.00 43.11 ? 28  ARG A CZ  1 
ATOM   234  N NH1 . ARG A 1 28  ? -14.381 -23.103 7.205   1.00 46.49 ? 28  ARG A NH1 1 
ATOM   235  N NH2 . ARG A 1 28  ? -15.020 -25.251 6.742   1.00 44.30 ? 28  ARG A NH2 1 
ATOM   236  N N   . GLY A 1 29  ? -8.681  -21.033 3.839   1.00 26.89 ? 29  GLY A N   1 
ATOM   237  C CA  . GLY A 1 29  ? -7.306  -20.727 4.149   1.00 27.07 ? 29  GLY A CA  1 
ATOM   238  C C   . GLY A 1 29  ? -6.952  -19.288 3.779   1.00 27.29 ? 29  GLY A C   1 
ATOM   239  O O   . GLY A 1 29  ? -5.870  -18.815 4.162   1.00 27.35 ? 29  GLY A O   1 
ATOM   240  N N   . TRP A 1 30  ? -7.826  -18.591 3.036   1.00 26.64 ? 30  TRP A N   1 
ATOM   241  C CA  . TRP A 1 30  ? -7.566  -17.208 2.620   1.00 25.26 ? 30  TRP A CA  1 
ATOM   242  C C   . TRP A 1 30  ? -8.208  -16.176 3.497   1.00 26.01 ? 30  TRP A C   1 
ATOM   243  O O   . TRP A 1 30  ? -9.414  -16.222 3.771   1.00 25.88 ? 30  TRP A O   1 
ATOM   244  C CB  . TRP A 1 30  ? -8.015  -16.967 1.203   1.00 22.75 ? 30  TRP A CB  1 
ATOM   245  C CG  . TRP A 1 30  ? -7.066  -17.513 0.221   1.00 25.09 ? 30  TRP A CG  1 
ATOM   246  C CD1 . TRP A 1 30  ? -7.307  -18.514 -0.677  1.00 25.60 ? 30  TRP A CD1 1 
ATOM   247  C CD2 . TRP A 1 30  ? -5.723  -17.050 -0.044  1.00 23.84 ? 30  TRP A CD2 1 
ATOM   248  N NE1 . TRP A 1 30  ? -6.211  -18.688 -1.491  1.00 25.64 ? 30  TRP A NE1 1 
ATOM   249  C CE2 . TRP A 1 30  ? -5.226  -17.808 -1.124  1.00 23.05 ? 30  TRP A CE2 1 
ATOM   250  C CE3 . TRP A 1 30  ? -4.906  -16.063 0.522   1.00 22.77 ? 30  TRP A CE3 1 
ATOM   251  C CZ2 . TRP A 1 30  ? -3.954  -17.616 -1.651  1.00 23.97 ? 30  TRP A CZ2 1 
ATOM   252  C CZ3 . TRP A 1 30  ? -3.633  -15.859 -0.008  1.00 23.26 ? 30  TRP A CZ3 1 
ATOM   253  C CH2 . TRP A 1 30  ? -3.166  -16.625 -1.076  1.00 24.67 ? 30  TRP A CH2 1 
ATOM   254  N N   . LYS A 1 31  ? -7.409  -15.233 3.966   1.00 26.09 ? 31  LYS A N   1 
ATOM   255  C CA  . LYS A 1 31  ? -7.979  -14.220 4.825   1.00 27.07 ? 31  LYS A CA  1 
ATOM   256  C C   . LYS A 1 31  ? -8.081  -12.955 3.981   1.00 25.86 ? 31  LYS A C   1 
ATOM   257  O O   . LYS A 1 31  ? -7.091  -12.335 3.574   1.00 26.13 ? 31  LYS A O   1 
ATOM   258  C CB  . LYS A 1 31  ? -7.093  -14.078 6.049   1.00 30.99 ? 31  LYS A CB  1 
ATOM   259  C CG  . LYS A 1 31  ? -7.282  -12.833 6.849   1.00 37.26 ? 31  LYS A CG  1 
ATOM   260  C CD  . LYS A 1 31  ? -8.490  -12.851 7.728   1.00 41.78 ? 31  LYS A CD  1 
ATOM   261  C CE  . LYS A 1 31  ? -8.287  -11.787 8.825   1.00 46.27 ? 31  LYS A CE  1 
ATOM   262  N NZ  . LYS A 1 31  ? -9.404  -11.716 9.837   1.00 49.68 ? 31  LYS A NZ  1 
ATOM   263  N N   . PRO A 1 32  ? -9.301  -12.553 3.693   1.00 24.61 ? 32  PRO A N   1 
ATOM   264  C CA  . PRO A 1 32  ? -9.445  -11.366 2.876   1.00 25.71 ? 32  PRO A CA  1 
ATOM   265  C C   . PRO A 1 32  ? -9.326  -10.071 3.675   1.00 26.32 ? 32  PRO A C   1 
ATOM   266  O O   . PRO A 1 32  ? -9.808  -9.955  4.828   1.00 25.55 ? 32  PRO A O   1 
ATOM   267  C CB  . PRO A 1 32  ? -10.831 -11.570 2.237   1.00 23.92 ? 32  PRO A CB  1 
ATOM   268  C CG  . PRO A 1 32  ? -11.581 -12.083 3.313   1.00 21.94 ? 32  PRO A CG  1 
ATOM   269  C CD  . PRO A 1 32  ? -10.617 -13.072 4.046   1.00 23.31 ? 32  PRO A CD  1 
ATOM   270  N N   . VAL A 1 33  ? -8.655  -9.117  3.025   1.00 26.48 ? 33  VAL A N   1 
ATOM   271  C CA  . VAL A 1 33  ? -8.434  -7.797  3.567   1.00 26.03 ? 33  VAL A CA  1 
ATOM   272  C C   . VAL A 1 33  ? -9.786  -7.083  3.519   1.00 26.87 ? 33  VAL A C   1 
ATOM   273  O O   . VAL A 1 33  ? -10.468 -7.160  2.518   1.00 26.49 ? 33  VAL A O   1 
ATOM   274  C CB  . VAL A 1 33  ? -7.377  -7.008  2.680   1.00 25.24 ? 33  VAL A CB  1 
ATOM   275  C CG1 . VAL A 1 33  ? -7.368  -5.541  3.040   1.00 24.52 ? 33  VAL A CG1 1 
ATOM   276  C CG2 . VAL A 1 33  ? -5.975  -7.594  2.845   1.00 22.62 ? 33  VAL A CG2 1 
ATOM   277  N N   . PRO A 1 34  ? -10.216 -6.465  4.639   1.00 27.14 ? 34  PRO A N   1 
ATOM   278  C CA  . PRO A 1 34  ? -11.459 -5.703  4.778   1.00 28.44 ? 34  PRO A CA  1 
ATOM   279  C C   . PRO A 1 34  ? -11.351 -4.588  3.684   1.00 30.32 ? 34  PRO A C   1 
ATOM   280  O O   . PRO A 1 34  ? -10.293 -3.960  3.538   1.00 28.74 ? 34  PRO A O   1 
ATOM   281  C CB  . PRO A 1 34  ? -11.338 -5.095  6.164   1.00 28.25 ? 34  PRO A CB  1 
ATOM   282  C CG  . PRO A 1 34  ? -10.573 -6.112  6.918   1.00 28.69 ? 34  PRO A CG  1 
ATOM   283  C CD  . PRO A 1 34  ? -9.531  -6.592  5.935   1.00 28.37 ? 34  PRO A CD  1 
ATOM   284  N N   . PRO A 1 35  ? -12.452 -4.318  2.945   1.00 31.07 ? 35  PRO A N   1 
ATOM   285  C CA  . PRO A 1 35  ? -12.500 -3.327  1.878   1.00 31.17 ? 35  PRO A CA  1 
ATOM   286  C C   . PRO A 1 35  ? -12.005 -1.958  2.290   1.00 32.09 ? 35  PRO A C   1 
ATOM   287  O O   . PRO A 1 35  ? -11.229 -1.328  1.554   1.00 32.62 ? 35  PRO A O   1 
ATOM   288  C CB  . PRO A 1 35  ? -13.956 -3.380  1.425   1.00 31.82 ? 35  PRO A CB  1 
ATOM   289  C CG  . PRO A 1 35  ? -14.666 -3.695  2.709   1.00 33.85 ? 35  PRO A CG  1 
ATOM   290  C CD  . PRO A 1 35  ? -13.809 -4.778  3.291   1.00 32.31 ? 35  PRO A CD  1 
ATOM   291  N N   A HIS A 1 36  ? -12.427 -1.474  3.444   0.50 31.92 ? 36  HIS A N   1 
ATOM   292  N N   B HIS A 1 36  ? -12.403 -1.520  3.487   0.50 30.96 ? 36  HIS A N   1 
ATOM   293  C CA  A HIS A 1 36  ? -11.962 -0.177  3.847   0.50 31.54 ? 36  HIS A CA  1 
ATOM   294  C CA  B HIS A 1 36  ? -11.973 -0.236  4.013   0.50 29.79 ? 36  HIS A CA  1 
ATOM   295  C C   A HIS A 1 36  ? -10.457 -0.169  4.225   0.50 31.05 ? 36  HIS A C   1 
ATOM   296  C C   B HIS A 1 36  ? -10.465 -0.186  4.290   0.50 29.97 ? 36  HIS A C   1 
ATOM   297  O O   A HIS A 1 36  ? -9.886  0.891   4.490   0.50 31.05 ? 36  HIS A O   1 
ATOM   298  O O   B HIS A 1 36  ? -9.897  0.879   4.535   0.50 30.13 ? 36  HIS A O   1 
ATOM   299  C CB  A HIS A 1 36  ? -12.876 0.341   4.955   0.50 33.98 ? 36  HIS A CB  1 
ATOM   300  C CB  B HIS A 1 36  ? -12.738 0.120   5.307   0.50 29.91 ? 36  HIS A CB  1 
ATOM   301  C CG  A HIS A 1 36  ? -14.276 0.633   4.487   0.50 35.31 ? 36  HIS A CG  1 
ATOM   302  C CG  B HIS A 1 36  ? -12.420 -0.748  6.497   0.50 28.12 ? 36  HIS A CG  1 
ATOM   303  N ND1 A HIS A 1 36  ? -15.339 0.793   5.355   0.50 35.44 ? 36  HIS A ND1 1 
ATOM   304  N ND1 B HIS A 1 36  ? -13.048 -1.959  6.730   0.50 27.68 ? 36  HIS A ND1 1 
ATOM   305  C CD2 A HIS A 1 36  ? -14.772 0.841   3.242   0.50 35.70 ? 36  HIS A CD2 1 
ATOM   306  C CD2 B HIS A 1 36  ? -11.583 -0.546  7.549   0.50 27.06 ? 36  HIS A CD2 1 
ATOM   307  C CE1 A HIS A 1 36  ? -16.426 1.093   4.662   0.50 36.87 ? 36  HIS A CE1 1 
ATOM   308  C CE1 B HIS A 1 36  ? -12.611 -2.461  7.878   0.50 27.82 ? 36  HIS A CE1 1 
ATOM   309  N NE2 A HIS A 1 36  ? -16.107 1.128   3.376   0.50 36.17 ? 36  HIS A NE2 1 
ATOM   310  N NE2 B HIS A 1 36  ? -11.723 -1.626  8.394   0.50 25.82 ? 36  HIS A NE2 1 
ATOM   311  N N   . GLN A 1 37  ? -9.805  -1.329  4.259   1.00 29.28 ? 37  GLN A N   1 
ATOM   312  C CA  . GLN A 1 37  ? -8.355  -1.343  4.521   1.00 29.21 ? 37  GLN A CA  1 
ATOM   313  C C   . GLN A 1 37  ? -7.603  -1.589  3.200   1.00 27.88 ? 37  GLN A C   1 
ATOM   314  O O   . GLN A 1 37  ? -6.369  -1.526  3.152   1.00 27.65 ? 37  GLN A O   1 
ATOM   315  C CB  . GLN A 1 37  ? -7.926  -2.435  5.512   1.00 28.24 ? 37  GLN A CB  1 
ATOM   316  C CG  . GLN A 1 37  ? -8.578  -2.320  6.875   1.00 29.81 ? 37  GLN A CG  1 
ATOM   317  C CD  . GLN A 1 37  ? -7.845  -3.134  7.951   1.00 28.67 ? 37  GLN A CD  1 
ATOM   318  O OE1 . GLN A 1 37  ? -7.468  -4.292  7.759   1.00 28.89 ? 37  GLN A OE1 1 
ATOM   319  N NE2 . GLN A 1 37  ? -7.660  -2.525  9.073   1.00 26.03 ? 37  GLN A NE2 1 
ATOM   320  N N   . LEU A 1 38  ? -8.343  -1.886  2.127   1.00 26.20 ? 38  LEU A N   1 
ATOM   321  C CA  . LEU A 1 38  ? -7.666  -2.144  0.870   1.00 23.42 ? 38  LEU A CA  1 
ATOM   322  C C   . LEU A 1 38  ? -6.818  -0.899  0.570   1.00 22.63 ? 38  LEU A C   1 
ATOM   323  O O   . LEU A 1 38  ? -7.266  0.221   0.756   1.00 21.87 ? 38  LEU A O   1 
ATOM   324  C CB  . LEU A 1 38  ? -8.682  -2.475  -0.213  1.00 21.52 ? 38  LEU A CB  1 
ATOM   325  C CG  . LEU A 1 38  ? -9.277  -3.915  -0.281  1.00 21.67 ? 38  LEU A CG  1 
ATOM   326  C CD1 . LEU A 1 38  ? -10.371 -3.863  -1.387  1.00 20.28 ? 38  LEU A CD1 1 
ATOM   327  C CD2 . LEU A 1 38  ? -8.256  -5.061  -0.637  1.00 16.57 ? 38  LEU A CD2 1 
ATOM   328  N N   . HIS A 1 39  ? -5.571  -1.091  0.150   1.00 22.51 ? 39  HIS A N   1 
ATOM   329  C CA  . HIS A 1 39  ? -4.684  0.060   -0.090  1.00 21.88 ? 39  HIS A CA  1 
ATOM   330  C C   . HIS A 1 39  ? -3.347  -0.319  -0.767  1.00 21.06 ? 39  HIS A C   1 
ATOM   331  O O   . HIS A 1 39  ? -2.910  -1.472  -0.720  1.00 22.74 ? 39  HIS A O   1 
ATOM   332  C CB  . HIS A 1 39  ? -4.360  0.689   1.259   1.00 19.66 ? 39  HIS A CB  1 
ATOM   333  C CG  . HIS A 1 39  ? -3.356  -0.105  2.031   1.00 19.86 ? 39  HIS A CG  1 
ATOM   334  N ND1 . HIS A 1 39  ? -3.704  -1.213  2.776   1.00 20.19 ? 39  HIS A ND1 1 
ATOM   335  C CD2 . HIS A 1 39  ? -2.001  0.001   2.112   1.00 19.21 ? 39  HIS A CD2 1 
ATOM   336  C CE1 . HIS A 1 39  ? -2.604  -1.753  3.288   1.00 21.33 ? 39  HIS A CE1 1 
ATOM   337  N NE2 . HIS A 1 39  ? -1.560  -1.039  2.897   1.00 20.35 ? 39  HIS A NE2 1 
ATOM   338  N N   . LEU A 1 40  ? -2.671  0.664   -1.329  1.00 19.37 ? 40  LEU A N   1 
ATOM   339  C CA  . LEU A 1 40  ? -1.353  0.422   -1.956  1.00 19.31 ? 40  LEU A CA  1 
ATOM   340  C C   . LEU A 1 40  ? -0.327  1.163   -1.110  1.00 19.44 ? 40  LEU A C   1 
ATOM   341  O O   . LEU A 1 40  ? -0.393  2.399   -0.986  1.00 22.32 ? 40  LEU A O   1 
ATOM   342  C CB  . LEU A 1 40  ? -1.304  0.989   -3.384  1.00 17.90 ? 40  LEU A CB  1 
ATOM   343  C CG  . LEU A 1 40  ? -0.042  0.706   -4.193  1.00 19.03 ? 40  LEU A CG  1 
ATOM   344  C CD1 . LEU A 1 40  ? -0.360  0.540   -5.740  1.00 16.78 ? 40  LEU A CD1 1 
ATOM   345  C CD2 . LEU A 1 40  ? 0.922   1.880   -3.945  1.00 19.64 ? 40  LEU A CD2 1 
ATOM   346  N N   . THR A 1 41  ? 0.611   0.440   -0.527  1.00 18.76 ? 41  THR A N   1 
ATOM   347  C CA  . THR A 1 41  ? 1.642   1.080   0.303   1.00 19.59 ? 41  THR A CA  1 
ATOM   348  C C   . THR A 1 41  ? 2.785   1.729   -0.483  1.00 18.96 ? 41  THR A C   1 
ATOM   349  O O   . THR A 1 41  ? 3.337   1.135   -1.358  1.00 18.28 ? 41  THR A O   1 
ATOM   350  C CB  . THR A 1 41  ? 2.228   0.054   1.285   1.00 20.44 ? 41  THR A CB  1 
ATOM   351  O OG1 . THR A 1 41  ? 1.157   -0.453  2.118   1.00 20.19 ? 41  THR A OG1 1 
ATOM   352  C CG2 . THR A 1 41  ? 3.325   0.690   2.137   1.00 17.58 ? 41  THR A CG2 1 
ATOM   353  N N   . LEU A 1 42  ? 3.124   2.978   -0.224  1.00 19.79 ? 42  LEU A N   1 
ATOM   354  C CA  . LEU A 1 42  ? 4.237   3.539   -0.999  1.00 18.73 ? 42  LEU A CA  1 
ATOM   355  C C   . LEU A 1 42  ? 5.563   3.337   -0.276  1.00 19.26 ? 42  LEU A C   1 
ATOM   356  O O   . LEU A 1 42  ? 6.610   3.206   -0.897  1.00 20.75 ? 42  LEU A O   1 
ATOM   357  C CB  . LEU A 1 42  ? 4.017   4.995   -1.271  1.00 16.89 ? 42  LEU A CB  1 
ATOM   358  C CG  . LEU A 1 42  ? 2.685   5.276   -1.934  1.00 16.75 ? 42  LEU A CG  1 
ATOM   359  C CD1 . LEU A 1 42  ? 2.181   6.644   -1.474  1.00 16.90 ? 42  LEU A CD1 1 
ATOM   360  C CD2 . LEU A 1 42  ? 2.863   5.224   -3.433  1.00 14.80 ? 42  LEU A CD2 1 
ATOM   361  N N   . LEU A 1 43  ? 5.504   3.256   1.034   1.00 19.17 ? 43  LEU A N   1 
ATOM   362  C CA  . LEU A 1 43  ? 6.704   3.079   1.835   1.00 20.85 ? 43  LEU A CA  1 
ATOM   363  C C   . LEU A 1 43  ? 6.336   2.677   3.254   1.00 21.04 ? 43  LEU A C   1 
ATOM   364  O O   . LEU A 1 43  ? 5.646   3.431   3.908   1.00 21.37 ? 43  LEU A O   1 
ATOM   365  C CB  . LEU A 1 43  ? 7.486   4.380   1.888   1.00 20.29 ? 43  LEU A CB  1 
ATOM   366  C CG  . LEU A 1 43  ? 8.730   4.314   2.781   1.00 21.43 ? 43  LEU A CG  1 
ATOM   367  C CD1 . LEU A 1 43  ? 9.648   3.305   2.173   1.00 20.01 ? 43  LEU A CD1 1 
ATOM   368  C CD2 . LEU A 1 43  ? 9.456   5.732   2.880   1.00 20.16 ? 43  LEU A CD2 1 
ATOM   369  N N   . PHE A 1 44  ? 6.754   1.485   3.698   1.00 21.49 ? 44  PHE A N   1 
ATOM   370  C CA  . PHE A 1 44  ? 6.497   1.003   5.066   1.00 21.56 ? 44  PHE A CA  1 
ATOM   371  C C   . PHE A 1 44  ? 7.659   1.495   5.975   1.00 22.54 ? 44  PHE A C   1 
ATOM   372  O O   . PHE A 1 44  ? 8.826   1.431   5.593   1.00 24.01 ? 44  PHE A O   1 
ATOM   373  C CB  . PHE A 1 44  ? 6.388   -0.515  5.018   1.00 20.82 ? 44  PHE A CB  1 
ATOM   374  C CG  . PHE A 1 44  ? 6.299   -1.162  6.328   1.00 20.10 ? 44  PHE A CG  1 
ATOM   375  C CD1 . PHE A 1 44  ? 5.163   -1.028  7.105   1.00 19.21 ? 44  PHE A CD1 1 
ATOM   376  C CD2 . PHE A 1 44  ? 7.361   -1.939  6.803   1.00 20.34 ? 44  PHE A CD2 1 
ATOM   377  C CE1 . PHE A 1 44  ? 5.070   -1.657  8.347   1.00 17.27 ? 44  PHE A CE1 1 
ATOM   378  C CE2 . PHE A 1 44  ? 7.278   -2.582  8.047   1.00 18.33 ? 44  PHE A CE2 1 
ATOM   379  C CZ  . PHE A 1 44  ? 6.121   -2.436  8.822   1.00 18.32 ? 44  PHE A CZ  1 
ATOM   380  N N   . LEU A 1 45  ? 7.344   2.038   7.145   1.00 21.95 ? 45  LEU A N   1 
ATOM   381  C CA  . LEU A 1 45  ? 8.377   2.558   8.034   1.00 21.98 ? 45  LEU A CA  1 
ATOM   382  C C   . LEU A 1 45  ? 8.722   1.687   9.264   1.00 21.83 ? 45  LEU A C   1 
ATOM   383  O O   . LEU A 1 45  ? 9.757   1.862   9.884   1.00 20.41 ? 45  LEU A O   1 
ATOM   384  C CB  . LEU A 1 45  ? 8.013   3.994   8.486   1.00 21.79 ? 45  LEU A CB  1 
ATOM   385  C CG  . LEU A 1 45  ? 7.877   5.113   7.431   1.00 22.56 ? 45  LEU A CG  1 
ATOM   386  C CD1 . LEU A 1 45  ? 7.590   6.413   8.208   1.00 21.81 ? 45  LEU A CD1 1 
ATOM   387  C CD2 . LEU A 1 45  ? 9.111   5.299   6.532   1.00 19.53 ? 45  LEU A CD2 1 
ATOM   388  N N   . GLY A 1 46  ? 7.875   0.713   9.582   1.00 23.91 ? 46  GLY A N   1 
ATOM   389  C CA  . GLY A 1 46  ? 8.138   -0.140  10.726  1.00 24.90 ? 46  GLY A CA  1 
ATOM   390  C C   . GLY A 1 46  ? 7.809   0.613   11.996  1.00 25.94 ? 46  GLY A C   1 
ATOM   391  O O   . GLY A 1 46  ? 6.949   1.481   11.976  1.00 27.08 ? 46  GLY A O   1 
ATOM   392  N N   . GLU A 1 47  ? 8.497   0.288   13.090  1.00 27.25 ? 47  GLU A N   1 
ATOM   393  C CA  . GLU A 1 47  ? 8.318   0.938   14.401  1.00 26.88 ? 47  GLU A CA  1 
ATOM   394  C C   . GLU A 1 47  ? 9.146   2.193   14.453  1.00 24.31 ? 47  GLU A C   1 
ATOM   395  O O   . GLU A 1 47  ? 10.373  2.157   14.325  1.00 22.51 ? 47  GLU A O   1 
ATOM   396  C CB  . GLU A 1 47  ? 8.800   0.039   15.517  1.00 29.06 ? 47  GLU A CB  1 
ATOM   397  C CG  . GLU A 1 47  ? 7.701   -0.663  16.224  1.00 34.88 ? 47  GLU A CG  1 
ATOM   398  C CD  . GLU A 1 47  ? 6.639   0.290   16.767  1.00 37.06 ? 47  GLU A CD  1 
ATOM   399  O OE1 . GLU A 1 47  ? 6.995   1.363   17.359  1.00 34.40 ? 47  GLU A OE1 1 
ATOM   400  O OE2 . GLU A 1 47  ? 5.445   -0.085  16.600  1.00 37.47 ? 47  GLU A OE2 1 
ATOM   401  N N   . ARG A 1 48  ? 8.466   3.311   14.627  1.00 23.67 ? 48  ARG A N   1 
ATOM   402  C CA  . ARG A 1 48  ? 9.129   4.613   14.676  1.00 23.20 ? 48  ARG A CA  1 
ATOM   403  C C   . ARG A 1 48  ? 8.804   5.355   15.962  1.00 22.48 ? 48  ARG A C   1 
ATOM   404  O O   . ARG A 1 48  ? 7.688   5.218   16.488  1.00 22.63 ? 48  ARG A O   1 
ATOM   405  C CB  . ARG A 1 48  ? 8.707   5.410   13.463  1.00 21.06 ? 48  ARG A CB  1 
ATOM   406  C CG  . ARG A 1 48  ? 9.225   4.750   12.184  1.00 23.55 ? 48  ARG A CG  1 
ATOM   407  C CD  . ARG A 1 48  ? 10.645  5.217   11.979  1.00 25.48 ? 48  ARG A CD  1 
ATOM   408  N NE  . ARG A 1 48  ? 11.604  4.161   12.160  1.00 26.01 ? 48  ARG A NE  1 
ATOM   409  C CZ  . ARG A 1 48  ? 12.873  4.323   12.548  1.00 25.33 ? 48  ARG A CZ  1 
ATOM   410  N NH1 . ARG A 1 48  ? 13.377  5.512   12.825  1.00 21.22 ? 48  ARG A NH1 1 
ATOM   411  N NH2 . ARG A 1 48  ? 13.643  3.244   12.627  1.00 23.55 ? 48  ARG A NH2 1 
ATOM   412  N N   . PRO A 1 49  ? 9.798   6.047   16.538  1.00 21.19 ? 49  PRO A N   1 
ATOM   413  C CA  . PRO A 1 49  ? 9.549   6.812   17.778  1.00 22.10 ? 49  PRO A CA  1 
ATOM   414  C C   . PRO A 1 49  ? 8.679   8.047   17.504  1.00 21.44 ? 49  PRO A C   1 
ATOM   415  O O   . PRO A 1 49  ? 8.860   8.738   16.506  1.00 24.02 ? 49  PRO A O   1 
ATOM   416  C CB  . PRO A 1 49  ? 10.981  7.200   18.284  1.00 19.89 ? 49  PRO A CB  1 
ATOM   417  C CG  . PRO A 1 49  ? 11.857  7.062   17.075  1.00 19.70 ? 49  PRO A CG  1 
ATOM   418  C CD  . PRO A 1 49  ? 11.249  5.851   16.348  1.00 20.48 ? 49  PRO A CD  1 
ATOM   419  N N   . GLU A 1 50  ? 7.755   8.303   18.408  1.00 22.44 ? 50  GLU A N   1 
ATOM   420  C CA  . GLU A 1 50  ? 6.837   9.437   18.346  1.00 23.77 ? 50  GLU A CA  1 
ATOM   421  C C   . GLU A 1 50  ? 7.559   10.747  17.998  1.00 23.72 ? 50  GLU A C   1 
ATOM   422  O O   . GLU A 1 50  ? 6.981   11.641  17.377  1.00 21.06 ? 50  GLU A O   1 
ATOM   423  C CB  . GLU A 1 50  ? 6.112   9.607   19.710  1.00 23.08 ? 50  GLU A CB  1 
ATOM   424  C CG  . GLU A 1 50  ? 5.084   8.533   19.965  1.00 26.31 ? 50  GLU A CG  1 
ATOM   425  C CD  . GLU A 1 50  ? 4.511   8.545   21.389  1.00 27.53 ? 50  GLU A CD  1 
ATOM   426  O OE1 . GLU A 1 50  ? 3.410   7.986   21.526  1.00 27.44 ? 50  GLU A OE1 1 
ATOM   427  O OE2 . GLU A 1 50  ? 5.140   9.103   22.340  1.00 26.27 ? 50  GLU A OE2 1 
ATOM   428  N N   . GLU A 1 51  ? 8.806   10.855  18.422  1.00 23.23 ? 51  GLU A N   1 
ATOM   429  C CA  . GLU A 1 51  ? 9.520   12.059  18.169  1.00 26.14 ? 51  GLU A CA  1 
ATOM   430  C C   . GLU A 1 51  ? 9.643   12.352  16.681  1.00 26.02 ? 51  GLU A C   1 
ATOM   431  O O   . GLU A 1 51  ? 9.826   13.483  16.303  1.00 26.46 ? 51  GLU A O   1 
ATOM   432  C CB  . GLU A 1 51  ? 10.892  11.965  18.847  1.00 30.65 ? 51  GLU A CB  1 
ATOM   433  C CG  . GLU A 1 51  ? 11.779  13.200  18.652  1.00 37.34 ? 51  GLU A CG  1 
ATOM   434  C CD  . GLU A 1 51  ? 12.751  13.061  17.462  1.00 40.72 ? 51  GLU A CD  1 
ATOM   435  O OE1 . GLU A 1 51  ? 13.208  11.901  17.233  1.00 41.44 ? 51  GLU A OE1 1 
ATOM   436  O OE2 . GLU A 1 51  ? 13.075  14.096  16.788  1.00 41.77 ? 51  GLU A OE2 1 
ATOM   437  N N   . GLU A 1 52  ? 9.506   11.339  15.827  1.00 25.43 ? 52  GLU A N   1 
ATOM   438  C CA  . GLU A 1 52  ? 9.657   11.528  14.384  1.00 24.50 ? 52  GLU A CA  1 
ATOM   439  C C   . GLU A 1 52  ? 8.359   11.903  13.612  1.00 23.78 ? 52  GLU A C   1 
ATOM   440  O O   . GLU A 1 52  ? 8.422   12.240  12.415  1.00 22.88 ? 52  GLU A O   1 
ATOM   441  C CB  . GLU A 1 52  ? 10.269  10.246  13.760  1.00 24.64 ? 52  GLU A CB  1 
ATOM   442  C CG  . GLU A 1 52  ? 11.741  9.993   14.011  1.00 23.04 ? 52  GLU A CG  1 
ATOM   443  C CD  . GLU A 1 52  ? 12.189  8.508   13.703  1.00 24.28 ? 52  GLU A CD  1 
ATOM   444  O OE1 . GLU A 1 52  ? 11.542  7.769   12.876  1.00 18.71 ? 52  GLU A OE1 1 
ATOM   445  O OE2 . GLU A 1 52  ? 13.228  8.108   14.293  1.00 18.28 ? 52  GLU A OE2 1 
ATOM   446  N N   . LEU A 1 53  ? 7.204   11.812  14.264  1.00 21.71 ? 53  LEU A N   1 
ATOM   447  C CA  . LEU A 1 53  ? 5.930   12.156  13.614  1.00 22.98 ? 53  LEU A CA  1 
ATOM   448  C C   . LEU A 1 53  ? 5.925   13.401  12.742  1.00 21.01 ? 53  LEU A C   1 
ATOM   449  O O   . LEU A 1 53  ? 5.527   13.371  11.581  1.00 21.03 ? 53  LEU A O   1 
ATOM   450  C CB  . LEU A 1 53  ? 4.836   12.347  14.640  1.00 25.04 ? 53  LEU A CB  1 
ATOM   451  C CG  . LEU A 1 53  ? 3.848   11.233  14.840  1.00 29.42 ? 53  LEU A CG  1 
ATOM   452  C CD1 . LEU A 1 53  ? 4.391   9.985   14.192  1.00 32.28 ? 53  LEU A CD1 1 
ATOM   453  C CD2 . LEU A 1 53  ? 3.597   11.013  16.344  1.00 29.50 ? 53  LEU A CD2 1 
ATOM   454  N N   . PRO A 1 54  ? 6.332   14.522  13.321  1.00 19.00 ? 54  PRO A N   1 
ATOM   455  C CA  . PRO A 1 54  ? 6.379   15.796  12.603  1.00 18.92 ? 54  PRO A CA  1 
ATOM   456  C C   . PRO A 1 54  ? 7.138   15.701  11.285  1.00 18.74 ? 54  PRO A C   1 
ATOM   457  O O   . PRO A 1 54  ? 6.757   16.339  10.287  1.00 20.48 ? 54  PRO A O   1 
ATOM   458  C CB  . PRO A 1 54  ? 7.099   16.730  13.594  1.00 15.22 ? 54  PRO A CB  1 
ATOM   459  C CG  . PRO A 1 54  ? 6.786   16.126  14.902  1.00 18.16 ? 54  PRO A CG  1 
ATOM   460  C CD  . PRO A 1 54  ? 6.914   14.652  14.669  1.00 17.27 ? 54  PRO A CD  1 
ATOM   461  N N   . ASP A 1 55  ? 8.253   14.978  11.318  1.00 18.31 ? 55  ASP A N   1 
ATOM   462  C CA  . ASP A 1 55  ? 9.108   14.777  10.144  1.00 19.13 ? 55  ASP A CA  1 
ATOM   463  C C   . ASP A 1 55  ? 8.383   13.957  9.120   1.00 18.68 ? 55  ASP A C   1 
ATOM   464  O O   . ASP A 1 55  ? 8.365   14.308  7.962   1.00 20.78 ? 55  ASP A O   1 
ATOM   465  C CB  . ASP A 1 55  ? 10.417  14.097  10.547  1.00 23.74 ? 55  ASP A CB  1 
ATOM   466  C CG  . ASP A 1 55  ? 11.235  14.951  11.492  1.00 24.70 ? 55  ASP A CG  1 
ATOM   467  O OD1 . ASP A 1 55  ? 11.603  16.058  11.062  1.00 28.90 ? 55  ASP A OD1 1 
ATOM   468  O OD2 . ASP A 1 55  ? 11.487  14.558  12.642  1.00 24.33 ? 55  ASP A OD2 1 
ATOM   469  N N   . TYR A 1 56  ? 7.762   12.866  9.512   1.00 17.95 ? 56  TYR A N   1 
ATOM   470  C CA  . TYR A 1 56  ? 6.985   12.158  8.502   1.00 19.10 ? 56  TYR A CA  1 
ATOM   471  C C   . TYR A 1 56  ? 5.802   13.024  7.955   1.00 19.02 ? 56  TYR A C   1 
ATOM   472  O O   . TYR A 1 56  ? 5.452   12.966  6.767   1.00 19.03 ? 56  TYR A O   1 
ATOM   473  C CB  . TYR A 1 56  ? 6.521   10.830  9.083   1.00 17.31 ? 56  TYR A CB  1 
ATOM   474  C CG  . TYR A 1 56  ? 7.744   9.974   9.417   1.00 18.32 ? 56  TYR A CG  1 
ATOM   475  C CD1 . TYR A 1 56  ? 7.923   9.425   10.706  1.00 16.70 ? 56  TYR A CD1 1 
ATOM   476  C CD2 . TYR A 1 56  ? 8.717   9.738   8.448   1.00 15.31 ? 56  TYR A CD2 1 
ATOM   477  C CE1 . TYR A 1 56  ? 9.016   8.681   11.010  1.00 17.98 ? 56  TYR A CE1 1 
ATOM   478  C CE2 . TYR A 1 56  ? 9.810   9.000   8.726   1.00 17.33 ? 56  TYR A CE2 1 
ATOM   479  C CZ  . TYR A 1 56  ? 9.983   8.457   10.005  1.00 19.62 ? 56  TYR A CZ  1 
ATOM   480  O OH  . TYR A 1 56  ? 11.100  7.674   10.275  1.00 18.04 ? 56  TYR A OH  1 
ATOM   481  N N   . LEU A 1 57  ? 5.216   13.848  8.816   1.00 19.17 ? 57  LEU A N   1 
ATOM   482  C CA  . LEU A 1 57  ? 4.132   14.754  8.421   1.00 19.02 ? 57  LEU A CA  1 
ATOM   483  C C   . LEU A 1 57  ? 4.647   15.792  7.459   1.00 18.89 ? 57  LEU A C   1 
ATOM   484  O O   . LEU A 1 57  ? 4.027   16.041  6.401   1.00 22.37 ? 57  LEU A O   1 
ATOM   485  C CB  . LEU A 1 57  ? 3.498   15.447  9.657   1.00 16.77 ? 57  LEU A CB  1 
ATOM   486  C CG  . LEU A 1 57  ? 2.642   14.481  10.520  1.00 18.43 ? 57  LEU A CG  1 
ATOM   487  C CD1 . LEU A 1 57  ? 2.197   15.131  11.842  1.00 18.29 ? 57  LEU A CD1 1 
ATOM   488  C CD2 . LEU A 1 57  ? 1.391   14.004  9.731   1.00 17.44 ? 57  LEU A CD2 1 
ATOM   489  N N   . ALA A 1 58  ? 5.794   16.377  7.779   1.00 17.55 ? 58  ALA A N   1 
ATOM   490  C CA  . ALA A 1 58  ? 6.336   17.419  6.924   1.00 17.30 ? 58  ALA A CA  1 
ATOM   491  C C   . ALA A 1 58  ? 6.753   16.841  5.543   1.00 18.15 ? 58  ALA A C   1 
ATOM   492  O O   . ALA A 1 58  ? 6.539   17.434  4.451   1.00 16.85 ? 58  ALA A O   1 
ATOM   493  C CB  . ALA A 1 58  ? 7.495   18.086  7.647   1.00 16.82 ? 58  ALA A CB  1 
ATOM   494  N N   . LEU A 1 59  ? 7.330   15.652  5.610   1.00 18.32 ? 59  LEU A N   1 
ATOM   495  C CA  . LEU A 1 59  ? 7.718   14.976  4.425   1.00 17.93 ? 59  LEU A CA  1 
ATOM   496  C C   . LEU A 1 59  ? 6.487   14.783  3.544   1.00 18.13 ? 59  LEU A C   1 
ATOM   497  O O   . LEU A 1 59  ? 6.537   15.010  2.323   1.00 19.37 ? 59  LEU A O   1 
ATOM   498  C CB  . LEU A 1 59  ? 8.341   13.664  4.777   1.00 18.32 ? 59  LEU A CB  1 
ATOM   499  C CG  . LEU A 1 59  ? 8.826   12.860  3.564   1.00 21.41 ? 59  LEU A CG  1 
ATOM   500  C CD1 . LEU A 1 59  ? 9.569   13.757  2.574   1.00 19.33 ? 59  LEU A CD1 1 
ATOM   501  C CD2 . LEU A 1 59  ? 9.744   11.766  4.051   1.00 19.16 ? 59  LEU A CD2 1 
ATOM   502  N N   . GLY A 1 60  ? 5.366   14.432  4.149   1.00 17.60 ? 60  GLY A N   1 
ATOM   503  C CA  . GLY A 1 60  ? 4.157   14.225  3.347   1.00 17.03 ? 60  GLY A CA  1 
ATOM   504  C C   . GLY A 1 60  ? 3.706   15.533  2.685   1.00 19.95 ? 60  GLY A C   1 
ATOM   505  O O   . GLY A 1 60  ? 3.417   15.579  1.463   1.00 17.15 ? 60  GLY A O   1 
ATOM   506  N N   . HIS A 1 61  ? 3.654   16.617  3.485   1.00 19.84 ? 61  HIS A N   1 
ATOM   507  C CA  . HIS A 1 61  ? 3.227   17.887  2.918   1.00 19.67 ? 61  HIS A CA  1 
ATOM   508  C C   . HIS A 1 61  ? 4.185   18.304  1.810   1.00 20.06 ? 61  HIS A C   1 
ATOM   509  O O   . HIS A 1 61  ? 3.755   18.783  0.770   1.00 20.12 ? 61  HIS A O   1 
ATOM   510  C CB  . HIS A 1 61  ? 3.130   18.998  3.988   1.00 17.55 ? 61  HIS A CB  1 
ATOM   511  C CG  . HIS A 1 61  ? 2.194   18.693  5.117   1.00 16.31 ? 61  HIS A CG  1 
ATOM   512  N ND1 . HIS A 1 61  ? 0.817   18.627  4.962   1.00 17.27 ? 61  HIS A ND1 1 
ATOM   513  C CD2 . HIS A 1 61  ? 2.435   18.462  6.430   1.00 13.26 ? 61  HIS A CD2 1 
ATOM   514  C CE1 . HIS A 1 61  ? 0.256   18.378  6.133   1.00 14.75 ? 61  HIS A CE1 1 
ATOM   515  N NE2 . HIS A 1 61  ? 1.218   18.273  7.036   1.00 16.90 ? 61  HIS A NE2 1 
ATOM   516  N N   . ARG A 1 62  ? 5.479   18.126  2.020   1.00 22.48 ? 62  ARG A N   1 
ATOM   517  C CA  . ARG A 1 62  ? 6.447   18.507  0.965   1.00 25.95 ? 62  ARG A CA  1 
ATOM   518  C C   . ARG A 1 62  ? 6.205   17.755  -0.361  1.00 25.91 ? 62  ARG A C   1 
ATOM   519  O O   . ARG A 1 62  ? 6.047   18.352  -1.425  1.00 25.92 ? 62  ARG A O   1 
ATOM   520  C CB  . ARG A 1 62  ? 7.871   18.237  1.424   1.00 28.15 ? 62  ARG A CB  1 
ATOM   521  C CG  . ARG A 1 62  ? 8.579   19.459  1.788   1.00 35.64 ? 62  ARG A CG  1 
ATOM   522  C CD  . ARG A 1 62  ? 9.886   19.121  2.488   1.00 39.46 ? 62  ARG A CD  1 
ATOM   523  N NE  . ARG A 1 62  ? 10.948  18.872  1.529   1.00 43.73 ? 62  ARG A NE  1 
ATOM   524  C CZ  . ARG A 1 62  ? 11.937  17.997  1.705   1.00 46.54 ? 62  ARG A CZ  1 
ATOM   525  N NH1 . ARG A 1 62  ? 11.991  17.263  2.828   1.00 47.67 ? 62  ARG A NH1 1 
ATOM   526  N NH2 . ARG A 1 62  ? 12.875  17.868  0.756   1.00 46.10 ? 62  ARG A NH2 1 
ATOM   527  N N   . LEU A 1 63  ? 6.185   16.432  -0.281  1.00 25.04 ? 63  LEU A N   1 
ATOM   528  C CA  . LEU A 1 63  ? 5.974   15.667  -1.465  1.00 25.37 ? 63  LEU A CA  1 
ATOM   529  C C   . LEU A 1 63  ? 4.662   16.022  -2.091  1.00 25.57 ? 63  LEU A C   1 
ATOM   530  O O   . LEU A 1 63  ? 4.611   16.184  -3.315  1.00 25.82 ? 63  LEU A O   1 
ATOM   531  C CB  . LEU A 1 63  ? 6.017   14.186  -1.157  1.00 24.43 ? 63  LEU A CB  1 
ATOM   532  C CG  . LEU A 1 63  ? 7.433   13.752  -1.016  1.00 24.33 ? 63  LEU A CG  1 
ATOM   533  C CD1 . LEU A 1 63  ? 7.413   12.267  -1.182  1.00 28.80 ? 63  LEU A CD1 1 
ATOM   534  C CD2 . LEU A 1 63  ? 8.282   14.361  -2.076  1.00 24.29 ? 63  LEU A CD2 1 
ATOM   535  N N   . ALA A 1 64  ? 3.604   16.147  -1.271  1.00 25.30 ? 64  ALA A N   1 
ATOM   536  C CA  . ALA A 1 64  ? 2.255   16.492  -1.811  1.00 26.12 ? 64  ALA A CA  1 
ATOM   537  C C   . ALA A 1 64  ? 2.234   17.744  -2.659  1.00 25.29 ? 64  ALA A C   1 
ATOM   538  O O   . ALA A 1 64  ? 1.542   17.764  -3.655  1.00 26.43 ? 64  ALA A O   1 
ATOM   539  C CB  . ALA A 1 64  ? 1.180   16.639  -0.676  1.00 23.13 ? 64  ALA A CB  1 
ATOM   540  N N   . ARG A 1 65  ? 2.953   18.789  -2.255  1.00 26.95 ? 65  ARG A N   1 
ATOM   541  C CA  . ARG A 1 65  ? 2.948   20.035  -3.035  1.00 30.15 ? 65  ARG A CA  1 
ATOM   542  C C   . ARG A 1 65  ? 3.824   20.002  -4.294  1.00 30.35 ? 65  ARG A C   1 
ATOM   543  O O   . ARG A 1 65  ? 3.660   20.831  -5.181  1.00 32.51 ? 65  ARG A O   1 
ATOM   544  C CB  . ARG A 1 65  ? 3.292   21.274  -2.159  1.00 29.84 ? 65  ARG A CB  1 
ATOM   545  C CG  . ARG A 1 65  ? 4.619   21.233  -1.470  1.00 34.89 ? 65  ARG A CG  1 
ATOM   546  C CD  . ARG A 1 65  ? 4.797   22.455  -0.540  1.00 38.77 ? 65  ARG A CD  1 
ATOM   547  N NE  . ARG A 1 65  ? 5.779   23.427  -1.059  1.00 45.44 ? 65  ARG A NE  1 
ATOM   548  C CZ  . ARG A 1 65  ? 7.086   23.167  -1.248  1.00 48.98 ? 65  ARG A CZ  1 
ATOM   549  N NH1 . ARG A 1 65  ? 7.609   21.948  -0.968  1.00 48.31 ? 65  ARG A NH1 1 
ATOM   550  N NH2 . ARG A 1 65  ? 7.885   24.132  -1.712  1.00 49.77 ? 65  ARG A NH2 1 
ATOM   551  N N   . LEU A 1 66  ? 4.703   19.020  -4.406  1.00 28.76 ? 66  LEU A N   1 
ATOM   552  C CA  . LEU A 1 66  ? 5.557   18.920  -5.566  1.00 27.20 ? 66  LEU A CA  1 
ATOM   553  C C   . LEU A 1 66  ? 4.990   18.041  -6.707  1.00 26.70 ? 66  LEU A C   1 
ATOM   554  O O   . LEU A 1 66  ? 5.377   18.186  -7.884  1.00 27.34 ? 66  LEU A O   1 
ATOM   555  C CB  . LEU A 1 66  ? 6.902   18.342  -5.124  1.00 26.19 ? 66  LEU A CB  1 
ATOM   556  C CG  . LEU A 1 66  ? 7.704   19.153  -4.100  1.00 23.89 ? 66  LEU A CG  1 
ATOM   557  C CD1 . LEU A 1 66  ? 8.867   18.344  -3.569  1.00 20.39 ? 66  LEU A CD1 1 
ATOM   558  C CD2 . LEU A 1 66  ? 8.206   20.401  -4.772  1.00 22.20 ? 66  LEU A CD2 1 
ATOM   559  N N   . GLU A 1 67  ? 4.091   17.117  -6.385  1.00 25.17 ? 67  GLU A N   1 
ATOM   560  C CA  . GLU A 1 67  ? 3.574   16.207  -7.423  1.00 23.70 ? 67  GLU A CA  1 
ATOM   561  C C   . GLU A 1 67  ? 2.101   16.379  -7.686  1.00 22.66 ? 67  GLU A C   1 
ATOM   562  O O   . GLU A 1 67  ? 1.325   16.630  -6.768  1.00 22.06 ? 67  GLU A O   1 
ATOM   563  C CB  . GLU A 1 67  ? 3.849   14.763  -7.041  1.00 23.56 ? 67  GLU A CB  1 
ATOM   564  C CG  . GLU A 1 67  ? 5.319   14.493  -6.883  1.00 25.31 ? 67  GLU A CG  1 
ATOM   565  C CD  . GLU A 1 67  ? 5.942   14.153  -8.194  1.00 27.34 ? 67  GLU A CD  1 
ATOM   566  O OE1 . GLU A 1 67  ? 5.603   13.097  -8.760  1.00 28.08 ? 67  GLU A OE1 1 
ATOM   567  O OE2 . GLU A 1 67  ? 6.759   14.928  -8.682  1.00 27.22 ? 67  GLU A OE2 1 
ATOM   568  N N   . ALA A 1 68  ? 1.747   16.289  -8.963  1.00 20.79 ? 68  ALA A N   1 
ATOM   569  C CA  . ALA A 1 68  ? 0.363   16.408  -9.415  1.00 20.15 ? 68  ALA A CA  1 
ATOM   570  C C   . ALA A 1 68  ? -0.469  15.080  -9.353  1.00 18.90 ? 68  ALA A C   1 
ATOM   571  O O   . ALA A 1 68  ? 0.062   14.005  -9.302  1.00 14.36 ? 68  ALA A O   1 
ATOM   572  C CB  . ALA A 1 68  ? 0.371   16.927  -10.845 1.00 15.57 ? 68  ALA A CB  1 
ATOM   573  N N   . PRO A 1 69  ? -1.805  15.193  -9.306  1.00 21.02 ? 69  PRO A N   1 
ATOM   574  C CA  . PRO A 1 69  ? -2.694  14.026  -9.280  1.00 21.85 ? 69  PRO A CA  1 
ATOM   575  C C   . PRO A 1 69  ? -2.320  13.297  -10.565 1.00 22.64 ? 69  PRO A C   1 
ATOM   576  O O   . PRO A 1 69  ? -1.997  13.915  -11.538 1.00 22.93 ? 69  PRO A O   1 
ATOM   577  C CB  . PRO A 1 69  ? -4.072  14.665  -9.374  1.00 21.47 ? 69  PRO A CB  1 
ATOM   578  C CG  . PRO A 1 69  ? -3.870  15.915  -8.502  1.00 17.99 ? 69  PRO A CG  1 
ATOM   579  C CD  . PRO A 1 69  ? -2.554  16.429  -8.987  1.00 20.12 ? 69  PRO A CD  1 
ATOM   580  N N   . PHE A 1 70  ? -2.327  11.979  -10.570 1.00 24.53 ? 70  PHE A N   1 
ATOM   581  C CA  . PHE A 1 70  ? -1.949  11.241  -11.775 1.00 24.29 ? 70  PHE A CA  1 
ATOM   582  C C   . PHE A 1 70  ? -2.913  10.045  -11.934 1.00 26.50 ? 70  PHE A C   1 
ATOM   583  O O   . PHE A 1 70  ? -3.528  9.648   -10.950 1.00 27.50 ? 70  PHE A O   1 
ATOM   584  C CB  . PHE A 1 70  ? -0.507  10.761  -11.620 1.00 17.87 ? 70  PHE A CB  1 
ATOM   585  C CG  . PHE A 1 70  ? -0.275  9.904   -10.394 1.00 15.93 ? 70  PHE A CG  1 
ATOM   586  C CD1 . PHE A 1 70  ? -0.549  8.547   -10.429 1.00 10.86 ? 70  PHE A CD1 1 
ATOM   587  C CD2 . PHE A 1 70  ? 0.259   10.478  -9.187  1.00 13.46 ? 70  PHE A CD2 1 
ATOM   588  C CE1 . PHE A 1 70  ? -0.291  7.721   -9.280  1.00 11.75 ? 70  PHE A CE1 1 
ATOM   589  C CE2 . PHE A 1 70  ? 0.525   9.671   -8.030  1.00 12.18 ? 70  PHE A CE2 1 
ATOM   590  C CZ  . PHE A 1 70  ? 0.244   8.261   -8.094  1.00 11.48 ? 70  PHE A CZ  1 
ATOM   591  N N   . ARG A 1 71  ? -3.047  9.486   -13.139 1.00 28.37 ? 71  ARG A N   1 
ATOM   592  C CA  . ARG A 1 71  ? -3.934  8.335   -13.324 1.00 30.03 ? 71  ARG A CA  1 
ATOM   593  C C   . ARG A 1 71  ? -3.201  7.026   -13.094 1.00 30.82 ? 71  ARG A C   1 
ATOM   594  O O   . ARG A 1 71  ? -2.036  6.886   -13.500 1.00 30.73 ? 71  ARG A O   1 
ATOM   595  C CB  . ARG A 1 71  ? -4.498  8.294   -14.738 1.00 33.48 ? 71  ARG A CB  1 
ATOM   596  C CG  . ARG A 1 71  ? -5.858  8.951   -14.908 1.00 37.67 ? 71  ARG A CG  1 
ATOM   597  C CD  . ARG A 1 71  ? -5.795  10.412  -15.339 1.00 41.53 ? 71  ARG A CD  1 
ATOM   598  N NE  . ARG A 1 71  ? -6.000  10.662  -16.765 1.00 43.47 ? 71  ARG A NE  1 
ATOM   599  C CZ  . ARG A 1 71  ? -5.118  10.349  -17.702 1.00 45.21 ? 71  ARG A CZ  1 
ATOM   600  N NH1 . ARG A 1 71  ? -3.984  9.771   -17.366 1.00 46.09 ? 71  ARG A NH1 1 
ATOM   601  N NH2 . ARG A 1 71  ? -5.362  10.628  -18.967 1.00 46.29 ? 71  ARG A NH2 1 
ATOM   602  N N   . ALA A 1 72  ? -3.861  6.081   -12.412 1.00 29.83 ? 72  ALA A N   1 
ATOM   603  C CA  . ALA A 1 72  ? -3.308  4.752   -12.180 1.00 28.23 ? 72  ALA A CA  1 
ATOM   604  C C   . ALA A 1 72  ? -4.294  3.804   -12.881 1.00 30.48 ? 72  ALA A C   1 
ATOM   605  O O   . ALA A 1 72  ? -5.479  4.145   -13.127 1.00 29.24 ? 72  ALA A O   1 
ATOM   606  C CB  . ALA A 1 72  ? -3.256  4.412   -10.711 1.00 25.95 ? 72  ALA A CB  1 
ATOM   607  N N   . ARG A 1 73  ? -3.782  2.615   -13.187 1.00 31.21 ? 73  ARG A N   1 
ATOM   608  C CA  . ARG A 1 73  ? -4.521  1.565   -13.843 1.00 30.98 ? 73  ARG A CA  1 
ATOM   609  C C   . ARG A 1 73  ? -4.319  0.324   -12.969 1.00 30.58 ? 73  ARG A C   1 
ATOM   610  O O   . ARG A 1 73  ? -3.230  0.054   -12.455 1.00 27.45 ? 73  ARG A O   1 
ATOM   611  C CB  . ARG A 1 73  ? -3.947  1.388   -15.229 1.00 33.10 ? 73  ARG A CB  1 
ATOM   612  C CG  . ARG A 1 73  ? -4.495  0.272   -16.005 1.00 39.59 ? 73  ARG A CG  1 
ATOM   613  C CD  . ARG A 1 73  ? -4.857  0.727   -17.434 1.00 45.53 ? 73  ARG A CD  1 
ATOM   614  N NE  . ARG A 1 73  ? -6.266  0.419   -17.755 1.00 50.68 ? 73  ARG A NE  1 
ATOM   615  C CZ  . ARG A 1 73  ? -7.043  1.204   -18.504 1.00 53.95 ? 73  ARG A CZ  1 
ATOM   616  N NH1 . ARG A 1 73  ? -6.540  2.331   -19.019 1.00 54.77 ? 73  ARG A NH1 1 
ATOM   617  N NH2 . ARG A 1 73  ? -8.335  0.903   -18.690 1.00 55.64 ? 73  ARG A NH2 1 
ATOM   618  N N   . LEU A 1 74  ? -5.413  -0.384  -12.745 1.00 31.18 ? 74  LEU A N   1 
ATOM   619  C CA  . LEU A 1 74  ? -5.413  -1.621  -11.977 1.00 31.98 ? 74  LEU A CA  1 
ATOM   620  C C   . LEU A 1 74  ? -5.142  -2.621  -13.094 1.00 32.72 ? 74  LEU A C   1 
ATOM   621  O O   . LEU A 1 74  ? -5.718  -2.515  -14.169 1.00 32.20 ? 74  LEU A O   1 
ATOM   622  C CB  . LEU A 1 74  ? -6.788  -1.810  -11.359 1.00 31.45 ? 74  LEU A CB  1 
ATOM   623  C CG  . LEU A 1 74  ? -6.907  -2.510  -10.020 1.00 29.50 ? 74  LEU A CG  1 
ATOM   624  C CD1 . LEU A 1 74  ? -5.946  -1.939  -9.052  1.00 29.35 ? 74  LEU A CD1 1 
ATOM   625  C CD2 . LEU A 1 74  ? -8.300  -2.346  -9.523  1.00 28.67 ? 74  LEU A CD2 1 
ATOM   626  N N   . ARG A 1 75  ? -4.252  -3.575  -12.887 1.00 35.07 ? 75  ARG A N   1 
ATOM   627  C CA  . ARG A 1 75  ? -3.967  -4.449  -14.007 1.00 37.99 ? 75  ARG A CA  1 
ATOM   628  C C   . ARG A 1 75  ? -3.503  -5.865  -13.656 1.00 37.85 ? 75  ARG A C   1 
ATOM   629  O O   . ARG A 1 75  ? -2.311  -6.093  -13.500 1.00 39.41 ? 75  ARG A O   1 
ATOM   630  C CB  . ARG A 1 75  ? -2.923  -3.717  -14.858 1.00 41.68 ? 75  ARG A CB  1 
ATOM   631  C CG  . ARG A 1 75  ? -2.772  -4.211  -16.259 1.00 46.90 ? 75  ARG A CG  1 
ATOM   632  C CD  . ARG A 1 75  ? -1.981  -3.211  -17.093 1.00 51.16 ? 75  ARG A CD  1 
ATOM   633  N NE  . ARG A 1 75  ? -1.588  -3.818  -18.369 1.00 53.44 ? 75  ARG A NE  1 
ATOM   634  C CZ  . ARG A 1 75  ? -0.556  -4.646  -18.520 1.00 52.83 ? 75  ARG A CZ  1 
ATOM   635  N NH1 . ARG A 1 75  ? 0.211   -4.959  -17.478 1.00 51.91 ? 75  ARG A NH1 1 
ATOM   636  N NH2 . ARG A 1 75  ? -0.326  -5.196  -19.711 1.00 53.54 ? 75  ARG A NH2 1 
ATOM   637  N N   . GLY A 1 76  ? -4.416  -6.822  -13.525 1.00 37.01 ? 76  GLY A N   1 
ATOM   638  C CA  . GLY A 1 76  ? -3.982  -8.186  -13.197 1.00 35.15 ? 76  GLY A CA  1 
ATOM   639  C C   . GLY A 1 76  ? -3.676  -8.465  -11.743 1.00 33.81 ? 76  GLY A C   1 
ATOM   640  O O   . GLY A 1 76  ? -3.523  -7.533  -10.954 1.00 34.10 ? 76  GLY A O   1 
ATOM   641  N N   . THR A 1 77  ? -3.592  -9.744  -11.379 1.00 33.08 ? 77  THR A N   1 
ATOM   642  C CA  . THR A 1 77  ? -3.320  -10.161 -9.984  1.00 31.74 ? 77  THR A CA  1 
ATOM   643  C C   . THR A 1 77  ? -2.018  -10.943 -9.892  1.00 31.03 ? 77  THR A C   1 
ATOM   644  O O   . THR A 1 77  ? -1.442  -11.260 -10.914 1.00 32.40 ? 77  THR A O   1 
ATOM   645  C CB  . THR A 1 77  ? -4.364  -11.125 -9.490  1.00 31.30 ? 77  THR A CB  1 
ATOM   646  O OG1 . THR A 1 77  ? -4.596  -12.060 -10.543 1.00 34.16 ? 77  THR A OG1 1 
ATOM   647  C CG2 . THR A 1 77  ? -5.628  -10.454 -9.082  1.00 28.05 ? 77  THR A CG2 1 
ATOM   648  N N   . GLY A 1 78  ? -1.566  -11.259 -8.674  1.00 29.68 ? 78  GLY A N   1 
ATOM   649  C CA  . GLY A 1 78  ? -0.366  -12.050 -8.496  1.00 28.31 ? 78  GLY A CA  1 
ATOM   650  C C   . GLY A 1 78  ? -0.228  -12.608 -7.083  1.00 30.92 ? 78  GLY A C   1 
ATOM   651  O O   . GLY A 1 78  ? -1.085  -12.300 -6.218  1.00 30.54 ? 78  GLY A O   1 
ATOM   652  N N   . TYR A 1 79  ? 0.820   -13.430 -6.844  1.00 32.21 ? 79  TYR A N   1 
ATOM   653  C CA  . TYR A 1 79  ? 1.110   -13.990 -5.492  1.00 34.28 ? 79  TYR A CA  1 
ATOM   654  C C   . TYR A 1 79  ? 2.554   -13.846 -5.032  1.00 35.56 ? 79  TYR A C   1 
ATOM   655  O O   . TYR A 1 79  ? 3.461   -13.731 -5.826  1.00 35.67 ? 79  TYR A O   1 
ATOM   656  C CB  . TYR A 1 79  ? 0.827   -15.495 -5.364  1.00 32.64 ? 79  TYR A CB  1 
ATOM   657  C CG  . TYR A 1 79  ? -0.569  -15.885 -5.696  1.00 30.51 ? 79  TYR A CG  1 
ATOM   658  C CD1 . TYR A 1 79  ? -0.972  -15.972 -7.021  1.00 29.74 ? 79  TYR A CD1 1 
ATOM   659  C CD2 . TYR A 1 79  ? -1.501  -16.094 -4.694  1.00 27.77 ? 79  TYR A CD2 1 
ATOM   660  C CE1 . TYR A 1 79  ? -2.273  -16.255 -7.344  1.00 30.68 ? 79  TYR A CE1 1 
ATOM   661  C CE2 . TYR A 1 79  ? -2.803  -16.364 -4.998  1.00 28.49 ? 79  TYR A CE2 1 
ATOM   662  C CZ  . TYR A 1 79  ? -3.199  -16.451 -6.327  1.00 28.83 ? 79  TYR A CZ  1 
ATOM   663  O OH  . TYR A 1 79  ? -4.485  -16.761 -6.666  1.00 26.57 ? 79  TYR A OH  1 
ATOM   664  N N   . PHE A 1 80  ? 2.744   -13.862 -3.725  1.00 37.55 ? 80  PHE A N   1 
ATOM   665  C CA  . PHE A 1 80  ? 4.072   -13.830 -3.187  1.00 40.43 ? 80  PHE A CA  1 
ATOM   666  C C   . PHE A 1 80  ? 4.055   -14.913 -2.137  1.00 40.70 ? 80  PHE A C   1 
ATOM   667  O O   . PHE A 1 80  ? 3.186   -14.937 -1.279  1.00 39.55 ? 80  PHE A O   1 
ATOM   668  C CB  . PHE A 1 80  ? 4.437   -12.514 -2.493  1.00 43.68 ? 80  PHE A CB  1 
ATOM   669  C CG  . PHE A 1 80  ? 5.687   -12.634 -1.613  1.00 46.60 ? 80  PHE A CG  1 
ATOM   670  C CD1 . PHE A 1 80  ? 6.970   -12.601 -2.179  1.00 47.90 ? 80  PHE A CD1 1 
ATOM   671  C CD2 . PHE A 1 80  ? 5.571   -12.942 -0.237  1.00 47.85 ? 80  PHE A CD2 1 
ATOM   672  C CE1 . PHE A 1 80  ? 8.096   -12.889 -1.392  1.00 48.65 ? 80  PHE A CE1 1 
ATOM   673  C CE2 . PHE A 1 80  ? 6.695   -13.232 0.556   1.00 47.74 ? 80  PHE A CE2 1 
ATOM   674  C CZ  . PHE A 1 80  ? 7.953   -13.209 -0.022  1.00 48.14 ? 80  PHE A CZ  1 
ATOM   675  N N   . PRO A 1 81  ? 5.000   -15.853 -2.219  1.00 41.82 ? 81  PRO A N   1 
ATOM   676  C CA  . PRO A 1 81  ? 6.042   -15.933 -3.235  1.00 42.50 ? 81  PRO A CA  1 
ATOM   677  C C   . PRO A 1 81  ? 5.436   -16.412 -4.540  1.00 43.64 ? 81  PRO A C   1 
ATOM   678  O O   . PRO A 1 81  ? 4.428   -17.106 -4.538  1.00 43.21 ? 81  PRO A O   1 
ATOM   679  C CB  . PRO A 1 81  ? 6.990   -16.949 -2.646  1.00 41.48 ? 81  PRO A CB  1 
ATOM   680  C CG  . PRO A 1 81  ? 6.904   -16.672 -1.243  1.00 41.32 ? 81  PRO A CG  1 
ATOM   681  C CD  . PRO A 1 81  ? 5.436   -16.578 -1.015  1.00 42.53 ? 81  PRO A CD  1 
ATOM   682  N N   . ASN A 1 82  ? 6.082   -16.053 -5.640  1.00 45.75 ? 82  ASN A N   1 
ATOM   683  C CA  . ASN A 1 82  ? 5.655   -16.391 -7.002  1.00 47.96 ? 82  ASN A CA  1 
ATOM   684  C C   . ASN A 1 82  ? 5.440   -17.893 -7.283  1.00 49.17 ? 82  ASN A C   1 
ATOM   685  O O   . ASN A 1 82  ? 4.615   -18.252 -8.127  1.00 50.28 ? 82  ASN A O   1 
ATOM   686  C CB  . ASN A 1 82  ? 6.703   -15.825 -7.970  1.00 49.77 ? 82  ASN A CB  1 
ATOM   687  C CG  . ASN A 1 82  ? 6.125   -15.444 -9.306  1.00 51.34 ? 82  ASN A CG  1 
ATOM   688  O OD1 . ASN A 1 82  ? 5.714   -16.303 -10.085 1.00 53.79 ? 82  ASN A OD1 1 
ATOM   689  N ND2 . ASN A 1 82  ? 6.086   -14.139 -9.584  1.00 52.32 ? 82  ASN A ND2 1 
ATOM   690  N N   . GLU A 1 83  ? 6.217   -18.754 -6.617  1.00 49.60 ? 83  GLU A N   1 
ATOM   691  C CA  . GLU A 1 83  ? 6.120   -20.208 -6.755  1.00 50.16 ? 83  GLU A CA  1 
ATOM   692  C C   . GLU A 1 83  ? 6.107   -20.818 -5.357  1.00 49.47 ? 83  GLU A C   1 
ATOM   693  O O   . GLU A 1 83  ? 6.711   -20.276 -4.433  1.00 48.42 ? 83  GLU A O   1 
ATOM   694  C CB  . GLU A 1 83  ? 7.287   -20.741 -7.572  1.00 53.06 ? 83  GLU A CB  1 
ATOM   695  C CG  . GLU A 1 83  ? 7.293   -20.143 -8.973  1.00 58.20 ? 83  GLU A CG  1 
ATOM   696  C CD  . GLU A 1 83  ? 8.596   -20.379 -9.731  1.00 61.78 ? 83  GLU A CD  1 
ATOM   697  O OE1 . GLU A 1 83  ? 9.681   -20.205 -9.119  1.00 63.45 ? 83  GLU A OE1 1 
ATOM   698  O OE2 . GLU A 1 83  ? 8.541   -20.723 -10.944 1.00 63.91 ? 83  GLU A OE2 1 
ATOM   699  N N   . GLY A 1 84  ? 5.370   -21.921 -5.193  1.00 49.17 ? 84  GLY A N   1 
ATOM   700  C CA  . GLY A 1 84  ? 5.261   -22.562 -3.888  1.00 47.64 ? 84  GLY A CA  1 
ATOM   701  C C   . GLY A 1 84  ? 4.093   -22.032 -3.055  1.00 46.80 ? 84  GLY A C   1 
ATOM   702  O O   . GLY A 1 84  ? 3.270   -21.255 -3.562  1.00 46.53 ? 84  GLY A O   1 
ATOM   703  N N   . THR A 1 85  ? 3.998   -22.453 -1.792  1.00 45.18 ? 85  THR A N   1 
ATOM   704  C CA  . THR A 1 85  ? 2.921   -21.971 -0.940  1.00 45.98 ? 85  THR A CA  1 
ATOM   705  C C   . THR A 1 85  ? 2.908   -20.437 -1.027  1.00 46.57 ? 85  THR A C   1 
ATOM   706  O O   . THR A 1 85  ? 3.942   -19.801 -0.771  1.00 46.82 ? 85  THR A O   1 
ATOM   707  C CB  . THR A 1 85  ? 3.150   -22.328 0.542   1.00 46.41 ? 85  THR A CB  1 
ATOM   708  O OG1 . THR A 1 85  ? 3.559   -23.690 0.665   1.00 47.87 ? 85  THR A OG1 1 
ATOM   709  C CG2 . THR A 1 85  ? 1.872   -22.140 1.335   1.00 47.42 ? 85  THR A CG2 1 
ATOM   710  N N   . PRO A 1 86  ? 1.741   -19.818 -1.365  1.00 46.05 ? 86  PRO A N   1 
ATOM   711  C CA  . PRO A 1 86  ? 1.685   -18.356 -1.454  1.00 43.99 ? 86  PRO A CA  1 
ATOM   712  C C   . PRO A 1 86  ? 1.519   -17.781 -0.037  1.00 42.62 ? 86  PRO A C   1 
ATOM   713  O O   . PRO A 1 86  ? 1.100   -18.478 0.873   1.00 41.71 ? 86  PRO A O   1 
ATOM   714  C CB  . PRO A 1 86  ? 0.470   -18.123 -2.334  1.00 43.88 ? 86  PRO A CB  1 
ATOM   715  C CG  . PRO A 1 86  ? -0.490  -19.126 -1.791  1.00 44.87 ? 86  PRO A CG  1 
ATOM   716  C CD  . PRO A 1 86  ? 0.382   -20.381 -1.494  1.00 45.46 ? 86  PRO A CD  1 
ATOM   717  N N   . ARG A 1 87  ? 1.925   -16.530 0.145   1.00 42.42 ? 87  ARG A N   1 
ATOM   718  C CA  . ARG A 1 87  ? 1.811   -15.822 1.416   1.00 41.12 ? 87  ARG A CA  1 
ATOM   719  C C   . ARG A 1 87  ? 0.690   -14.808 1.191   1.00 39.11 ? 87  ARG A C   1 
ATOM   720  O O   . ARG A 1 87  ? -0.185  -14.626 2.038   1.00 40.78 ? 87  ARG A O   1 
ATOM   721  C CB  . ARG A 1 87  ? 3.118   -15.072 1.694   1.00 43.74 ? 87  ARG A CB  1 
ATOM   722  C CG  . ARG A 1 87  ? 3.274   -14.330 3.066   1.00 46.45 ? 87  ARG A CG  1 
ATOM   723  C CD  . ARG A 1 87  ? 4.515   -13.255 3.034   1.00 49.39 ? 87  ARG A CD  1 
ATOM   724  N NE  . ARG A 1 87  ? 4.117   -11.846 3.338   1.00 48.79 ? 87  ARG A NE  1 
ATOM   725  C CZ  . ARG A 1 87  ? 4.887   -10.756 3.232   1.00 48.18 ? 87  ARG A CZ  1 
ATOM   726  N NH1 . ARG A 1 87  ? 6.135   -10.853 2.811   1.00 49.64 ? 87  ARG A NH1 1 
ATOM   727  N NH2 . ARG A 1 87  ? 4.415   -9.565  3.579   1.00 46.34 ? 87  ARG A NH2 1 
ATOM   728  N N   . VAL A 1 88  ? 0.671   -14.212 0.005   1.00 35.15 ? 88  VAL A N   1 
ATOM   729  C CA  . VAL A 1 88  ? -0.267  -13.155 -0.279  1.00 33.22 ? 88  VAL A CA  1 
ATOM   730  C C   . VAL A 1 88  ? -0.909  -13.130 -1.641  1.00 31.07 ? 88  VAL A C   1 
ATOM   731  O O   . VAL A 1 88  ? -0.323  -13.524 -2.630  1.00 32.04 ? 88  VAL A O   1 
ATOM   732  C CB  . VAL A 1 88  ? 0.453   -11.770 -0.073  1.00 34.04 ? 88  VAL A CB  1 
ATOM   733  C CG1 . VAL A 1 88  ? -0.497  -10.608 -0.310  1.00 37.30 ? 88  VAL A CG1 1 
ATOM   734  C CG2 . VAL A 1 88  ? 0.944   -11.667 1.315   1.00 33.51 ? 88  VAL A CG2 1 
ATOM   735  N N   . TRP A 1 89  ? -2.121  -12.624 -1.705  1.00 29.21 ? 89  TRP A N   1 
ATOM   736  C CA  . TRP A 1 89  ? -2.759  -12.511 -2.996  1.00 28.93 ? 89  TRP A CA  1 
ATOM   737  C C   . TRP A 1 89  ? -2.982  -11.007 -3.174  1.00 29.51 ? 89  TRP A C   1 
ATOM   738  O O   . TRP A 1 89  ? -3.646  -10.391 -2.328  1.00 31.44 ? 89  TRP A O   1 
ATOM   739  C CB  . TRP A 1 89  ? -4.094  -13.239 -3.031  1.00 26.76 ? 89  TRP A CB  1 
ATOM   740  C CG  . TRP A 1 89  ? -4.700  -13.202 -4.414  1.00 26.26 ? 89  TRP A CG  1 
ATOM   741  C CD1 . TRP A 1 89  ? -4.034  -13.364 -5.603  1.00 27.00 ? 89  TRP A CD1 1 
ATOM   742  C CD2 . TRP A 1 89  ? -6.079  -13.107 -4.744  1.00 24.14 ? 89  TRP A CD2 1 
ATOM   743  N NE1 . TRP A 1 89  ? -4.916  -13.386 -6.641  1.00 24.78 ? 89  TRP A NE1 1 
ATOM   744  C CE2 . TRP A 1 89  ? -6.182  -13.231 -6.147  1.00 24.75 ? 89  TRP A CE2 1 
ATOM   745  C CE3 . TRP A 1 89  ? -7.253  -12.931 -3.990  1.00 25.02 ? 89  TRP A CE3 1 
ATOM   746  C CZ2 . TRP A 1 89  ? -7.432  -13.190 -6.833  1.00 24.04 ? 89  TRP A CZ2 1 
ATOM   747  C CZ3 . TRP A 1 89  ? -8.505  -12.890 -4.680  1.00 24.46 ? 89  TRP A CZ3 1 
ATOM   748  C CH2 . TRP A 1 89  ? -8.568  -13.025 -6.085  1.00 22.32 ? 89  TRP A CH2 1 
ATOM   749  N N   . PHE A 1 90  ? -2.466  -10.435 -4.275  1.00 27.08 ? 90  PHE A N   1 
ATOM   750  C CA  . PHE A 1 90  ? -2.575  -9.006  -4.529  1.00 25.26 ? 90  PHE A CA  1 
ATOM   751  C C   . PHE A 1 90  ? -2.899  -8.619  -5.938  1.00 24.27 ? 90  PHE A C   1 
ATOM   752  O O   . PHE A 1 90  ? -2.734  -9.367  -6.879  1.00 22.94 ? 90  PHE A O   1 
ATOM   753  C CB  . PHE A 1 90  ? -1.256  -8.289  -4.155  1.00 24.64 ? 90  PHE A CB  1 
ATOM   754  C CG  . PHE A 1 90  ? -0.038  -8.790  -4.947  1.00 23.92 ? 90  PHE A CG  1 
ATOM   755  C CD1 . PHE A 1 90  ? 0.164   -8.408  -6.267  1.00 22.33 ? 90  PHE A CD1 1 
ATOM   756  C CD2 . PHE A 1 90  ? 0.820   -9.749  -4.404  1.00 23.28 ? 90  PHE A CD2 1 
ATOM   757  C CE1 . PHE A 1 90  ? 1.171   -8.966  -7.019  1.00 21.74 ? 90  PHE A CE1 1 
ATOM   758  C CE2 . PHE A 1 90  ? 1.845   -10.322 -5.173  1.00 20.23 ? 90  PHE A CE2 1 
ATOM   759  C CZ  . PHE A 1 90  ? 2.020   -9.941  -6.452  1.00 20.85 ? 90  PHE A CZ  1 
ATOM   760  N N   . ALA A 1 91  ? -3.332  -7.384  -6.079  1.00 25.31 ? 91  ALA A N   1 
ATOM   761  C CA  . ALA A 1 91  ? -3.602  -6.889  -7.397  1.00 26.23 ? 91  ALA A CA  1 
ATOM   762  C C   . ALA A 1 91  ? -2.393  -6.008  -7.810  1.00 25.93 ? 91  ALA A C   1 
ATOM   763  O O   . ALA A 1 91  ? -1.830  -5.313  -6.964  1.00 25.72 ? 91  ALA A O   1 
ATOM   764  C CB  . ALA A 1 91  ? -4.883  -6.070  -7.373  1.00 24.84 ? 91  ALA A CB  1 
ATOM   765  N N   . LYS A 1 92  ? -1.997  -6.045  -9.093  1.00 26.55 ? 92  LYS A N   1 
ATOM   766  C CA  . LYS A 1 92  ? -0.923  -5.179  -9.587  1.00 25.66 ? 92  LYS A CA  1 
ATOM   767  C C   . LYS A 1 92  ? -1.585  -3.877  -10.098 1.00 26.11 ? 92  LYS A C   1 
ATOM   768  O O   . LYS A 1 92  ? -2.611  -3.891  -10.781 1.00 25.51 ? 92  LYS A O   1 
ATOM   769  C CB  . LYS A 1 92  ? -0.075  -5.842  -10.716 1.00 25.93 ? 92  LYS A CB  1 
ATOM   770  C CG  . LYS A 1 92  ? 0.670   -7.195  -10.372 1.00 29.88 ? 92  LYS A CG  1 
ATOM   771  C CD  . LYS A 1 92  ? 1.891   -7.520  -11.308 1.00 32.36 ? 92  LYS A CD  1 
ATOM   772  C CE  . LYS A 1 92  ? 1.895   -8.973  -11.976 1.00 35.20 ? 92  LYS A CE  1 
ATOM   773  N NZ  . LYS A 1 92  ? 2.607   -10.149 -11.294 1.00 36.11 ? 92  LYS A NZ  1 
ATOM   774  N N   . ALA A 1 93  ? -1.021  -2.739  -9.718  1.00 26.56 ? 93  ALA A N   1 
ATOM   775  C CA  . ALA A 1 93  ? -1.521  -1.447  -10.185 1.00 27.08 ? 93  ALA A CA  1 
ATOM   776  C C   . ALA A 1 93  ? -0.280  -0.843  -10.813 1.00 27.01 ? 93  ALA A C   1 
ATOM   777  O O   . ALA A 1 93  ? 0.819   -1.294  -10.516 1.00 27.54 ? 93  ALA A O   1 
ATOM   778  C CB  . ALA A 1 93  ? -1.977  -0.589  -9.034  1.00 26.33 ? 93  ALA A CB  1 
ATOM   779  N N   . GLU A 1 94  ? -0.432  0.154   -11.673 1.00 27.27 ? 94  GLU A N   1 
ATOM   780  C CA  . GLU A 1 94  ? 0.744   0.758   -12.294 1.00 28.14 ? 94  GLU A CA  1 
ATOM   781  C C   . GLU A 1 94  ? 0.576   2.230   -12.596 1.00 26.95 ? 94  GLU A C   1 
ATOM   782  O O   . GLU A 1 94  ? -0.535  2.693   -12.863 1.00 27.87 ? 94  GLU A O   1 
ATOM   783  C CB  . GLU A 1 94  ? 1.099   0.013   -13.582 1.00 30.73 ? 94  GLU A CB  1 
ATOM   784  C CG  . GLU A 1 94  ? 0.336   0.461   -14.798 1.00 35.10 ? 94  GLU A CG  1 
ATOM   785  C CD  . GLU A 1 94  ? 0.631   -0.418  -16.014 1.00 39.44 ? 94  GLU A CD  1 
ATOM   786  O OE1 . GLU A 1 94  ? 1.846   -0.641  -16.283 1.00 38.57 ? 94  GLU A OE1 1 
ATOM   787  O OE2 . GLU A 1 94  ? -0.353  -0.872  -16.685 1.00 39.89 ? 94  GLU A OE2 1 
ATOM   788  N N   . ALA A 1 95  ? 1.689   2.951   -12.557 1.00 25.09 ? 95  ALA A N   1 
ATOM   789  C CA  . ALA A 1 95  ? 1.745   4.386   -12.848 1.00 23.88 ? 95  ALA A CA  1 
ATOM   790  C C   . ALA A 1 95  ? 3.050   4.940   -12.333 1.00 25.00 ? 95  ALA A C   1 
ATOM   791  O O   . ALA A 1 95  ? 3.488   4.624   -11.228 1.00 25.44 ? 95  ALA A O   1 
ATOM   792  C CB  . ALA A 1 95  ? 0.610   5.135   -12.177 1.00 24.47 ? 95  ALA A CB  1 
ATOM   793  N N   . GLU A 1 96  ? 3.683   5.749   -13.164 1.00 27.75 ? 96  GLU A N   1 
ATOM   794  C CA  . GLU A 1 96  ? 4.920   6.441   -12.825 1.00 29.74 ? 96  GLU A CA  1 
ATOM   795  C C   . GLU A 1 96  ? 4.813   7.143   -11.445 1.00 28.79 ? 96  GLU A C   1 
ATOM   796  O O   . GLU A 1 96  ? 5.767   7.147   -10.627 1.00 27.45 ? 96  GLU A O   1 
ATOM   797  C CB  . GLU A 1 96  ? 5.161   7.513   -13.859 1.00 32.83 ? 96  GLU A CB  1 
ATOM   798  C CG  . GLU A 1 96  ? 6.345   7.229   -14.723 1.00 40.09 ? 96  GLU A CG  1 
ATOM   799  C CD  . GLU A 1 96  ? 7.618   7.125   -13.927 1.00 42.43 ? 96  GLU A CD  1 
ATOM   800  O OE1 . GLU A 1 96  ? 8.141   5.974   -13.782 1.00 44.19 ? 96  GLU A OE1 1 
ATOM   801  O OE2 . GLU A 1 96  ? 8.074   8.202   -13.446 1.00 43.80 ? 96  GLU A OE2 1 
ATOM   802  N N   . GLY A 1 97  ? 3.643   7.759   -11.250 1.00 26.80 ? 97  GLY A N   1 
ATOM   803  C CA  . GLY A 1 97  ? 3.339   8.494   -10.045 1.00 26.18 ? 97  GLY A CA  1 
ATOM   804  C C   . GLY A 1 97  ? 3.586   7.718   -8.765  1.00 25.76 ? 97  GLY A C   1 
ATOM   805  O O   . GLY A 1 97  ? 4.078   8.341   -7.807  1.00 25.40 ? 97  GLY A O   1 
ATOM   806  N N   . PHE A 1 98  ? 3.249   6.414   -8.730  1.00 22.80 ? 98  PHE A N   1 
ATOM   807  C CA  . PHE A 1 98  ? 3.500   5.634   -7.531  1.00 22.51 ? 98  PHE A CA  1 
ATOM   808  C C   . PHE A 1 98  ? 4.982   5.562   -7.306  1.00 23.54 ? 98  PHE A C   1 
ATOM   809  O O   . PHE A 1 98  ? 5.448   5.691   -6.172  1.00 24.77 ? 98  PHE A O   1 
ATOM   810  C CB  . PHE A 1 98  ? 2.990   4.185   -7.609  1.00 20.49 ? 98  PHE A CB  1 
ATOM   811  C CG  . PHE A 1 98  ? 1.514   4.064   -7.723  1.00 18.48 ? 98  PHE A CG  1 
ATOM   812  C CD1 . PHE A 1 98  ? 0.956   3.254   -8.724  1.00 15.97 ? 98  PHE A CD1 1 
ATOM   813  C CD2 . PHE A 1 98  ? 0.655   4.791   -6.850  1.00 17.14 ? 98  PHE A CD2 1 
ATOM   814  C CE1 . PHE A 1 98  ? -0.448  3.161   -8.863  1.00 17.01 ? 98  PHE A CE1 1 
ATOM   815  C CE2 . PHE A 1 98  ? -0.759  4.708   -6.984  1.00 17.78 ? 98  PHE A CE2 1 
ATOM   816  C CZ  . PHE A 1 98  ? -1.320  3.886   -7.996  1.00 15.40 ? 98  PHE A CZ  1 
ATOM   817  N N   . LEU A 1 99  ? 5.731   5.348   -8.376  1.00 24.79 ? 99  LEU A N   1 
ATOM   818  C CA  . LEU A 1 99  ? 7.169   5.214   -8.221  1.00 24.70 ? 99  LEU A CA  1 
ATOM   819  C C   . LEU A 1 99  ? 7.740   6.546   -7.797  1.00 22.94 ? 99  LEU A C   1 
ATOM   820  O O   . LEU A 1 99  ? 8.579   6.575   -6.916  1.00 22.88 ? 99  LEU A O   1 
ATOM   821  C CB  . LEU A 1 99  ? 7.847   4.723   -9.512  1.00 27.58 ? 99  LEU A CB  1 
ATOM   822  C CG  . LEU A 1 99  ? 7.534   3.413   -10.303 1.00 31.41 ? 99  LEU A CG  1 
ATOM   823  C CD1 . LEU A 1 99  ? 6.708   2.379   -9.528  1.00 32.39 ? 99  LEU A CD1 1 
ATOM   824  C CD2 . LEU A 1 99  ? 6.785   3.772   -11.590 1.00 31.57 ? 99  LEU A CD2 1 
ATOM   825  N N   . ARG A 1 100 ? 7.283   7.644   -8.394  1.00 21.28 ? 100 ARG A N   1 
ATOM   826  C CA  . ARG A 1 100 ? 7.788   8.983   -8.005  1.00 20.34 ? 100 ARG A CA  1 
ATOM   827  C C   . ARG A 1 100 ? 7.505   9.279   -6.498  1.00 19.41 ? 100 ARG A C   1 
ATOM   828  O O   . ARG A 1 100 ? 8.394   9.701   -5.736  1.00 19.03 ? 100 ARG A O   1 
ATOM   829  C CB  . ARG A 1 100 ? 7.216   10.105  -8.912  1.00 19.74 ? 100 ARG A CB  1 
ATOM   830  C CG  . ARG A 1 100 ? 7.708   10.073  -10.371 1.00 20.11 ? 100 ARG A CG  1 
ATOM   831  C CD  . ARG A 1 100 ? 6.997   11.088  -11.252 1.00 20.38 ? 100 ARG A CD  1 
ATOM   832  N NE  . ARG A 1 100 ? 7.281   12.474  -10.884 1.00 23.59 ? 100 ARG A NE  1 
ATOM   833  C CZ  . ARG A 1 100 ? 8.417   13.148  -11.160 1.00 26.32 ? 100 ARG A CZ  1 
ATOM   834  N NH1 . ARG A 1 100 ? 9.416   12.602  -11.846 1.00 26.32 ? 100 ARG A NH1 1 
ATOM   835  N NH2 . ARG A 1 100 ? 8.603   14.373  -10.685 1.00 25.83 ? 100 ARG A NH2 1 
ATOM   836  N N   . LEU A 1 101 ? 6.296   9.021   -6.037  1.00 18.12 ? 101 LEU A N   1 
ATOM   837  C CA  . LEU A 1 101 ? 6.065   9.238   -4.602  1.00 19.44 ? 101 LEU A CA  1 
ATOM   838  C C   . LEU A 1 101 ? 6.915   8.285   -3.728  1.00 19.93 ? 101 LEU A C   1 
ATOM   839  O O   . LEU A 1 101 ? 7.421   8.667   -2.683  1.00 21.46 ? 101 LEU A O   1 
ATOM   840  C CB  . LEU A 1 101 ? 4.576   9.076   -4.248  1.00 18.05 ? 101 LEU A CB  1 
ATOM   841  C CG  . LEU A 1 101 ? 3.652   10.140  -4.846  1.00 17.50 ? 101 LEU A CG  1 
ATOM   842  C CD1 . LEU A 1 101 ? 2.180   9.816   -4.445  1.00 18.45 ? 101 LEU A CD1 1 
ATOM   843  C CD2 . LEU A 1 101 ? 4.088   11.529  -4.385  1.00 15.64 ? 101 LEU A CD2 1 
ATOM   844  N N   . ALA A 1 102 ? 7.080   7.046   -4.153  1.00 19.85 ? 102 ALA A N   1 
ATOM   845  C CA  . ALA A 1 102 ? 7.880   6.119   -3.364  1.00 22.05 ? 102 ALA A CA  1 
ATOM   846  C C   . ALA A 1 102 ? 9.350   6.619   -3.258  1.00 23.87 ? 102 ALA A C   1 
ATOM   847  O O   . ALA A 1 102 ? 9.978   6.526   -2.190  1.00 23.83 ? 102 ALA A O   1 
ATOM   848  C CB  . ALA A 1 102 ? 7.819   4.680   -4.009  1.00 19.68 ? 102 ALA A CB  1 
ATOM   849  N N   . GLU A 1 103 ? 9.888   7.153   -4.358  1.00 25.11 ? 103 GLU A N   1 
ATOM   850  C CA  . GLU A 1 103 ? 11.272  7.635   -4.372  1.00 27.27 ? 103 GLU A CA  1 
ATOM   851  C C   . GLU A 1 103 ? 11.413  8.864   -3.486  1.00 25.85 ? 103 GLU A C   1 
ATOM   852  O O   . GLU A 1 103 ? 12.367  8.992   -2.697  1.00 25.41 ? 103 GLU A O   1 
ATOM   853  C CB  . GLU A 1 103 ? 11.692  8.001   -5.799  1.00 30.61 ? 103 GLU A CB  1 
ATOM   854  C CG  . GLU A 1 103 ? 12.290  6.856   -6.594  1.00 39.27 ? 103 GLU A CG  1 
ATOM   855  C CD  . GLU A 1 103 ? 12.216  7.064   -8.148  1.00 45.18 ? 103 GLU A CD  1 
ATOM   856  O OE1 . GLU A 1 103 ? 11.943  8.222   -8.614  1.00 46.06 ? 103 GLU A OE1 1 
ATOM   857  O OE2 . GLU A 1 103 ? 12.444  6.050   -8.893  1.00 47.96 ? 103 GLU A OE2 1 
ATOM   858  N N   . GLY A 1 104 ? 10.438  9.766   -3.643  1.00 24.95 ? 104 GLY A N   1 
ATOM   859  C CA  . GLY A 1 104 ? 10.412  11.009  -2.897  1.00 22.67 ? 104 GLY A CA  1 
ATOM   860  C C   . GLY A 1 104 ? 10.444  10.753  -1.407  1.00 22.28 ? 104 GLY A C   1 
ATOM   861  O O   . GLY A 1 104 ? 11.137  11.465  -0.699  1.00 20.75 ? 104 GLY A O   1 
ATOM   862  N N   . LEU A 1 105 ? 9.727   9.725   -0.952  1.00 21.56 ? 105 LEU A N   1 
ATOM   863  C CA  . LEU A 1 105 ? 9.689   9.415   0.452   1.00 22.50 ? 105 LEU A CA  1 
ATOM   864  C C   . LEU A 1 105 ? 10.931  8.675   0.917   1.00 23.95 ? 105 LEU A C   1 
ATOM   865  O O   . LEU A 1 105 ? 11.392  8.893   2.015   1.00 24.05 ? 105 LEU A O   1 
ATOM   866  C CB  . LEU A 1 105 ? 8.433   8.569   0.766   1.00 21.91 ? 105 LEU A CB  1 
ATOM   867  C CG  . LEU A 1 105 ? 6.992   9.144   0.557   1.00 20.52 ? 105 LEU A CG  1 
ATOM   868  C CD1 . LEU A 1 105 ? 5.980   7.992   0.489   1.00 19.65 ? 105 LEU A CD1 1 
ATOM   869  C CD2 . LEU A 1 105 ? 6.570   10.063  1.666   1.00 17.61 ? 105 LEU A CD2 1 
ATOM   870  N N   . ARG A 1 106 ? 11.484  7.783   0.094   1.00 24.76 ? 106 ARG A N   1 
ATOM   871  C CA  . ARG A 1 106 ? 12.634  7.034   0.565   1.00 25.71 ? 106 ARG A CA  1 
ATOM   872  C C   . ARG A 1 106 ? 13.746  8.062   0.753   1.00 25.55 ? 106 ARG A C   1 
ATOM   873  O O   . ARG A 1 106 ? 14.571  7.941   1.680   1.00 26.32 ? 106 ARG A O   1 
ATOM   874  C CB  . ARG A 1 106 ? 13.052  5.922   -0.442  1.00 28.15 ? 106 ARG A CB  1 
ATOM   875  C CG  . ARG A 1 106 ? 12.027  4.791   -0.550  1.00 32.90 ? 106 ARG A CG  1 
ATOM   876  C CD  . ARG A 1 106 ? 12.306  3.647   -1.545  1.00 33.65 ? 106 ARG A CD  1 
ATOM   877  N NE  . ARG A 1 106 ? 11.463  2.481   -1.178  1.00 40.82 ? 106 ARG A NE  1 
ATOM   878  C CZ  . ARG A 1 106 ? 10.109  2.422   -1.267  1.00 41.97 ? 106 ARG A CZ  1 
ATOM   879  N NH1 . ARG A 1 106 ? 9.427   3.451   -1.736  1.00 43.09 ? 106 ARG A NH1 1 
ATOM   880  N NH2 . ARG A 1 106 ? 9.411   1.366   -0.820  1.00 40.68 ? 106 ARG A NH2 1 
ATOM   881  N N   . ALA A 1 107 ? 13.726  9.082   -0.102  1.00 22.07 ? 107 ALA A N   1 
ATOM   882  C CA  . ALA A 1 107 ? 14.724  10.142  -0.085  1.00 21.39 ? 107 ALA A CA  1 
ATOM   883  C C   . ALA A 1 107 ? 14.682  10.993  1.181   1.00 20.03 ? 107 ALA A C   1 
ATOM   884  O O   . ALA A 1 107 ? 15.722  11.276  1.809   1.00 19.82 ? 107 ALA A O   1 
ATOM   885  C CB  . ALA A 1 107 ? 14.521  11.015  -1.313  1.00 20.88 ? 107 ALA A CB  1 
ATOM   886  N N   . GLY A 1 108 ? 13.458  11.381  1.542   1.00 19.90 ? 108 GLY A N   1 
ATOM   887  C CA  . GLY A 1 108 ? 13.202  12.189  2.710   1.00 19.03 ? 108 GLY A CA  1 
ATOM   888  C C   . GLY A 1 108 ? 13.562  11.445  3.980   1.00 20.14 ? 108 GLY A C   1 
ATOM   889  O O   . GLY A 1 108 ? 14.130  12.033  4.925   1.00 22.18 ? 108 GLY A O   1 
ATOM   890  N N   . VAL A 1 109 ? 13.225  10.164  4.003   1.00 18.29 ? 109 VAL A N   1 
ATOM   891  C CA  . VAL A 1 109 ? 13.508  9.304   5.137   1.00 19.28 ? 109 VAL A CA  1 
ATOM   892  C C   . VAL A 1 109 ? 14.990  9.099   5.238   1.00 20.76 ? 109 VAL A C   1 
ATOM   893  O O   . VAL A 1 109 ? 15.515  9.006   6.318   1.00 22.27 ? 109 VAL A O   1 
ATOM   894  C CB  . VAL A 1 109 ? 12.798  7.897   5.027   1.00 17.82 ? 109 VAL A CB  1 
ATOM   895  C CG1 . VAL A 1 109 ? 13.252  7.014   6.129   1.00 14.45 ? 109 VAL A CG1 1 
ATOM   896  C CG2 . VAL A 1 109 ? 11.297  8.052   5.079   1.00 15.51 ? 109 VAL A CG2 1 
ATOM   897  N N   . GLU A 1 110 ? 15.694  9.028   4.126   1.00 22.92 ? 110 GLU A N   1 
ATOM   898  C CA  . GLU A 1 110 ? 17.142  8.881   4.225   1.00 23.83 ? 110 GLU A CA  1 
ATOM   899  C C   . GLU A 1 110 ? 17.768  10.161  4.827   1.00 25.60 ? 110 GLU A C   1 
ATOM   900  O O   . GLU A 1 110 ? 18.588  10.102  5.763   1.00 22.94 ? 110 GLU A O   1 
ATOM   901  C CB  . GLU A 1 110 ? 17.714  8.579   2.850   1.00 24.73 ? 110 GLU A CB  1 
ATOM   902  C CG  . GLU A 1 110 ? 17.227  7.228   2.304   1.00 24.63 ? 110 GLU A CG  1 
ATOM   903  C CD  . GLU A 1 110 ? 17.709  6.957   0.925   1.00 24.89 ? 110 GLU A CD  1 
ATOM   904  O OE1 . GLU A 1 110 ? 17.653  7.860   0.083   1.00 28.65 ? 110 GLU A OE1 1 
ATOM   905  O OE2 . GLU A 1 110 ? 18.142  5.832   0.658   1.00 30.11 ? 110 GLU A OE2 1 
ATOM   906  N N   . GLU A 1 111 ? 17.368  11.315  4.301   1.00 26.93 ? 111 GLU A N   1 
ATOM   907  C CA  . GLU A 1 111 ? 17.890  12.574  4.819   1.00 28.72 ? 111 GLU A CA  1 
ATOM   908  C C   . GLU A 1 111 ? 17.710  12.587  6.310   1.00 28.52 ? 111 GLU A C   1 
ATOM   909  O O   . GLU A 1 111 ? 18.604  12.949  7.075   1.00 30.25 ? 111 GLU A O   1 
ATOM   910  C CB  . GLU A 1 111 ? 17.128  13.763  4.239   1.00 31.06 ? 111 GLU A CB  1 
ATOM   911  C CG  . GLU A 1 111 ? 17.358  15.013  5.022   1.00 37.23 ? 111 GLU A CG  1 
ATOM   912  C CD  . GLU A 1 111 ? 17.332  16.307  4.170   1.00 41.10 ? 111 GLU A CD  1 
ATOM   913  O OE1 . GLU A 1 111 ? 18.077  16.359  3.154   1.00 43.60 ? 111 GLU A OE1 1 
ATOM   914  O OE2 . GLU A 1 111 ? 16.598  17.273  4.525   1.00 41.80 ? 111 GLU A OE2 1 
ATOM   915  N N   . LEU A 1 112 ? 16.557  12.140  6.756   1.00 26.82 ? 112 LEU A N   1 
ATOM   916  C CA  . LEU A 1 112 ? 16.306  12.199  8.172   1.00 24.14 ? 112 LEU A CA  1 
ATOM   917  C C   . LEU A 1 112 ? 16.945  11.110  8.986   1.00 24.00 ? 112 LEU A C   1 
ATOM   918  O O   . LEU A 1 112 ? 17.240  11.288  10.147  1.00 22.40 ? 112 LEU A O   1 
ATOM   919  C CB  . LEU A 1 112 ? 14.811  12.150  8.418   1.00 24.74 ? 112 LEU A CB  1 
ATOM   920  C CG  . LEU A 1 112 ? 14.502  11.948  9.899   1.00 24.51 ? 112 LEU A CG  1 
ATOM   921  C CD1 . LEU A 1 112 ? 14.092  13.298  10.514  1.00 22.57 ? 112 LEU A CD1 1 
ATOM   922  C CD2 . LEU A 1 112 ? 13.410  10.932  10.044  1.00 23.65 ? 112 LEU A CD2 1 
ATOM   923  N N   . LEU A 1 113 ? 17.148  9.944   8.409   1.00 22.84 ? 113 LEU A N   1 
ATOM   924  C CA  . LEU A 1 113 ? 17.695  8.902   9.233   1.00 21.49 ? 113 LEU A CA  1 
ATOM   925  C C   . LEU A 1 113 ? 19.141  8.533   8.932   1.00 22.04 ? 113 LEU A C   1 
ATOM   926  O O   . LEU A 1 113 ? 19.837  8.014   9.800   1.00 22.24 ? 113 LEU A O   1 
ATOM   927  C CB  . LEU A 1 113 ? 16.817  7.691   9.102   1.00 21.16 ? 113 LEU A CB  1 
ATOM   928  C CG  . LEU A 1 113 ? 15.736  7.367   10.137  1.00 22.62 ? 113 LEU A CG  1 
ATOM   929  C CD1 . LEU A 1 113 ? 15.150  8.571   10.691  1.00 20.72 ? 113 LEU A CD1 1 
ATOM   930  C CD2 . LEU A 1 113 ? 14.677  6.424   9.508   1.00 18.94 ? 113 LEU A CD2 1 
ATOM   931  N N   . GLY A 1 114 ? 19.600  8.855   7.728   1.00 21.60 ? 114 GLY A N   1 
ATOM   932  C CA  . GLY A 1 114 ? 20.917  8.460   7.324   1.00 22.47 ? 114 GLY A CA  1 
ATOM   933  C C   . GLY A 1 114 ? 20.941  6.928   7.371   1.00 24.37 ? 114 GLY A C   1 
ATOM   934  O O   . GLY A 1 114 ? 19.963  6.222   7.153   1.00 26.62 ? 114 GLY A O   1 
ATOM   935  N N   . GLU A 1 115 ? 22.096  6.417   7.691   1.00 25.49 ? 115 GLU A N   1 
ATOM   936  C CA  . GLU A 1 115 ? 22.356  5.029   7.824   1.00 26.68 ? 115 GLU A CA  1 
ATOM   937  C C   . GLU A 1 115 ? 21.248  4.245   8.540   1.00 28.20 ? 115 GLU A C   1 
ATOM   938  O O   . GLU A 1 115 ? 20.958  3.094   8.201   1.00 29.96 ? 115 GLU A O   1 
ATOM   939  C CB  . GLU A 1 115 ? 23.710  4.985   8.523   1.00 27.09 ? 115 GLU A CB  1 
ATOM   940  C CG  . GLU A 1 115 ? 24.077  3.758   9.237   1.00 28.63 ? 115 GLU A CG  1 
ATOM   941  C CD  . GLU A 1 115 ? 23.460  3.656   10.597  1.00 26.75 ? 115 GLU A CD  1 
ATOM   942  O OE1 . GLU A 1 115 ? 22.907  2.597   10.861  1.00 31.19 ? 115 GLU A OE1 1 
ATOM   943  O OE2 . GLU A 1 115 ? 23.534  4.586   11.410  1.00 27.27 ? 115 GLU A OE2 1 
ATOM   944  N N   . GLU A 1 116 ? 20.596  4.844   9.524   1.00 30.48 ? 116 GLU A N   1 
ATOM   945  C CA  . GLU A 1 116 ? 19.530  4.136   10.256  1.00 30.69 ? 116 GLU A CA  1 
ATOM   946  C C   . GLU A 1 116 ? 18.348  3.681   9.363   1.00 29.64 ? 116 GLU A C   1 
ATOM   947  O O   . GLU A 1 116 ? 17.630  2.785   9.708   1.00 29.19 ? 116 GLU A O   1 
ATOM   948  C CB  . GLU A 1 116 ? 18.965  5.027   11.339  1.00 33.74 ? 116 GLU A CB  1 
ATOM   949  C CG  . GLU A 1 116 ? 19.882  5.330   12.540  1.00 40.29 ? 116 GLU A CG  1 
ATOM   950  C CD  . GLU A 1 116 ? 19.298  6.488   13.394  1.00 44.42 ? 116 GLU A CD  1 
ATOM   951  O OE1 . GLU A 1 116 ? 18.372  6.187   14.216  1.00 47.36 ? 116 GLU A OE1 1 
ATOM   952  O OE2 . GLU A 1 116 ? 19.727  7.682   13.209  1.00 42.53 ? 116 GLU A OE2 1 
ATOM   953  N N   . ALA A 1 117 ? 18.141  4.290   8.214   1.00 28.78 ? 117 ALA A N   1 
ATOM   954  C CA  . ALA A 1 117 ? 17.007  3.898   7.402   1.00 29.60 ? 117 ALA A CA  1 
ATOM   955  C C   . ALA A 1 117 ? 17.107  2.477   6.858   1.00 30.71 ? 117 ALA A C   1 
ATOM   956  O O   . ALA A 1 117 ? 16.092  1.906   6.386   1.00 29.45 ? 117 ALA A O   1 
ATOM   957  C CB  . ALA A 1 117 ? 16.794  4.903   6.238   1.00 27.94 ? 117 ALA A CB  1 
ATOM   958  N N   . VAL A 1 118 ? 18.309  1.898   6.935   1.00 30.39 ? 118 VAL A N   1 
ATOM   959  C CA  . VAL A 1 118 ? 18.508  0.572   6.370   1.00 30.66 ? 118 VAL A CA  1 
ATOM   960  C C   . VAL A 1 118 ? 17.952  -0.482  7.236   1.00 30.19 ? 118 VAL A C   1 
ATOM   961  O O   . VAL A 1 118 ? 17.615  -1.564  6.769   1.00 28.99 ? 118 VAL A O   1 
ATOM   962  C CB  . VAL A 1 118 ? 20.043  0.277   6.013   1.00 31.66 ? 118 VAL A CB  1 
ATOM   963  C CG1 . VAL A 1 118 ? 20.566  1.474   5.154   1.00 30.06 ? 118 VAL A CG1 1 
ATOM   964  C CG2 . VAL A 1 118 ? 20.915  -0.019  7.294   1.00 29.91 ? 118 VAL A CG2 1 
ATOM   965  N N   . ARG A 1 119 ? 17.815  -0.136  8.503   1.00 30.79 ? 119 ARG A N   1 
ATOM   966  C CA  . ARG A 1 119 ? 17.302  -1.073  9.452   1.00 33.28 ? 119 ARG A CA  1 
ATOM   967  C C   . ARG A 1 119 ? 15.769  -1.170  9.410   1.00 33.26 ? 119 ARG A C   1 
ATOM   968  O O   . ARG A 1 119 ? 15.197  -2.069  10.026  1.00 35.81 ? 119 ARG A O   1 
ATOM   969  C CB  . ARG A 1 119 ? 17.853  -0.711  10.842  1.00 36.44 ? 119 ARG A CB  1 
ATOM   970  C CG  . ARG A 1 119 ? 19.396  -0.735  10.849  1.00 39.67 ? 119 ARG A CG  1 
ATOM   971  C CD  . ARG A 1 119 ? 20.025  -0.658  12.247  1.00 42.27 ? 119 ARG A CD  1 
ATOM   972  N NE  . ARG A 1 119 ? 21.050  0.416   12.312  1.00 45.29 ? 119 ARG A NE  1 
ATOM   973  C CZ  . ARG A 1 119 ? 21.453  1.000   13.437  1.00 46.66 ? 119 ARG A CZ  1 
ATOM   974  N NH1 . ARG A 1 119 ? 20.932  0.617   14.603  1.00 47.50 ? 119 ARG A NH1 1 
ATOM   975  N NH2 . ARG A 1 119 ? 22.340  1.995   13.404  1.00 47.74 ? 119 ARG A NH2 1 
ATOM   976  N N   . ILE A 1 120 ? 15.119  -0.278  8.654   1.00 30.83 ? 120 ILE A N   1 
ATOM   977  C CA  . ILE A 1 120 ? 13.676  -0.281  8.513   1.00 28.02 ? 120 ILE A CA  1 
ATOM   978  C C   . ILE A 1 120 ? 13.347  -1.627  7.811   1.00 28.92 ? 120 ILE A C   1 
ATOM   979  O O   . ILE A 1 120 ? 14.012  -2.020  6.851   1.00 28.73 ? 120 ILE A O   1 
ATOM   980  C CB  . ILE A 1 120 ? 13.199  0.926   7.658   1.00 25.87 ? 120 ILE A CB  1 
ATOM   981  C CG1 . ILE A 1 120 ? 13.496  2.250   8.388   1.00 23.93 ? 120 ILE A CG1 1 
ATOM   982  C CG2 . ILE A 1 120 ? 11.762  0.750   7.295   1.00 20.65 ? 120 ILE A CG2 1 
ATOM   983  C CD1 . ILE A 1 120 ? 13.121  3.494   7.586   1.00 22.81 ? 120 ILE A CD1 1 
ATOM   984  N N   . PRO A 1 121 ? 12.319  -2.337  8.297   1.00 27.32 ? 121 PRO A N   1 
ATOM   985  C CA  . PRO A 1 121 ? 11.970  -3.617  7.697   1.00 27.08 ? 121 PRO A CA  1 
ATOM   986  C C   . PRO A 1 121 ? 11.612  -3.494  6.271   1.00 27.33 ? 121 PRO A C   1 
ATOM   987  O O   . PRO A 1 121 ? 10.839  -2.604  5.890   1.00 27.44 ? 121 PRO A O   1 
ATOM   988  C CB  . PRO A 1 121 ? 10.805  -4.123  8.552   1.00 25.78 ? 121 PRO A CB  1 
ATOM   989  C CG  . PRO A 1 121 ? 11.191  -3.567  9.921   1.00 27.57 ? 121 PRO A CG  1 
ATOM   990  C CD  . PRO A 1 121 ? 11.617  -2.140  9.577   1.00 26.83 ? 121 PRO A CD  1 
ATOM   991  N N   . GLY A 1 122 ? 12.230  -4.373  5.481   1.00 26.04 ? 122 GLY A N   1 
ATOM   992  C CA  . GLY A 1 122 ? 11.979  -4.421  4.067   1.00 26.85 ? 122 GLY A CA  1 
ATOM   993  C C   . GLY A 1 122 ? 12.380  -3.203  3.297   1.00 27.36 ? 122 GLY A C   1 
ATOM   994  O O   . GLY A 1 122 ? 11.844  -2.963  2.238   1.00 30.18 ? 122 GLY A O   1 
ATOM   995  N N   . TRP A 1 123 ? 13.337  -2.452  3.805   1.00 28.26 ? 123 TRP A N   1 
ATOM   996  C CA  . TRP A 1 123 ? 13.785  -1.230  3.164   1.00 29.48 ? 123 TRP A CA  1 
ATOM   997  C C   . TRP A 1 123 ? 14.482  -1.407  1.824   1.00 30.93 ? 123 TRP A C   1 
ATOM   998  O O   . TRP A 1 123 ? 14.493  -0.528  0.994   1.00 30.40 ? 123 TRP A O   1 
ATOM   999  C CB  . TRP A 1 123 ? 14.735  -0.503  4.139   1.00 29.57 ? 123 TRP A CB  1 
ATOM   1000 C CG  . TRP A 1 123 ? 15.407  0.758   3.558   1.00 30.18 ? 123 TRP A CG  1 
ATOM   1001 C CD1 . TRP A 1 123 ? 16.622  0.833   2.948   1.00 29.76 ? 123 TRP A CD1 1 
ATOM   1002 C CD2 . TRP A 1 123 ? 14.858  2.089   3.516   1.00 28.34 ? 123 TRP A CD2 1 
ATOM   1003 N NE1 . TRP A 1 123 ? 16.863  2.120   2.523   1.00 30.78 ? 123 TRP A NE1 1 
ATOM   1004 C CE2 . TRP A 1 123 ? 15.794  2.906   2.867   1.00 28.57 ? 123 TRP A CE2 1 
ATOM   1005 C CE3 . TRP A 1 123 ? 13.669  2.660   3.977   1.00 26.49 ? 123 TRP A CE3 1 
ATOM   1006 C CZ2 . TRP A 1 123 ? 15.586  4.251   2.674   1.00 26.99 ? 123 TRP A CZ2 1 
ATOM   1007 C CZ3 . TRP A 1 123 ? 13.461  3.994   3.787   1.00 22.79 ? 123 TRP A CZ3 1 
ATOM   1008 C CH2 . TRP A 1 123 ? 14.415  4.775   3.148   1.00 25.99 ? 123 TRP A CH2 1 
ATOM   1009 N N   . ASP A 1 124 ? 15.061  -2.581  1.659   1.00 33.26 ? 124 ASP A N   1 
ATOM   1010 C CA  . ASP A 1 124 ? 15.874  -2.978  0.539   1.00 36.24 ? 124 ASP A CA  1 
ATOM   1011 C C   . ASP A 1 124 ? 15.058  -3.557  -0.613  1.00 36.58 ? 124 ASP A C   1 
ATOM   1012 O O   . ASP A 1 124 ? 15.561  -3.683  -1.721  1.00 36.40 ? 124 ASP A O   1 
ATOM   1013 C CB  . ASP A 1 124 ? 16.892  -3.992  1.119   1.00 40.89 ? 124 ASP A CB  1 
ATOM   1014 C CG  . ASP A 1 124 ? 17.092  -3.788  2.700   1.00 45.68 ? 124 ASP A CG  1 
ATOM   1015 O OD1 . ASP A 1 124 ? 18.016  -3.020  3.103   1.00 46.36 ? 124 ASP A OD1 1 
ATOM   1016 O OD2 . ASP A 1 124 ? 16.299  -4.350  3.533   1.00 43.95 ? 124 ASP A OD2 1 
ATOM   1017 N N   . LYS A 1 125 ? 13.800  -3.900  -0.343  1.00 36.51 ? 125 LYS A N   1 
ATOM   1018 C CA  . LYS A 1 125 ? 12.925  -4.439  -1.352  1.00 36.48 ? 125 LYS A CA  1 
ATOM   1019 C C   . LYS A 1 125 ? 12.668  -3.335  -2.334  1.00 37.70 ? 125 LYS A C   1 
ATOM   1020 O O   . LYS A 1 125 ? 12.573  -2.157  -1.975  1.00 38.43 ? 125 LYS A O   1 
ATOM   1021 C CB  . LYS A 1 125 ? 11.578  -4.867  -0.768  1.00 37.18 ? 125 LYS A CB  1 
ATOM   1022 C CG  . LYS A 1 125 ? 11.595  -6.101  0.139   1.00 38.50 ? 125 LYS A CG  1 
ATOM   1023 C CD  . LYS A 1 125 ? 10.163  -6.519  0.462   1.00 41.51 ? 125 LYS A CD  1 
ATOM   1024 C CE  . LYS A 1 125 ? 10.047  -7.430  1.726   1.00 43.57 ? 125 LYS A CE  1 
ATOM   1025 N NZ  . LYS A 1 125 ? 8.662   -7.337  2.385   1.00 42.04 ? 125 LYS A NZ  1 
ATOM   1026 N N   . PRO A 1 126 ? 12.618  -3.695  -3.609  1.00 38.28 ? 126 PRO A N   1 
ATOM   1027 C CA  . PRO A 1 126 ? 12.365  -2.805  -4.745  1.00 36.45 ? 126 PRO A CA  1 
ATOM   1028 C C   . PRO A 1 126 ? 10.874  -2.578  -4.727  1.00 34.02 ? 126 PRO A C   1 
ATOM   1029 O O   . PRO A 1 126 ? 10.116  -3.512  -4.608  1.00 33.02 ? 126 PRO A O   1 
ATOM   1030 C CB  . PRO A 1 126 ? 12.765  -3.653  -5.949  1.00 35.55 ? 126 PRO A CB  1 
ATOM   1031 C CG  . PRO A 1 126 ? 13.841  -4.528  -5.406  1.00 37.75 ? 126 PRO A CG  1 
ATOM   1032 C CD  . PRO A 1 126 ? 13.233  -4.960  -4.074  1.00 39.36 ? 126 PRO A CD  1 
ATOM   1033 N N   . PHE A 1 127 ? 10.469  -1.335  -4.867  1.00 33.06 ? 127 PHE A N   1 
ATOM   1034 C CA  . PHE A 1 127 ? 9.064   -1.001  -4.863  1.00 32.11 ? 127 PHE A CA  1 
ATOM   1035 C C   . PHE A 1 127 ? 8.282   -1.673  -6.010  1.00 33.05 ? 127 PHE A C   1 
ATOM   1036 O O   . PHE A 1 127 ? 8.653   -1.589  -7.168  1.00 33.42 ? 127 PHE A O   1 
ATOM   1037 C CB  . PHE A 1 127 ? 8.913   0.520   -4.929  1.00 28.74 ? 127 PHE A CB  1 
ATOM   1038 C CG  . PHE A 1 127 ? 7.524   0.974   -5.108  1.00 24.95 ? 127 PHE A CG  1 
ATOM   1039 C CD1 . PHE A 1 127 ? 6.574   0.731   -4.144  1.00 24.98 ? 127 PHE A CD1 1 
ATOM   1040 C CD2 . PHE A 1 127 ? 7.149   1.645   -6.236  1.00 24.75 ? 127 PHE A CD2 1 
ATOM   1041 C CE1 . PHE A 1 127 ? 5.243   1.164   -4.303  1.00 22.75 ? 127 PHE A CE1 1 
ATOM   1042 C CE2 . PHE A 1 127 ? 5.796   2.086   -6.399  1.00 25.14 ? 127 PHE A CE2 1 
ATOM   1043 C CZ  . PHE A 1 127 ? 4.861   1.835   -5.417  1.00 21.25 ? 127 PHE A CZ  1 
ATOM   1044 N N   . LYS A 1 128 ? 7.186   -2.322  -5.649  1.00 33.67 ? 128 LYS A N   1 
ATOM   1045 C CA  . LYS A 1 128 ? 6.296   -2.990  -6.576  1.00 35.34 ? 128 LYS A CA  1 
ATOM   1046 C C   . LYS A 1 128 ? 4.864   -2.472  -6.338  1.00 34.79 ? 128 LYS A C   1 
ATOM   1047 O O   . LYS A 1 128 ? 4.205   -2.925  -5.394  1.00 36.55 ? 128 LYS A O   1 
ATOM   1048 C CB  . LYS A 1 128 ? 6.283   -4.472  -6.277  1.00 38.01 ? 128 LYS A CB  1 
ATOM   1049 C CG  . LYS A 1 128 ? 6.641   -5.307  -7.419  1.00 42.51 ? 128 LYS A CG  1 
ATOM   1050 C CD  . LYS A 1 128 ? 8.028   -5.858  -7.204  1.00 45.40 ? 128 LYS A CD  1 
ATOM   1051 C CE  . LYS A 1 128 ? 8.539   -6.460  -8.493  1.00 47.65 ? 128 LYS A CE  1 
ATOM   1052 N NZ  . LYS A 1 128 ? 9.690   -7.314  -8.154  1.00 51.73 ? 128 LYS A NZ  1 
ATOM   1053 N N   . PRO A 1 129 ? 4.340   -1.573  -7.187  1.00 31.71 ? 129 PRO A N   1 
ATOM   1054 C CA  . PRO A 1 129 ? 2.966   -1.145  -6.855  1.00 29.72 ? 129 PRO A CA  1 
ATOM   1055 C C   . PRO A 1 129 ? 1.929   -2.307  -6.828  1.00 29.05 ? 129 PRO A C   1 
ATOM   1056 O O   . PRO A 1 129 ? 1.420   -2.715  -7.883  1.00 28.35 ? 129 PRO A O   1 
ATOM   1057 C CB  . PRO A 1 129 ? 2.660   -0.074  -7.917  1.00 30.79 ? 129 PRO A CB  1 
ATOM   1058 C CG  . PRO A 1 129 ? 3.474   -0.543  -9.120  1.00 31.62 ? 129 PRO A CG  1 
ATOM   1059 C CD  . PRO A 1 129 ? 4.750   -1.193  -8.545  1.00 29.13 ? 129 PRO A CD  1 
ATOM   1060 N N   A HIS A 1 130 ? 1.652   -2.812  -5.613  0.54 29.16 ? 130 HIS A N   1 
ATOM   1061 N N   B HIS A 1 130 ? 1.607   -2.786  -5.616  0.46 28.07 ? 130 HIS A N   1 
ATOM   1062 C CA  A HIS A 1 130 ? 0.746   -3.948  -5.327  0.54 28.46 ? 130 HIS A CA  1 
ATOM   1063 C CA  B HIS A 1 130 ? 0.641   -3.878  -5.398  0.46 26.62 ? 130 HIS A CA  1 
ATOM   1064 C C   A HIS A 1 130 ? -0.361  -3.560  -4.294  0.54 27.68 ? 130 HIS A C   1 
ATOM   1065 C C   B HIS A 1 130 ? -0.408  -3.495  -4.345  0.46 26.51 ? 130 HIS A C   1 
ATOM   1066 O O   A HIS A 1 130 ? -0.113  -2.716  -3.437  0.54 27.71 ? 130 HIS A O   1 
ATOM   1067 O O   B HIS A 1 130 ? -0.171  -2.616  -3.524  0.46 26.73 ? 130 HIS A O   1 
ATOM   1068 C CB  A HIS A 1 130 ? 1.575   -5.125  -4.728  0.54 28.22 ? 130 HIS A CB  1 
ATOM   1069 C CB  B HIS A 1 130 ? 1.356   -5.173  -4.944  0.46 24.47 ? 130 HIS A CB  1 
ATOM   1070 C CG  A HIS A 1 130 ? 2.572   -5.755  -5.668  0.54 28.92 ? 130 HIS A CG  1 
ATOM   1071 C CG  B HIS A 1 130 ? 1.505   -5.315  -3.456  0.46 21.91 ? 130 HIS A CG  1 
ATOM   1072 N ND1 A HIS A 1 130 ? 3.407   -6.784  -5.276  0.54 27.15 ? 130 HIS A ND1 1 
ATOM   1073 N ND1 B HIS A 1 130 ? 2.569   -4.786  -2.754  0.46 20.93 ? 130 HIS A ND1 1 
ATOM   1074 C CD2 A HIS A 1 130 ? 2.836   -5.540  -6.987  0.54 28.98 ? 130 HIS A CD2 1 
ATOM   1075 C CD2 B HIS A 1 130 ? 0.721   -5.937  -2.537  0.46 20.52 ? 130 HIS A CD2 1 
ATOM   1076 C CE1 A HIS A 1 130 ? 4.138   -7.174  -6.309  0.54 27.78 ? 130 HIS A CE1 1 
ATOM   1077 C CE1 B HIS A 1 130 ? 2.432   -5.079  -1.470  0.46 19.12 ? 130 HIS A CE1 1 
ATOM   1078 N NE2 A HIS A 1 130 ? 3.813   -6.438  -7.359  0.54 28.02 ? 130 HIS A NE2 1 
ATOM   1079 N NE2 B HIS A 1 130 ? 1.320   -5.777  -1.314  0.46 18.45 ? 130 HIS A NE2 1 
ATOM   1080 N N   . ILE A 1 131 ? -1.554  -4.179  -4.376  1.00 25.84 ? 131 ILE A N   1 
ATOM   1081 C CA  . ILE A 1 131 ? -2.662  -3.946  -3.427  1.00 23.92 ? 131 ILE A CA  1 
ATOM   1082 C C   . ILE A 1 131 ? -3.120  -5.308  -2.939  1.00 24.19 ? 131 ILE A C   1 
ATOM   1083 O O   . ILE A 1 131 ? -3.754  -6.082  -3.664  1.00 23.02 ? 131 ILE A O   1 
ATOM   1084 C CB  . ILE A 1 131 ? -3.941  -3.232  -4.059  1.00 23.40 ? 131 ILE A CB  1 
ATOM   1085 C CG1 . ILE A 1 131 ? -3.648  -1.752  -4.356  1.00 22.65 ? 131 ILE A CG1 1 
ATOM   1086 C CG2 . ILE A 1 131 ? -5.176  -3.378  -3.122  1.00 17.96 ? 131 ILE A CG2 1 
ATOM   1087 C CD1 . ILE A 1 131 ? -4.512  -1.182  -5.511  1.00 21.19 ? 131 ILE A CD1 1 
ATOM   1088 N N   . THR A 1 132 ? -2.796  -5.603  -1.694  1.00 24.02 ? 132 THR A N   1 
ATOM   1089 C CA  . THR A 1 132 ? -3.181  -6.886  -1.128  1.00 23.93 ? 132 THR A CA  1 
ATOM   1090 C C   . THR A 1 132 ? -4.671  -7.166  -1.052  1.00 22.10 ? 132 THR A C   1 
ATOM   1091 O O   . THR A 1 132 ? -5.424  -6.358  -0.568  1.00 23.02 ? 132 THR A O   1 
ATOM   1092 C CB  . THR A 1 132 ? -2.552  -7.013  0.223   1.00 22.60 ? 132 THR A CB  1 
ATOM   1093 O OG1 . THR A 1 132 ? -1.175  -6.706  0.044   1.00 27.34 ? 132 THR A OG1 1 
ATOM   1094 C CG2 . THR A 1 132 ? -2.623  -8.405  0.734   1.00 20.92 ? 132 THR A CG2 1 
ATOM   1095 N N   . LEU A 1 133 ? -5.043  -8.358  -1.511  1.00 22.00 ? 133 LEU A N   1 
ATOM   1096 C CA  . LEU A 1 133 ? -6.421  -8.881  -1.568  1.00 21.96 ? 133 LEU A CA  1 
ATOM   1097 C C   . LEU A 1 133 ? -6.749  -9.864  -0.476  1.00 20.95 ? 133 LEU A C   1 
ATOM   1098 O O   . LEU A 1 133 ? -7.892  -9.927  0.017   1.00 21.02 ? 133 LEU A O   1 
ATOM   1099 C CB  . LEU A 1 133 ? -6.627  -9.608  -2.889  1.00 22.45 ? 133 LEU A CB  1 
ATOM   1100 C CG  . LEU A 1 133 ? -6.464  -8.713  -4.094  1.00 22.43 ? 133 LEU A CG  1 
ATOM   1101 C CD1 . LEU A 1 133 ? -6.308  -9.564  -5.281  1.00 25.39 ? 133 LEU A CD1 1 
ATOM   1102 C CD2 . LEU A 1 133 ? -7.653  -7.792  -4.191  1.00 21.16 ? 133 LEU A CD2 1 
ATOM   1103 N N   . ALA A 1 134 ? -5.752  -10.659 -0.123  1.00 20.06 ? 134 ALA A N   1 
ATOM   1104 C CA  . ALA A 1 134 ? -5.926  -11.632 0.921   1.00 21.93 ? 134 ALA A CA  1 
ATOM   1105 C C   . ALA A 1 134 ? -4.601  -12.211 1.324   1.00 22.46 ? 134 ALA A C   1 
ATOM   1106 O O   . ALA A 1 134 ? -3.643  -12.165 0.577   1.00 22.28 ? 134 ALA A O   1 
ATOM   1107 C CB  . ALA A 1 134 ? -6.891  -12.754 0.438   1.00 21.25 ? 134 ALA A CB  1 
ATOM   1108 N N   . ARG A 1 135 ? -4.558  -12.773 2.523   1.00 25.70 ? 135 ARG A N   1 
ATOM   1109 C CA  . ARG A 1 135 ? -3.325  -13.389 3.039   1.00 28.83 ? 135 ARG A CA  1 
ATOM   1110 C C   . ARG A 1 135 ? -3.607  -14.859 3.452   1.00 29.11 ? 135 ARG A C   1 
ATOM   1111 O O   . ARG A 1 135 ? -4.677  -15.200 4.000   1.00 27.82 ? 135 ARG A O   1 
ATOM   1112 C CB  . ARG A 1 135 ? -2.757  -12.564 4.222   1.00 30.99 ? 135 ARG A CB  1 
ATOM   1113 C CG  . ARG A 1 135 ? -2.350  -11.134 3.858   1.00 35.52 ? 135 ARG A CG  1 
ATOM   1114 C CD  . ARG A 1 135 ? -1.733  -10.228 5.027   1.00 39.19 ? 135 ARG A CD  1 
ATOM   1115 N NE  . ARG A 1 135 ? -0.926  -9.105  4.459   1.00 41.49 ? 135 ARG A NE  1 
ATOM   1116 C CZ  . ARG A 1 135 ? 0.374   -9.189  4.076   1.00 43.18 ? 135 ARG A CZ  1 
ATOM   1117 N NH1 . ARG A 1 135 ? 1.073   -10.342 4.210   1.00 38.91 ? 135 ARG A NH1 1 
ATOM   1118 N NH2 . ARG A 1 135 ? 0.972   -8.125  3.499   1.00 43.34 ? 135 ARG A NH2 1 
ATOM   1119 N N   . ARG A 1 136 ? -2.632  -15.712 3.154   1.00 29.17 ? 136 ARG A N   1 
ATOM   1120 C CA  . ARG A 1 136 ? -2.731  -17.129 3.421   1.00 31.02 ? 136 ARG A CA  1 
ATOM   1121 C C   . ARG A 1 136 ? -2.428  -17.531 4.861   1.00 31.33 ? 136 ARG A C   1 
ATOM   1122 O O   . ARG A 1 136 ? -1.274  -17.663 5.268   1.00 32.68 ? 136 ARG A O   1 
ATOM   1123 C CB  . ARG A 1 136 ? -1.852  -17.849 2.367   1.00 32.64 ? 136 ARG A CB  1 
ATOM   1124 C CG  . ARG A 1 136 ? -0.945  -18.948 2.808   1.00 33.64 ? 136 ARG A CG  1 
ATOM   1125 C CD  . ARG A 1 136 ? -1.672  -20.040 3.484   1.00 37.27 ? 136 ARG A CD  1 
ATOM   1126 N NE  . ARG A 1 136 ? -1.146  -21.366 3.158   1.00 35.92 ? 136 ARG A NE  1 
ATOM   1127 C CZ  . ARG A 1 136 ? -0.583  -22.180 4.034   1.00 36.98 ? 136 ARG A CZ  1 
ATOM   1128 N NH1 . ARG A 1 136 ? -0.455  -21.812 5.320   1.00 34.29 ? 136 ARG A NH1 1 
ATOM   1129 N NH2 . ARG A 1 136 ? -0.169  -23.384 3.614   1.00 39.39 ? 136 ARG A NH2 1 
ATOM   1130 N N   . LYS A 1 137 ? -3.491  -17.683 5.638   1.00 31.51 ? 137 LYS A N   1 
ATOM   1131 C CA  . LYS A 1 137 ? -3.417  -18.077 7.024   1.00 31.17 ? 137 LYS A CA  1 
ATOM   1132 C C   . LYS A 1 137 ? -3.432  -19.607 7.139   1.00 32.56 ? 137 LYS A C   1 
ATOM   1133 O O   . LYS A 1 137 ? -3.069  -20.167 8.164   1.00 32.67 ? 137 LYS A O   1 
ATOM   1134 C CB  . LYS A 1 137 ? -4.585  -17.508 7.785   1.00 33.15 ? 137 LYS A CB  1 
ATOM   1135 C CG  . LYS A 1 137 ? -4.352  -16.113 8.452   1.00 38.57 ? 137 LYS A CG  1 
ATOM   1136 C CD  . LYS A 1 137 ? -5.545  -15.800 9.475   1.00 42.06 ? 137 LYS A CD  1 
ATOM   1137 C CE  . LYS A 1 137 ? -5.250  -14.707 10.532  1.00 43.98 ? 137 LYS A CE  1 
ATOM   1138 N NZ  . LYS A 1 137 ? -6.330  -13.613 10.610  1.00 45.51 ? 137 LYS A NZ  1 
ATOM   1139 N N   . ALA A 1 138 ? -3.815  -20.316 6.085   1.00 31.83 ? 138 ALA A N   1 
ATOM   1140 C CA  . ALA A 1 138 ? -3.838  -21.758 6.192   1.00 29.83 ? 138 ALA A CA  1 
ATOM   1141 C C   . ALA A 1 138 ? -3.815  -22.377 4.814   1.00 29.51 ? 138 ALA A C   1 
ATOM   1142 O O   . ALA A 1 138 ? -3.806  -21.686 3.831   1.00 30.98 ? 138 ALA A O   1 
ATOM   1143 C CB  . ALA A 1 138 ? -5.057  -22.190 6.995   1.00 27.13 ? 138 ALA A CB  1 
ATOM   1144 N N   . PRO A 1 139 ? -3.803  -23.707 4.710   1.00 29.55 ? 139 PRO A N   1 
ATOM   1145 C CA  . PRO A 1 139 ? -3.770  -24.134 3.301   1.00 28.26 ? 139 PRO A CA  1 
ATOM   1146 C C   . PRO A 1 139 ? -4.926  -23.616 2.398   1.00 28.37 ? 139 PRO A C   1 
ATOM   1147 O O   . PRO A 1 139 ? -6.112  -23.746 2.708   1.00 28.16 ? 139 PRO A O   1 
ATOM   1148 C CB  . PRO A 1 139 ? -3.736  -25.668 3.415   1.00 28.46 ? 139 PRO A CB  1 
ATOM   1149 C CG  . PRO A 1 139 ? -3.145  -25.923 4.823   1.00 26.91 ? 139 PRO A CG  1 
ATOM   1150 C CD  . PRO A 1 139 ? -3.781  -24.849 5.650   1.00 27.33 ? 139 PRO A CD  1 
ATOM   1151 N N   . ALA A 1 140 ? -4.571  -23.043 1.266   1.00 28.11 ? 140 ALA A N   1 
ATOM   1152 C CA  . ALA A 1 140 ? -5.554  -22.560 0.335   1.00 30.03 ? 140 ALA A CA  1 
ATOM   1153 C C   . ALA A 1 140 ? -4.908  -22.565 -1.031  1.00 30.79 ? 140 ALA A C   1 
ATOM   1154 O O   . ALA A 1 140 ? -3.708  -22.436 -1.143  1.00 30.23 ? 140 ALA A O   1 
ATOM   1155 C CB  . ALA A 1 140 ? -6.020  -21.152 0.722   1.00 32.60 ? 140 ALA A CB  1 
ATOM   1156 N N   . PRO A 1 141 ? -5.699  -22.744 -2.096  1.00 31.81 ? 141 PRO A N   1 
ATOM   1157 C CA  . PRO A 1 141 ? -5.093  -22.758 -3.430  1.00 33.03 ? 141 PRO A CA  1 
ATOM   1158 C C   . PRO A 1 141 ? -5.037  -21.411 -4.190  1.00 34.69 ? 141 PRO A C   1 
ATOM   1159 O O   . PRO A 1 141 ? -5.774  -20.481 -3.884  1.00 33.01 ? 141 PRO A O   1 
ATOM   1160 C CB  . PRO A 1 141 ? -5.979  -23.741 -4.181  1.00 32.05 ? 141 PRO A CB  1 
ATOM   1161 C CG  . PRO A 1 141 ? -7.316  -23.412 -3.651  1.00 31.63 ? 141 PRO A CG  1 
ATOM   1162 C CD  . PRO A 1 141 ? -7.053  -23.339 -2.140  1.00 31.87 ? 141 PRO A CD  1 
ATOM   1163 N N   . ARG A 1 142 ? -4.140  -21.340 -5.168  1.00 35.56 ? 142 ARG A N   1 
ATOM   1164 C CA  . ARG A 1 142 ? -4.083  -20.203 -6.056  1.00 38.93 ? 142 ARG A CA  1 
ATOM   1165 C C   . ARG A 1 142 ? -5.424  -20.283 -6.788  1.00 39.32 ? 142 ARG A C   1 
ATOM   1166 O O   . ARG A 1 142 ? -6.018  -21.350 -6.918  1.00 39.00 ? 142 ARG A O   1 
ATOM   1167 C CB  . ARG A 1 142 ? -3.010  -20.378 -7.142  1.00 39.77 ? 142 ARG A CB  1 
ATOM   1168 C CG  . ARG A 1 142 ? -1.663  -20.776 -6.636  1.00 44.57 ? 142 ARG A CG  1 
ATOM   1169 C CD  . ARG A 1 142 ? -0.572  -19.739 -6.894  1.00 45.88 ? 142 ARG A CD  1 
ATOM   1170 N NE  . ARG A 1 142 ? 0.598   -20.095 -6.078  1.00 49.82 ? 142 ARG A NE  1 
ATOM   1171 C CZ  . ARG A 1 142 ? 1.752   -19.429 -6.082  1.00 50.75 ? 142 ARG A CZ  1 
ATOM   1172 N NH1 . ARG A 1 142 ? 1.893   -18.361 -6.872  1.00 52.46 ? 142 ARG A NH1 1 
ATOM   1173 N NH2 . ARG A 1 142 ? 2.749   -19.814 -5.297  1.00 49.06 ? 142 ARG A NH2 1 
ATOM   1174 N N   . VAL A 1 143 ? -5.864  -19.153 -7.297  1.00 40.55 ? 143 VAL A N   1 
ATOM   1175 C CA  . VAL A 1 143 ? -7.100  -19.042 -8.080  1.00 42.32 ? 143 VAL A CA  1 
ATOM   1176 C C   . VAL A 1 143 ? -6.606  -18.405 -9.383  1.00 43.03 ? 143 VAL A C   1 
ATOM   1177 O O   . VAL A 1 143 ? -5.631  -17.653 -9.356  1.00 44.28 ? 143 VAL A O   1 
ATOM   1178 C CB  . VAL A 1 143 ? -8.063  -18.054 -7.410  1.00 43.20 ? 143 VAL A CB  1 
ATOM   1179 C CG1 . VAL A 1 143 ? -9.062  -17.523 -8.450  1.00 45.78 ? 143 VAL A CG1 1 
ATOM   1180 C CG2 . VAL A 1 143 ? -8.735  -18.715 -6.215  1.00 42.36 ? 143 VAL A CG2 1 
ATOM   1181 N N   . PRO A 1 144 ? -7.270  -18.645 -10.524 1.00 43.94 ? 144 PRO A N   1 
ATOM   1182 C CA  . PRO A 1 144 ? -6.769  -18.025 -11.768 1.00 43.07 ? 144 PRO A CA  1 
ATOM   1183 C C   . PRO A 1 144 ? -6.594  -16.521 -11.685 1.00 42.39 ? 144 PRO A C   1 
ATOM   1184 O O   . PRO A 1 144 ? -7.149  -15.849 -10.813 1.00 43.54 ? 144 PRO A O   1 
ATOM   1185 C CB  . PRO A 1 144 ? -7.822  -18.376 -12.815 1.00 43.44 ? 144 PRO A CB  1 
ATOM   1186 C CG  . PRO A 1 144 ? -8.456  -19.642 -12.303 1.00 45.09 ? 144 PRO A CG  1 
ATOM   1187 C CD  . PRO A 1 144 ? -8.520  -19.393 -10.768 1.00 45.61 ? 144 PRO A CD  1 
ATOM   1188 N N   . PRO A 1 145 ? -5.805  -15.974 -12.597 1.00 41.30 ? 145 PRO A N   1 
ATOM   1189 C CA  . PRO A 1 145 ? -5.556  -14.532 -12.636 1.00 40.80 ? 145 PRO A CA  1 
ATOM   1190 C C   . PRO A 1 145 ? -6.844  -13.740 -12.780 1.00 40.53 ? 145 PRO A C   1 
ATOM   1191 O O   . PRO A 1 145 ? -7.805  -14.237 -13.342 1.00 40.87 ? 145 PRO A O   1 
ATOM   1192 C CB  . PRO A 1 145 ? -4.664  -14.374 -13.856 1.00 40.81 ? 145 PRO A CB  1 
ATOM   1193 C CG  . PRO A 1 145 ? -3.882  -15.715 -13.890 1.00 41.14 ? 145 PRO A CG  1 
ATOM   1194 C CD  . PRO A 1 145 ? -4.911  -16.733 -13.496 1.00 40.59 ? 145 PRO A CD  1 
ATOM   1195 N N   . VAL A 1 146 ? -6.879  -12.524 -12.241 1.00 40.14 ? 146 VAL A N   1 
ATOM   1196 C CA  . VAL A 1 146 ? -8.048  -11.660 -12.396 1.00 39.87 ? 146 VAL A CA  1 
ATOM   1197 C C   . VAL A 1 146 ? -7.571  -10.394 -13.133 1.00 40.58 ? 146 VAL A C   1 
ATOM   1198 O O   . VAL A 1 146 ? -6.753  -9.632  -12.579 1.00 39.98 ? 146 VAL A O   1 
ATOM   1199 C CB  . VAL A 1 146 ? -8.676  -11.192 -11.046 1.00 37.89 ? 146 VAL A CB  1 
ATOM   1200 C CG1 . VAL A 1 146 ? -9.722  -10.112 -11.324 1.00 36.18 ? 146 VAL A CG1 1 
ATOM   1201 C CG2 . VAL A 1 146 ? -9.352  -12.332 -10.336 1.00 37.37 ? 146 VAL A CG2 1 
ATOM   1202 N N   . LEU A 1 147 ? -8.047  -10.186 -14.368 1.00 40.15 ? 147 LEU A N   1 
ATOM   1203 C CA  . LEU A 1 147 ? -7.670  -8.990  -15.134 1.00 40.86 ? 147 LEU A CA  1 
ATOM   1204 C C   . LEU A 1 147 ? -8.603  -7.879  -14.793 1.00 40.79 ? 147 LEU A C   1 
ATOM   1205 O O   . LEU A 1 147 ? -9.811  -8.102  -14.670 1.00 41.28 ? 147 LEU A O   1 
ATOM   1206 C CB  . LEU A 1 147 ? -7.741  -9.245  -16.617 1.00 41.38 ? 147 LEU A CB  1 
ATOM   1207 C CG  . LEU A 1 147 ? -6.835  -10.422 -16.938 1.00 44.04 ? 147 LEU A CG  1 
ATOM   1208 C CD1 . LEU A 1 147 ? -6.599  -10.468 -18.470 1.00 45.53 ? 147 LEU A CD1 1 
ATOM   1209 C CD2 . LEU A 1 147 ? -5.484  -10.265 -16.176 1.00 45.24 ? 147 LEU A CD2 1 
ATOM   1210 N N   . PHE A 1 148 ? -8.073  -6.673  -14.643 1.00 40.66 ? 148 PHE A N   1 
ATOM   1211 C CA  . PHE A 1 148 ? -8.949  -5.565  -14.274 1.00 41.02 ? 148 PHE A CA  1 
ATOM   1212 C C   . PHE A 1 148 ? -9.225  -4.483  -15.327 1.00 41.93 ? 148 PHE A C   1 
ATOM   1213 O O   . PHE A 1 148 ? -10.402 -4.157  -15.593 1.00 41.76 ? 148 PHE A O   1 
ATOM   1214 C CB  . PHE A 1 148 ? -8.417  -4.873  -13.029 1.00 39.77 ? 148 PHE A CB  1 
ATOM   1215 C CG  . PHE A 1 148 ? -8.301  -5.764  -11.834 1.00 38.30 ? 148 PHE A CG  1 
ATOM   1216 C CD1 . PHE A 1 148 ? -7.107  -6.395  -11.541 1.00 36.12 ? 148 PHE A CD1 1 
ATOM   1217 C CD2 . PHE A 1 148 ? -9.372  -5.901  -10.940 1.00 38.15 ? 148 PHE A CD2 1 
ATOM   1218 C CE1 . PHE A 1 148 ? -6.968  -7.152  -10.358 1.00 36.34 ? 148 PHE A CE1 1 
ATOM   1219 C CE2 . PHE A 1 148 ? -9.232  -6.653  -9.758  1.00 36.76 ? 148 PHE A CE2 1 
ATOM   1220 C CZ  . PHE A 1 148 ? -8.017  -7.277  -9.472  1.00 35.23 ? 148 PHE A CZ  1 
ATOM   1221 N N   . GLY A 1 149 ? -8.132  -3.920  -15.880 1.00 41.67 ? 149 GLY A N   1 
ATOM   1222 C CA  . GLY A 1 149 ? -8.211  -2.840  -16.855 1.00 40.74 ? 149 GLY A CA  1 
ATOM   1223 C C   . GLY A 1 149 ? -9.129  -1.763  -16.322 1.00 40.97 ? 149 GLY A C   1 
ATOM   1224 O O   . GLY A 1 149 ? -10.213 -1.527  -16.851 1.00 43.68 ? 149 GLY A O   1 
ATOM   1225 N N   . LEU A 1 150 ? -8.734  -1.115  -15.241 1.00 38.37 ? 150 LEU A N   1 
ATOM   1226 C CA  . LEU A 1 150 ? -9.566  -0.073  -14.664 1.00 35.39 ? 150 LEU A CA  1 
ATOM   1227 C C   . LEU A 1 150 ? -8.671  1.126   -14.303 1.00 33.78 ? 150 LEU A C   1 
ATOM   1228 O O   . LEU A 1 150 ? -7.773  0.984   -13.491 1.00 33.84 ? 150 LEU A O   1 
ATOM   1229 C CB  . LEU A 1 150 ? -10.284 -0.602  -13.424 1.00 33.86 ? 150 LEU A CB  1 
ATOM   1230 C CG  . LEU A 1 150 ? -10.829 0.482   -12.477 1.00 35.98 ? 150 LEU A CG  1 
ATOM   1231 C CD1 . LEU A 1 150 ? -11.801 1.390   -13.244 1.00 33.95 ? 150 LEU A CD1 1 
ATOM   1232 C CD2 . LEU A 1 150 ? -11.495 -0.125  -11.247 1.00 35.04 ? 150 LEU A CD2 1 
ATOM   1233 N N   . GLU A 1 151 ? -8.946  2.298   -14.883 1.00 31.32 ? 151 GLU A N   1 
ATOM   1234 C CA  . GLU A 1 151 ? -8.150  3.503   -14.635 1.00 28.95 ? 151 GLU A CA  1 
ATOM   1235 C C   . GLU A 1 151 ? -8.845  4.348   -13.588 1.00 26.51 ? 151 GLU A C   1 
ATOM   1236 O O   . GLU A 1 151 ? -10.046 4.380   -13.505 1.00 27.43 ? 151 GLU A O   1 
ATOM   1237 C CB  . GLU A 1 151 ? -7.956  4.332   -15.934 1.00 27.33 ? 151 GLU A CB  1 
ATOM   1238 C CG  . GLU A 1 151 ? -6.819  5.366   -15.862 1.00 32.70 ? 151 GLU A CG  1 
ATOM   1239 C CD  . GLU A 1 151 ? -6.693  6.341   -17.094 1.00 34.54 ? 151 GLU A CD  1 
ATOM   1240 O OE1 . GLU A 1 151 ? -6.357  5.929   -18.226 1.00 34.37 ? 151 GLU A OE1 1 
ATOM   1241 O OE2 . GLU A 1 151 ? -6.930  7.552   -16.918 1.00 35.58 ? 151 GLU A OE2 1 
ATOM   1242 N N   . TRP A 1 152 ? -8.089  5.003   -12.746 1.00 24.05 ? 152 TRP A N   1 
ATOM   1243 C CA  . TRP A 1 152 ? -8.714  5.873   -11.782 1.00 22.63 ? 152 TRP A CA  1 
ATOM   1244 C C   . TRP A 1 152 ? -7.732  6.999   -11.480 1.00 23.01 ? 152 TRP A C   1 
ATOM   1245 O O   . TRP A 1 152 ? -6.530  6.869   -11.729 1.00 25.20 ? 152 TRP A O   1 
ATOM   1246 C CB  . TRP A 1 152 ? -9.101  5.088   -10.530 1.00 17.70 ? 152 TRP A CB  1 
ATOM   1247 C CG  . TRP A 1 152 ? -8.082  5.041   -9.465  1.00 18.58 ? 152 TRP A CG  1 
ATOM   1248 C CD1 . TRP A 1 152 ? -8.025  5.847   -8.364  1.00 16.23 ? 152 TRP A CD1 1 
ATOM   1249 C CD2 . TRP A 1 152 ? -7.099  4.018   -9.260  1.00 17.90 ? 152 TRP A CD2 1 
ATOM   1250 N NE1 . TRP A 1 152 ? -7.105  5.375   -7.486  1.00 15.46 ? 152 TRP A NE1 1 
ATOM   1251 C CE2 . TRP A 1 152 ? -6.516  4.259   -7.994  1.00 16.91 ? 152 TRP A CE2 1 
ATOM   1252 C CE3 . TRP A 1 152 ? -6.662  2.917   -10.018 1.00 18.78 ? 152 TRP A CE3 1 
ATOM   1253 C CZ2 . TRP A 1 152 ? -5.518  3.440   -7.452  1.00 18.07 ? 152 TRP A CZ2 1 
ATOM   1254 C CZ3 . TRP A 1 152 ? -5.677  2.100   -9.499  1.00 18.34 ? 152 TRP A CZ3 1 
ATOM   1255 C CH2 . TRP A 1 152 ? -5.109  2.356   -8.224  1.00 19.66 ? 152 TRP A CH2 1 
ATOM   1256 N N   . PRO A 1 153 ? -8.228  8.121   -10.960 1.00 23.47 ? 153 PRO A N   1 
ATOM   1257 C CA  . PRO A 1 153 ? -7.442  9.321   -10.596 1.00 22.78 ? 153 PRO A CA  1 
ATOM   1258 C C   . PRO A 1 153 ? -6.821  9.249   -9.217  1.00 22.38 ? 153 PRO A C   1 
ATOM   1259 O O   . PRO A 1 153 ? -7.558  9.203   -8.251  1.00 24.50 ? 153 PRO A O   1 
ATOM   1260 C CB  . PRO A 1 153 ? -8.506  10.465  -10.627 1.00 22.21 ? 153 PRO A CB  1 
ATOM   1261 C CG  . PRO A 1 153 ? -9.595  9.921   -11.553 1.00 22.97 ? 153 PRO A CG  1 
ATOM   1262 C CD  . PRO A 1 153 ? -9.661  8.459   -11.067 1.00 23.57 ? 153 PRO A CD  1 
ATOM   1263 N N   . VAL A 1 154 ? -5.500  9.271   -9.076  1.00 22.63 ? 154 VAL A N   1 
ATOM   1264 C CA  . VAL A 1 154 ? -4.892  9.271   -7.707  1.00 21.69 ? 154 VAL A CA  1 
ATOM   1265 C C   . VAL A 1 154 ? -4.667  10.726  -7.331  1.00 21.27 ? 154 VAL A C   1 
ATOM   1266 O O   . VAL A 1 154 ? -3.871  11.398  -7.978  1.00 20.94 ? 154 VAL A O   1 
ATOM   1267 C CB  . VAL A 1 154 ? -3.527  8.522   -7.658  1.00 21.05 ? 154 VAL A CB  1 
ATOM   1268 C CG1 . VAL A 1 154 ? -2.950  8.589   -6.285  1.00 19.67 ? 154 VAL A CG1 1 
ATOM   1269 C CG2 . VAL A 1 154 ? -3.703  7.052   -8.094  1.00 20.03 ? 154 VAL A CG2 1 
ATOM   1270 N N   . GLU A 1 155 ? -5.376  11.197  -6.300  1.00 22.29 ? 155 GLU A N   1 
ATOM   1271 C CA  . GLU A 1 155 ? -5.339  12.587  -5.830  1.00 21.86 ? 155 GLU A CA  1 
ATOM   1272 C C   . GLU A 1 155 ? -4.596  12.853  -4.552  1.00 22.38 ? 155 GLU A C   1 
ATOM   1273 O O   . GLU A 1 155 ? -4.479  14.010  -4.136  1.00 21.63 ? 155 GLU A O   1 
ATOM   1274 C CB  . GLU A 1 155 ? -6.733  13.087  -5.608  1.00 22.71 ? 155 GLU A CB  1 
ATOM   1275 C CG  . GLU A 1 155 ? -7.667  12.420  -6.481  1.00 27.30 ? 155 GLU A CG  1 
ATOM   1276 C CD  . GLU A 1 155 ? -8.188  13.336  -7.528  1.00 30.51 ? 155 GLU A CD  1 
ATOM   1277 O OE1 . GLU A 1 155 ? -7.380  14.187  -7.997  1.00 31.62 ? 155 GLU A OE1 1 
ATOM   1278 O OE2 . GLU A 1 155 ? -9.401  13.189  -7.876  1.00 32.47 ? 155 GLU A OE2 1 
ATOM   1279 N N   . GLY A 1 156 ? -4.109  11.809  -3.893  1.00 22.78 ? 156 GLY A N   1 
ATOM   1280 C CA  . GLY A 1 156 ? -3.377  12.053  -2.658  1.00 21.09 ? 156 GLY A CA  1 
ATOM   1281 C C   . GLY A 1 156 ? -3.055  10.776  -1.942  1.00 20.39 ? 156 GLY A C   1 
ATOM   1282 O O   . GLY A 1 156 ? -3.350  9.703   -2.442  1.00 21.58 ? 156 GLY A O   1 
ATOM   1283 N N   . PHE A 1 157 ? -2.424  10.881  -0.783  1.00 20.10 ? 157 PHE A N   1 
ATOM   1284 C CA  . PHE A 1 157 ? -2.059  9.685   -0.023  1.00 20.26 ? 157 PHE A CA  1 
ATOM   1285 C C   . PHE A 1 157 ? -2.035  10.020  1.461   1.00 20.22 ? 157 PHE A C   1 
ATOM   1286 O O   . PHE A 1 157 ? -2.304  11.156  1.848   1.00 21.55 ? 157 PHE A O   1 
ATOM   1287 C CB  . PHE A 1 157 ? -0.708  9.186   -0.489  1.00 17.81 ? 157 PHE A CB  1 
ATOM   1288 C CG  . PHE A 1 157 ? 0.378   10.173  -0.280  1.00 19.37 ? 157 PHE A CG  1 
ATOM   1289 C CD1 . PHE A 1 157 ? 1.287   10.036  0.800   1.00 17.84 ? 157 PHE A CD1 1 
ATOM   1290 C CD2 . PHE A 1 157 ? 0.489   11.297  -1.118  1.00 16.31 ? 157 PHE A CD2 1 
ATOM   1291 C CE1 . PHE A 1 157 ? 2.292   11.034  1.028   1.00 16.83 ? 157 PHE A CE1 1 
ATOM   1292 C CE2 . PHE A 1 157 ? 1.481   12.283  -0.884  1.00 16.48 ? 157 PHE A CE2 1 
ATOM   1293 C CZ  . PHE A 1 157 ? 2.379   12.154  0.191   1.00 14.41 ? 157 PHE A CZ  1 
ATOM   1294 N N   . ALA A 1 158 ? -1.700  9.057   2.307   1.00 20.32 ? 158 ALA A N   1 
ATOM   1295 C CA  . ALA A 1 158 ? -1.720  9.315   3.734   1.00 18.11 ? 158 ALA A CA  1 
ATOM   1296 C C   . ALA A 1 158 ? -0.630  8.662   4.531   1.00 18.92 ? 158 ALA A C   1 
ATOM   1297 O O   . ALA A 1 158 ? 0.021   7.721   4.050   1.00 20.04 ? 158 ALA A O   1 
ATOM   1298 C CB  . ALA A 1 158 ? -3.080  8.872   4.289   1.00 17.61 ? 158 ALA A CB  1 
ATOM   1299 N N   . LEU A 1 159 ? -0.454  9.176   5.753   1.00 17.70 ? 159 LEU A N   1 
ATOM   1300 C CA  . LEU A 1 159 ? 0.485   8.677   6.725   1.00 18.03 ? 159 LEU A CA  1 
ATOM   1301 C C   . LEU A 1 159 ? -0.496  8.009   7.644   1.00 20.61 ? 159 LEU A C   1 
ATOM   1302 O O   . LEU A 1 159 ? -1.412  8.650   8.139   1.00 21.86 ? 159 LEU A O   1 
ATOM   1303 C CB  . LEU A 1 159 ? 1.185   9.785   7.486   1.00 17.59 ? 159 LEU A CB  1 
ATOM   1304 C CG  . LEU A 1 159 ? 2.111   9.261   8.613   1.00 16.99 ? 159 LEU A CG  1 
ATOM   1305 C CD1 . LEU A 1 159 ? 3.174   8.310   8.019   1.00 16.84 ? 159 LEU A CD1 1 
ATOM   1306 C CD2 . LEU A 1 159 ? 2.772   10.418  9.360   1.00 12.55 ? 159 LEU A CD2 1 
ATOM   1307 N N   . VAL A 1 160 ? -0.282  6.717   7.863   1.00 22.40 ? 160 VAL A N   1 
ATOM   1308 C CA  . VAL A 1 160 ? -1.155  5.854   8.639   1.00 23.44 ? 160 VAL A CA  1 
ATOM   1309 C C   . VAL A 1 160 ? -0.429  5.060   9.723   1.00 24.75 ? 160 VAL A C   1 
ATOM   1310 O O   . VAL A 1 160 ? 0.692   4.576   9.526   1.00 25.53 ? 160 VAL A O   1 
ATOM   1311 C CB  . VAL A 1 160 ? -1.810  4.743   7.683   1.00 24.22 ? 160 VAL A CB  1 
ATOM   1312 C CG1 . VAL A 1 160 ? -2.948  3.972   8.414   1.00 20.22 ? 160 VAL A CG1 1 
ATOM   1313 C CG2 . VAL A 1 160 ? -2.239  5.361   6.373   1.00 21.84 ? 160 VAL A CG2 1 
ATOM   1314 N N   . ARG A 1 161 ? -1.092  4.907   10.856  1.00 25.49 ? 161 ARG A N   1 
ATOM   1315 C CA  . ARG A 1 161 ? -0.554  4.082   11.923  1.00 26.17 ? 161 ARG A CA  1 
ATOM   1316 C C   . ARG A 1 161 ? -1.279  2.723   11.871  1.00 26.14 ? 161 ARG A C   1 
ATOM   1317 O O   . ARG A 1 161 ? -2.451  2.646   11.565  1.00 26.31 ? 161 ARG A O   1 
ATOM   1318 C CB  . ARG A 1 161 ? -0.813  4.701   13.288  1.00 26.43 ? 161 ARG A CB  1 
ATOM   1319 C CG  . ARG A 1 161 ? -0.146  3.896   14.422  1.00 25.71 ? 161 ARG A CG  1 
ATOM   1320 C CD  . ARG A 1 161 ? -0.677  4.299   15.769  1.00 27.93 ? 161 ARG A CD  1 
ATOM   1321 N NE  . ARG A 1 161 ? 0.013   3.650   16.881  1.00 28.80 ? 161 ARG A NE  1 
ATOM   1322 C CZ  . ARG A 1 161 ? -0.169  4.025   18.127  1.00 26.80 ? 161 ARG A CZ  1 
ATOM   1323 N NH1 . ARG A 1 161 ? -1.020  5.016   18.356  1.00 27.91 ? 161 ARG A NH1 1 
ATOM   1324 N NH2 . ARG A 1 161 ? 0.535   3.484   19.104  1.00 26.10 ? 161 ARG A NH2 1 
ATOM   1325 N N   . SER A 1 162 ? -0.570  1.657   12.161  1.00 26.94 ? 162 SER A N   1 
ATOM   1326 C CA  . SER A 1 162 ? -1.159  0.336   12.174  1.00 28.97 ? 162 SER A CA  1 
ATOM   1327 C C   . SER A 1 162 ? -0.889  -0.198  13.558  1.00 30.79 ? 162 SER A C   1 
ATOM   1328 O O   . SER A 1 162 ? 0.192   -0.025  14.074  1.00 30.65 ? 162 SER A O   1 
ATOM   1329 C CB  . SER A 1 162 ? -0.482  -0.599  11.159  1.00 28.94 ? 162 SER A CB  1 
ATOM   1330 O OG  . SER A 1 162 ? -1.101  -1.887  11.139  1.00 28.91 ? 162 SER A OG  1 
ATOM   1331 N N   . GLU A 1 163 ? -1.872  -0.851  14.152  1.00 33.14 ? 163 GLU A N   1 
ATOM   1332 C CA  . GLU A 1 163 ? -1.704  -1.453  15.482  1.00 35.28 ? 163 GLU A CA  1 
ATOM   1333 C C   . GLU A 1 163 ? -2.190  -2.909  15.370  1.00 36.15 ? 163 GLU A C   1 
ATOM   1334 O O   . GLU A 1 163 ? -3.293  -3.171  14.873  1.00 35.84 ? 163 GLU A O   1 
ATOM   1335 C CB  . GLU A 1 163 ? -2.548  -0.702  16.536  1.00 33.72 ? 163 GLU A CB  1 
ATOM   1336 C CG  . GLU A 1 163 ? -2.172  0.777   16.780  1.00 35.04 ? 163 GLU A CG  1 
ATOM   1337 C CD  . GLU A 1 163 ? -3.038  1.432   17.881  1.00 37.03 ? 163 GLU A CD  1 
ATOM   1338 O OE1 . GLU A 1 163 ? -2.717  1.325   19.081  1.00 38.53 ? 163 GLU A OE1 1 
ATOM   1339 O OE2 . GLU A 1 163 ? -4.091  2.035   17.577  1.00 39.39 ? 163 GLU A OE2 1 
ATOM   1340 N N   . LEU A 1 164 ? -1.374  -3.864  15.785  1.00 40.22 ? 164 LEU A N   1 
ATOM   1341 C CA  . LEU A 1 164 ? -1.855  -5.233  15.741  1.00 44.82 ? 164 LEU A CA  1 
ATOM   1342 C C   . LEU A 1 164 ? -2.756  -5.492  16.930  1.00 47.58 ? 164 LEU A C   1 
ATOM   1343 O O   . LEU A 1 164 ? -2.389  -5.320  18.099  1.00 47.23 ? 164 LEU A O   1 
ATOM   1344 C CB  . LEU A 1 164 ? -0.754  -6.295  15.727  1.00 46.14 ? 164 LEU A CB  1 
ATOM   1345 C CG  . LEU A 1 164 ? -1.414  -7.662  16.059  1.00 47.78 ? 164 LEU A CG  1 
ATOM   1346 C CD1 . LEU A 1 164 ? -2.679  -7.895  15.224  1.00 46.81 ? 164 LEU A CD1 1 
ATOM   1347 C CD2 . LEU A 1 164 ? -0.428  -8.790  15.840  1.00 47.62 ? 164 LEU A CD2 1 
ATOM   1348 N N   . LYS A 1 165 ? -3.969  -5.889  16.597  1.00 50.85 ? 165 LYS A N   1 
ATOM   1349 C CA  . LYS A 1 165 ? -4.938  -6.178  17.597  1.00 54.21 ? 165 LYS A CA  1 
ATOM   1350 C C   . LYS A 1 165 ? -5.526  -7.527  17.280  1.00 56.15 ? 165 LYS A C   1 
ATOM   1351 O O   . LYS A 1 165 ? -5.036  -8.220  16.377  1.00 56.19 ? 165 LYS A O   1 
ATOM   1352 C CB  . LYS A 1 165 ? -5.951  -5.055  17.630  1.00 53.95 ? 165 LYS A CB  1 
ATOM   1353 C CG  . LYS A 1 165 ? -5.417  -3.991  18.576  1.00 56.44 ? 165 LYS A CG  1 
ATOM   1354 C CD  . LYS A 1 165 ? -5.978  -2.599  18.317  1.00 57.90 ? 165 LYS A CD  1 
ATOM   1355 C CE  . LYS A 1 165 ? -5.530  -1.605  19.382  1.00 58.14 ? 165 LYS A CE  1 
ATOM   1356 N NZ  . LYS A 1 165 ? -6.147  -0.265  19.106  1.00 60.56 ? 165 LYS A NZ  1 
ATOM   1357 N N   . PRO A 1 166 ? -6.521  -7.955  18.074  1.00 58.03 ? 166 PRO A N   1 
ATOM   1358 C CA  . PRO A 1 166 ? -7.226  -9.237  17.919  1.00 58.19 ? 166 PRO A CA  1 
ATOM   1359 C C   . PRO A 1 166 ? -7.553  -9.646  16.438  1.00 58.56 ? 166 PRO A C   1 
ATOM   1360 O O   . PRO A 1 166 ? -6.770  -10.333 15.734  1.00 59.94 ? 166 PRO A O   1 
ATOM   1361 C CB  . PRO A 1 166 ? -8.488  -9.003  18.754  1.00 57.87 ? 166 PRO A CB  1 
ATOM   1362 C CG  . PRO A 1 166 ? -7.973  -8.191  19.926  1.00 58.39 ? 166 PRO A CG  1 
ATOM   1363 C CD  . PRO A 1 166 ? -6.979  -7.235  19.296  1.00 58.62 ? 166 PRO A CD  1 
ATOM   1364 N N   . LYS A 1 167 ? -8.728  -9.223  15.982  1.00 57.56 ? 167 LYS A N   1 
ATOM   1365 C CA  . LYS A 1 167 ? -9.213  -9.513  14.645  1.00 56.02 ? 167 LYS A CA  1 
ATOM   1366 C C   . LYS A 1 167 ? -8.163  -9.267  13.579  1.00 53.17 ? 167 LYS A C   1 
ATOM   1367 O O   . LYS A 1 167 ? -8.266  -9.758  12.457  1.00 52.30 ? 167 LYS A O   1 
ATOM   1368 C CB  . LYS A 1 167 ? -10.453 -8.658  14.403  1.00 58.12 ? 167 LYS A CB  1 
ATOM   1369 C CG  . LYS A 1 167 ? -11.371 -8.669  15.653  1.00 60.79 ? 167 LYS A CG  1 
ATOM   1370 C CD  . LYS A 1 167 ? -12.803 -8.169  15.361  1.00 63.10 ? 167 LYS A CD  1 
ATOM   1371 C CE  . LYS A 1 167 ? -13.615 -7.926  16.662  1.00 63.82 ? 167 LYS A CE  1 
ATOM   1372 N NZ  . LYS A 1 167 ? -13.110 -6.762  17.490  1.00 63.74 ? 167 LYS A NZ  1 
ATOM   1373 N N   . GLY A 1 168 ? -7.132  -8.530  13.962  1.00 50.30 ? 168 GLY A N   1 
ATOM   1374 C CA  . GLY A 1 168 ? -6.078  -8.178  13.035  1.00 45.77 ? 168 GLY A CA  1 
ATOM   1375 C C   . GLY A 1 168 ? -5.679  -6.712  13.214  1.00 42.69 ? 168 GLY A C   1 
ATOM   1376 O O   . GLY A 1 168 ? -6.014  -6.020  14.217  1.00 41.07 ? 168 GLY A O   1 
ATOM   1377 N N   . PRO A 1 169 ? -4.965  -6.195  12.212  1.00 40.21 ? 169 PRO A N   1 
ATOM   1378 C CA  . PRO A 1 169 ? -4.485  -4.806  12.235  1.00 37.50 ? 169 PRO A CA  1 
ATOM   1379 C C   . PRO A 1 169 ? -5.572  -3.702  12.174  1.00 35.25 ? 169 PRO A C   1 
ATOM   1380 O O   . PRO A 1 169 ? -6.547  -3.802  11.424  1.00 33.53 ? 169 PRO A O   1 
ATOM   1381 C CB  . PRO A 1 169 ? -3.490  -4.787  11.069  1.00 36.23 ? 169 PRO A CB  1 
ATOM   1382 C CG  . PRO A 1 169 ? -4.140  -5.672  10.068  1.00 36.68 ? 169 PRO A CG  1 
ATOM   1383 C CD  . PRO A 1 169 ? -4.742  -6.822  10.892  1.00 39.62 ? 169 PRO A CD  1 
ATOM   1384 N N   . VAL A 1 170 ? -5.428  -2.693  13.029  1.00 32.41 ? 170 VAL A N   1 
ATOM   1385 C CA  . VAL A 1 170 ? -6.373  -1.590  13.012  1.00 30.60 ? 170 VAL A CA  1 
ATOM   1386 C C   . VAL A 1 170 ? -5.590  -0.369  12.539  1.00 29.43 ? 170 VAL A C   1 
ATOM   1387 O O   . VAL A 1 170 ? -4.551  -0.020  13.101  1.00 28.13 ? 170 VAL A O   1 
ATOM   1388 C CB  . VAL A 1 170 ? -6.966  -1.307  14.416  1.00 31.48 ? 170 VAL A CB  1 
ATOM   1389 C CG1 . VAL A 1 170 ? -8.059  -0.219  14.323  1.00 31.56 ? 170 VAL A CG1 1 
ATOM   1390 C CG2 . VAL A 1 170 ? -7.536  -2.559  15.007  1.00 29.26 ? 170 VAL A CG2 1 
ATOM   1391 N N   . TYR A 1 171 ? -6.080  0.246   11.472  1.00 28.47 ? 171 TYR A N   1 
ATOM   1392 C CA  . TYR A 1 171 ? -5.454  1.436   10.874  1.00 26.70 ? 171 TYR A CA  1 
ATOM   1393 C C   . TYR A 1 171 ? -6.019  2.787   11.400  1.00 25.86 ? 171 TYR A C   1 
ATOM   1394 O O   . TYR A 1 171 ? -7.216  2.934   11.596  1.00 27.30 ? 171 TYR A O   1 
ATOM   1395 C CB  . TYR A 1 171 ? -5.618  1.413   9.319   1.00 25.55 ? 171 TYR A CB  1 
ATOM   1396 C CG  . TYR A 1 171 ? -4.832  0.333   8.545   1.00 25.95 ? 171 TYR A CG  1 
ATOM   1397 C CD1 . TYR A 1 171 ? -3.827  -0.415  9.178   1.00 25.10 ? 171 TYR A CD1 1 
ATOM   1398 C CD2 . TYR A 1 171 ? -5.160  -0.013  7.209   1.00 25.48 ? 171 TYR A CD2 1 
ATOM   1399 C CE1 . TYR A 1 171 ? -3.182  -1.466  8.567   1.00 24.68 ? 171 TYR A CE1 1 
ATOM   1400 C CE2 . TYR A 1 171 ? -4.492  -1.128  6.549   1.00 24.94 ? 171 TYR A CE2 1 
ATOM   1401 C CZ  . TYR A 1 171 ? -3.513  -1.850  7.263   1.00 26.37 ? 171 TYR A CZ  1 
ATOM   1402 O OH  . TYR A 1 171 ? -2.934  -3.026  6.784   1.00 27.66 ? 171 TYR A OH  1 
ATOM   1403 N N   . THR A 1 172 ? -5.149  3.757   11.654  1.00 25.12 ? 172 THR A N   1 
ATOM   1404 C CA  . THR A 1 172 ? -5.572  5.100   12.017  1.00 23.63 ? 172 THR A CA  1 
ATOM   1405 C C   . THR A 1 172 ? -4.789  6.040   11.109  1.00 23.66 ? 172 THR A C   1 
ATOM   1406 O O   . THR A 1 172 ? -3.561  6.024   11.103  1.00 20.41 ? 172 THR A O   1 
ATOM   1407 C CB  . THR A 1 172 ? -5.228  5.509   13.438  1.00 25.01 ? 172 THR A CB  1 
ATOM   1408 O OG1 . THR A 1 172 ? -5.867  4.636   14.387  1.00 25.46 ? 172 THR A OG1 1 
ATOM   1409 C CG2 . THR A 1 172 ? -5.699  6.923   13.663  1.00 23.25 ? 172 THR A CG2 1 
ATOM   1410 N N   . VAL A 1 173 ? -5.519  6.844   10.332  1.00 24.08 ? 173 VAL A N   1 
ATOM   1411 C CA  . VAL A 1 173 ? -4.925  7.808   9.410   1.00 23.87 ? 173 VAL A CA  1 
ATOM   1412 C C   . VAL A 1 173 ? -4.459  9.044   10.181  1.00 25.86 ? 173 VAL A C   1 
ATOM   1413 O O   . VAL A 1 173 ? -5.306  9.785   10.650  1.00 29.21 ? 173 VAL A O   1 
ATOM   1414 C CB  . VAL A 1 173 ? -5.979  8.281   8.352   1.00 23.76 ? 173 VAL A CB  1 
ATOM   1415 C CG1 . VAL A 1 173 ? -5.386  9.479   7.495   1.00 20.99 ? 173 VAL A CG1 1 
ATOM   1416 C CG2 . VAL A 1 173 ? -6.435  7.114   7.521   1.00 16.27 ? 173 VAL A CG2 1 
ATOM   1417 N N   . LEU A 1 174 ? -3.153  9.288   10.321  1.00 25.37 ? 174 LEU A N   1 
ATOM   1418 C CA  . LEU A 1 174 ? -2.701  10.450  11.047  1.00 24.28 ? 174 LEU A CA  1 
ATOM   1419 C C   . LEU A 1 174 ? -2.883  11.611  10.187  1.00 25.69 ? 174 LEU A C   1 
ATOM   1420 O O   . LEU A 1 174 ? -3.134  12.660  10.664  1.00 27.69 ? 174 LEU A O   1 
ATOM   1421 C CB  . LEU A 1 174 ? -1.249  10.361  11.417  1.00 23.36 ? 174 LEU A CB  1 
ATOM   1422 C CG  . LEU A 1 174 ? -0.999  9.067   12.185  1.00 23.81 ? 174 LEU A CG  1 
ATOM   1423 C CD1 . LEU A 1 174 ? 0.415   9.078   12.755  1.00 23.55 ? 174 LEU A CD1 1 
ATOM   1424 C CD2 . LEU A 1 174 ? -2.048  8.934   13.308  1.00 25.01 ? 174 LEU A CD2 1 
ATOM   1425 N N   . GLU A 1 175 ? -2.713  11.442  8.890   1.00 27.38 ? 175 GLU A N   1 
ATOM   1426 C CA  . GLU A 1 175 ? -2.932  12.546  7.990   1.00 26.61 ? 175 GLU A CA  1 
ATOM   1427 C C   . GLU A 1 175 ? -3.063  12.186  6.539   1.00 25.69 ? 175 GLU A C   1 
ATOM   1428 O O   . GLU A 1 175 ? -2.475  11.226  6.111   1.00 25.69 ? 175 GLU A O   1 
ATOM   1429 C CB  . GLU A 1 175 ? -1.870  13.635  8.127   1.00 27.38 ? 175 GLU A CB  1 
ATOM   1430 C CG  . GLU A 1 175 ? -2.642  14.882  8.601   1.00 32.58 ? 175 GLU A CG  1 
ATOM   1431 C CD  . GLU A 1 175 ? -2.111  16.143  8.056   1.00 33.15 ? 175 GLU A CD  1 
ATOM   1432 O OE1 . GLU A 1 175 ? -1.021  16.545  8.509   1.00 37.32 ? 175 GLU A OE1 1 
ATOM   1433 O OE2 . GLU A 1 175 ? -2.764  16.732  7.184   1.00 33.09 ? 175 GLU A OE2 1 
ATOM   1434 N N   . LYS A 1 176 ? -3.882  12.960  5.826   1.00 23.52 ? 176 LYS A N   1 
ATOM   1435 C CA  . LYS A 1 176 ? -4.110  12.819  4.410   1.00 23.26 ? 176 LYS A CA  1 
ATOM   1436 C C   . LYS A 1 176 ? -3.399  14.005  3.741   1.00 22.97 ? 176 LYS A C   1 
ATOM   1437 O O   . LYS A 1 176 ? -3.278  15.069  4.330   1.00 23.23 ? 176 LYS A O   1 
ATOM   1438 C CB  . LYS A 1 176 ? -5.600  12.862  4.118   1.00 23.43 ? 176 LYS A CB  1 
ATOM   1439 C CG  . LYS A 1 176 ? -6.336  11.656  4.585   1.00 24.41 ? 176 LYS A CG  1 
ATOM   1440 C CD  . LYS A 1 176 ? -7.819  11.832  4.357   1.00 30.32 ? 176 LYS A CD  1 
ATOM   1441 C CE  . LYS A 1 176 ? -8.505  10.457  3.989   1.00 34.90 ? 176 LYS A CE  1 
ATOM   1442 N NZ  . LYS A 1 176 ? -9.778  10.110  4.765   1.00 35.95 ? 176 LYS A NZ  1 
ATOM   1443 N N   . PHE A 1 177 ? -2.892  13.811  2.530   1.00 22.09 ? 177 PHE A N   1 
ATOM   1444 C CA  . PHE A 1 177 ? -2.161  14.864  1.805   1.00 21.05 ? 177 PHE A CA  1 
ATOM   1445 C C   . PHE A 1 177 ? -2.726  14.949  0.381   1.00 22.56 ? 177 PHE A C   1 
ATOM   1446 O O   . PHE A 1 177 ? -3.001  13.934  -0.266  1.00 22.95 ? 177 PHE A O   1 
ATOM   1447 C CB  . PHE A 1 177 ? -0.644  14.538  1.756   1.00 20.91 ? 177 PHE A CB  1 
ATOM   1448 C CG  . PHE A 1 177 ? -0.015  14.216  3.111   1.00 18.52 ? 177 PHE A CG  1 
ATOM   1449 C CD1 . PHE A 1 177 ? 0.145   12.889  3.531   1.00 19.38 ? 177 PHE A CD1 1 
ATOM   1450 C CD2 . PHE A 1 177 ? 0.487   15.231  3.920   1.00 18.31 ? 177 PHE A CD2 1 
ATOM   1451 C CE1 . PHE A 1 177 ? 0.793   12.578  4.702   1.00 16.18 ? 177 PHE A CE1 1 
ATOM   1452 C CE2 . PHE A 1 177 ? 1.148   14.942  5.105   1.00 18.33 ? 177 PHE A CE2 1 
ATOM   1453 C CZ  . PHE A 1 177 ? 1.307   13.617  5.500   1.00 17.47 ? 177 PHE A CZ  1 
ATOM   1454 N N   . SER A 1 178 ? -2.921  16.153  -0.120  1.00 22.35 ? 178 SER A N   1 
ATOM   1455 C CA  . SER A 1 178 ? -3.476  16.257  -1.452  1.00 22.89 ? 178 SER A CA  1 
ATOM   1456 C C   . SER A 1 178 ? -2.446  16.564  -2.528  1.00 22.74 ? 178 SER A C   1 
ATOM   1457 O O   . SER A 1 178 ? -1.665  17.471  -2.385  1.00 22.86 ? 178 SER A O   1 
ATOM   1458 C CB  . SER A 1 178 ? -4.603  17.307  -1.442  1.00 23.36 ? 178 SER A CB  1 
ATOM   1459 O OG  . SER A 1 178 ? -5.599  16.896  -0.513  1.00 23.22 ? 178 SER A OG  1 
ATOM   1460 N N   . LEU A 1 179 ? -2.422  15.787  -3.599  1.00 23.38 ? 179 LEU A N   1 
ATOM   1461 C CA  . LEU A 1 179 ? -1.468  16.082  -4.619  1.00 25.30 ? 179 LEU A CA  1 
ATOM   1462 C C   . LEU A 1 179 ? -1.896  17.451  -5.190  1.00 26.96 ? 179 LEU A C   1 
ATOM   1463 O O   . LEU A 1 179 ? -3.013  17.646  -5.603  1.00 25.58 ? 179 LEU A O   1 
ATOM   1464 C CB  . LEU A 1 179 ? -1.442  14.963  -5.667  1.00 24.13 ? 179 LEU A CB  1 
ATOM   1465 C CG  . LEU A 1 179 ? -0.941  13.609  -5.105  1.00 24.00 ? 179 LEU A CG  1 
ATOM   1466 C CD1 . LEU A 1 179 ? -1.072  12.488  -6.132  1.00 15.65 ? 179 LEU A CD1 1 
ATOM   1467 C CD2 . LEU A 1 179 ? 0.545   13.758  -4.627  1.00 22.49 ? 179 LEU A CD2 1 
ATOM   1468 N N   . ARG A 1 180 ? -0.976  18.400  -5.182  1.00 29.40 ? 180 ARG A N   1 
ATOM   1469 C CA  . ARG A 1 180 ? -1.262  19.740  -5.651  1.00 32.41 ? 180 ARG A CA  1 
ATOM   1470 C C   . ARG A 1 180 ? -0.083  20.258  -6.505  1.00 32.49 ? 180 ARG A C   1 
ATOM   1471 O O   . ARG A 1 180 ? -0.076  21.396  -6.906  1.00 29.05 ? 180 ARG A O   1 
ATOM   1472 C CB  . ARG A 1 180 ? -1.478  20.619  -4.400  1.00 36.21 ? 180 ARG A CB  1 
ATOM   1473 C CG  . ARG A 1 180 ? -2.244  21.898  -4.595  1.00 44.20 ? 180 ARG A CG  1 
ATOM   1474 C CD  . ARG A 1 180 ? -3.680  22.017  -3.907  1.00 50.82 ? 180 ARG A CD  1 
ATOM   1475 N NE  . ARG A 1 180 ? -4.217  23.411  -4.008  1.00 55.29 ? 180 ARG A NE  1 
ATOM   1476 C CZ  . ARG A 1 180 ? -4.325  24.117  -5.156  1.00 58.04 ? 180 ARG A CZ  1 
ATOM   1477 N NH1 . ARG A 1 180 ? -3.951  23.585  -6.328  1.00 59.22 ? 180 ARG A NH1 1 
ATOM   1478 N NH2 . ARG A 1 180 ? -4.783  25.373  -5.152  1.00 58.44 ? 180 ARG A NH2 1 
ATOM   1479 N N   . GLY A 1 181 ? 0.917   19.406  -6.748  1.00 34.14 ? 181 GLY A N   1 
ATOM   1480 C CA  . GLY A 1 181 ? 2.087   19.795  -7.525  1.00 36.02 ? 181 GLY A CA  1 
ATOM   1481 C C   . GLY A 1 181 ? 1.834   20.243  -8.952  1.00 37.95 ? 181 GLY A C   1 
ATOM   1482 O O   . GLY A 1 181 ? 0.812   19.843  -9.537  1.00 37.26 ? 181 GLY A O   1 
ATOM   1483 N N   . GLU A 1 182 ? 2.729   21.094  -9.496  1.00 38.92 ? 182 GLU A N   1 
ATOM   1484 C CA  . GLU A 1 182 ? 2.605   21.602  -10.878 1.00 40.37 ? 182 GLU A CA  1 
ATOM   1485 C C   . GLU A 1 182 ? 3.144   20.551  -11.810 1.00 40.28 ? 182 GLU A C   1 
ATOM   1486 O O   . GLU A 1 182 ? 2.612   20.356  -12.879 1.00 41.12 ? 182 GLU A O   1 
ATOM   1487 C CB  . GLU A 1 182 ? 3.442   22.865  -11.138 1.00 41.65 ? 182 GLU A CB  1 
ATOM   1488 C CG  . GLU A 1 182 ? 2.979   24.129  -10.451 1.00 44.23 ? 182 GLU A CG  1 
ATOM   1489 C CD  . GLU A 1 182 ? 1.521   24.507  -10.777 1.00 43.90 ? 182 GLU A CD  1 
ATOM   1490 O OE1 . GLU A 1 182 ? 1.057   24.262  -11.920 1.00 41.56 ? 182 GLU A OE1 1 
ATOM   1491 O OE2 . GLU A 1 182 ? 0.867   25.076  -9.874  1.00 43.34 ? 182 GLU A OE2 1 
ATOM   1492 N N   . HIS A 1 183 ? 4.217   19.891  -11.395 1.00 39.02 ? 183 HIS A N   1 
ATOM   1493 C CA  . HIS A 1 183 ? 4.827   18.866  -12.202 1.00 39.14 ? 183 HIS A CA  1 
ATOM   1494 C C   . HIS A 1 183 ? 3.759   17.884  -12.700 1.00 40.77 ? 183 HIS A C   1 
ATOM   1495 O O   . HIS A 1 183 ? 3.567   17.768  -13.934 1.00 41.03 ? 183 HIS A O   1 
ATOM   1496 C CB  . HIS A 1 183 ? 5.921   18.153  -11.388 1.00 36.88 ? 183 HIS A CB  1 
ATOM   1497 C CG  . HIS A 1 183 ? 6.609   17.062  -12.141 1.00 35.79 ? 183 HIS A CG  1 
ATOM   1498 N ND1 . HIS A 1 183 ? 6.163   15.757  -12.126 1.00 34.37 ? 183 HIS A ND1 1 
ATOM   1499 C CD2 . HIS A 1 183 ? 7.602   17.111  -13.059 1.00 33.53 ? 183 HIS A CD2 1 
ATOM   1500 C CE1 . HIS A 1 183 ? 6.840   15.055  -13.014 1.00 34.11 ? 183 HIS A CE1 1 
ATOM   1501 N NE2 . HIS A 1 183 ? 7.715   15.854  -13.596 1.00 33.51 ? 183 HIS A NE2 1 
HETATM 1502 O O   . HOH B 2 .   ? 10.251  -0.536  4.075   1.00 25.82 ? 201 HOH A O   1 
HETATM 1503 O O   . HOH B 2 .   ? -6.239  6.761   -5.107  1.00 19.73 ? 202 HOH A O   1 
HETATM 1504 O O   . HOH B 2 .   ? -2.973  1.624   22.014  1.00 49.23 ? 203 HOH A O   1 
HETATM 1505 O O   . HOH B 2 .   ? -3.025  18.527  1.861   1.00 23.08 ? 204 HOH A O   1 
HETATM 1506 O O   . HOH B 2 .   ? 7.909   -0.170  1.750   1.00 21.88 ? 205 HOH A O   1 
HETATM 1507 O O   . HOH B 2 .   ? -2.837  5.940   16.856  1.00 31.86 ? 206 HOH A O   1 
HETATM 1508 O O   . HOH B 2 .   ? -6.965  9.220   -4.981  1.00 21.40 ? 207 HOH A O   1 
HETATM 1509 O O   . HOH B 2 .   ? -4.253  -4.421  3.519   1.00 21.24 ? 208 HOH A O   1 
HETATM 1510 O O   . HOH B 2 .   ? -4.460  -3.942  0.958   1.00 24.00 ? 209 HOH A O   1 
HETATM 1511 O O   . HOH B 2 .   ? 5.908   20.436  -8.771  1.00 21.46 ? 210 HOH A O   1 
HETATM 1512 O O   . HOH B 2 .   ? 1.921   -19.210 3.476   1.00 40.30 ? 211 HOH A O   1 
HETATM 1513 O O   . HOH B 2 .   ? 9.911   -2.232  12.998  1.00 36.02 ? 212 HOH A O   1 
HETATM 1514 O O   . HOH B 2 .   ? 13.556  0.047   -2.527  1.00 53.26 ? 213 HOH A O   1 
HETATM 1515 O O   . HOH B 2 .   ? 0.559   -19.339 6.849   1.00 29.39 ? 214 HOH A O   1 
HETATM 1516 O O   . HOH B 2 .   ? -8.431  6.876   10.538  1.00 28.10 ? 215 HOH A O   1 
HETATM 1517 O O   . HOH B 2 .   ? -7.214  -24.952 4.882   1.00 29.98 ? 216 HOH A O   1 
HETATM 1518 O O   . HOH B 2 .   ? -0.419  18.198  2.343   1.00 28.60 ? 217 HOH A O   1 
HETATM 1519 O O   . HOH B 2 .   ? -8.400  -22.767 2.142   1.00 32.55 ? 218 HOH A O   1 
HETATM 1520 O O   . HOH B 2 .   ? 16.150  -3.934  6.447   1.00 35.97 ? 219 HOH A O   1 
HETATM 1521 O O   . HOH B 2 .   ? -5.297  -14.690 -8.662  1.00 35.64 ? 220 HOH A O   1 
HETATM 1522 O O   . HOH B 2 .   ? -10.786 2.766   -16.900 1.00 40.53 ? 221 HOH A O   1 
HETATM 1523 O O   . HOH B 2 .   ? 14.582  15.328  5.702   1.00 31.54 ? 222 HOH A O   1 
HETATM 1524 O O   . HOH B 2 .   ? -9.386  1.862   0.069   1.00 29.72 ? 223 HOH A O   1 
HETATM 1525 O O   . HOH B 2 .   ? -4.723  2.447   14.794  1.00 29.11 ? 224 HOH A O   1 
HETATM 1526 O O   . HOH B 2 .   ? -1.662  -3.663  0.166   1.00 33.72 ? 225 HOH A O   1 
HETATM 1527 O O   . HOH B 2 .   ? 3.327   -1.617  -2.559  1.00 30.12 ? 226 HOH A O   1 
HETATM 1528 O O   . HOH B 2 .   ? -8.384  15.077  -10.674 1.00 48.63 ? 227 HOH A O   1 
HETATM 1529 O O   . HOH B 2 .   ? 2.121   -6.546  5.482   1.00 29.63 ? 228 HOH A O   1 
HETATM 1530 O O   . HOH B 2 .   ? 0.924   2.825   22.032  1.00 35.57 ? 229 HOH A O   1 
HETATM 1531 O O   . HOH B 2 .   ? -10.107 8.667   -7.609  1.00 40.88 ? 230 HOH A O   1 
HETATM 1532 O O   . HOH B 2 .   ? 2.774   0.315   18.186  1.00 47.10 ? 231 HOH A O   1 
HETATM 1533 O O   . HOH B 2 .   ? -5.641  8.054   -1.021  1.00 31.79 ? 232 HOH A O   1 
HETATM 1534 O O   . HOH B 2 .   ? 1.150   1.062   16.269  1.00 34.44 ? 233 HOH A O   1 
HETATM 1535 O O   . HOH B 2 .   ? 9.897   9.712   20.811  1.00 22.98 ? 234 HOH A O   1 
HETATM 1536 O O   . HOH B 2 .   ? 1.672   -2.261  6.338   1.00 30.77 ? 236 HOH A O   1 
HETATM 1537 O O   . HOH B 2 .   ? 10.137  18.145  4.757   1.00 25.01 ? 237 HOH A O   1 
HETATM 1538 O O   . HOH B 2 .   ? -10.750 3.569   2.094   1.00 25.24 ? 238 HOH A O   1 
HETATM 1539 O O   . HOH B 2 .   ? -0.865  -5.439  3.565   1.00 23.49 ? 240 HOH A O   1 
HETATM 1540 O O   . HOH B 2 .   ? -2.763  -23.789 -6.754  1.00 38.52 ? 241 HOH A O   1 
HETATM 1541 O O   . HOH B 2 .   ? -5.847  14.960  6.989   1.00 25.78 ? 242 HOH A O   1 
HETATM 1542 O O   . HOH B 2 .   ? 13.871  2.034   -0.008  1.00 42.55 ? 243 HOH A O   1 
HETATM 1543 O O   . HOH B 2 .   ? 0.542   -23.765 7.419   1.00 30.52 ? 244 HOH A O   1 
HETATM 1544 O O   . HOH B 2 .   ? 3.762   11.407  -8.030  1.00 20.87 ? 245 HOH A O   1 
HETATM 1545 O O   . HOH B 2 .   ? -12.212 -26.060 9.738   1.00 36.52 ? 246 HOH A O   1 
HETATM 1546 O O   . HOH B 2 .   ? -14.343 7.375   -2.396  1.00 39.53 ? 247 HOH A O   1 
HETATM 1547 O O   . HOH B 2 .   ? 0.947   -3.059  8.849   1.00 28.74 ? 249 HOH A O   1 
HETATM 1548 O O   . HOH B 2 .   ? 0.646   -2.393  4.383   1.00 36.30 ? 250 HOH A O   1 
HETATM 1549 O O   . HOH B 2 .   ? 0.996   -5.135  1.984   1.00 25.30 ? 251 HOH A O   1 
HETATM 1550 O O   . HOH B 2 .   ? -9.439  5.948   4.297   1.00 26.78 ? 252 HOH A O   1 
HETATM 1551 O O   . HOH B 2 .   ? 8.121   -4.883  3.988   1.00 42.30 ? 254 HOH A O   1 
HETATM 1552 O O   . HOH B 2 .   ? 11.638  1.134   11.900  1.00 32.22 ? 255 HOH A O   1 
HETATM 1553 O O   . HOH B 2 .   ? 6.386   11.287  22.013  1.00 32.09 ? 256 HOH A O   1 
HETATM 1554 O O   . HOH B 2 .   ? -8.810  -0.188  10.528  1.00 31.26 ? 257 HOH A O   1 
HETATM 1555 O O   . HOH B 2 .   ? -12.000 5.222   -12.155 1.00 20.79 ? 258 HOH A O   1 
HETATM 1556 O O   . HOH B 2 .   ? -16.297 6.318   -7.456  1.00 29.39 ? 259 HOH A O   1 
HETATM 1557 O O   . HOH B 2 .   ? -1.145  11.136  -15.591 1.00 9.65  ? 260 HOH A O   1 
HETATM 1558 O O   . HOH B 2 .   ? 10.174  25.553  -1.117  1.00 29.63 ? 262 HOH A O   1 
HETATM 1559 O O   . HOH B 2 .   ? 9.639   11.983  22.485  1.00 38.67 ? 263 HOH A O   1 
HETATM 1560 O O   . HOH B 2 .   ? -6.938  1.733   17.717  1.00 29.21 ? 264 HOH A O   1 
HETATM 1561 O O   . HOH B 2 .   ? 1.692   24.823  -14.727 1.00 42.40 ? 265 HOH A O   1 
HETATM 1562 O O   . HOH B 2 .   ? 5.028   4.544   19.928  1.00 30.55 ? 266 HOH A O   1 
HETATM 1563 O O   . HOH B 2 .   ? 12.579  0.527   -6.268  1.00 26.61 ? 267 HOH A O   1 
HETATM 1564 O O   . HOH B 2 .   ? 5.462   22.808  -8.015  1.00 40.63 ? 268 HOH A O   1 
HETATM 1565 O O   . HOH B 2 .   ? 9.265   10.410  -13.044 1.00 40.61 ? 269 HOH A O   1 
HETATM 1566 O O   . HOH B 2 .   ? -5.563  9.540   1.258   1.00 25.25 ? 270 HOH A O   1 
HETATM 1567 O O   . HOH B 2 .   ? 15.435  3.663   -1.458  1.00 37.36 ? 271 HOH A O   1 
HETATM 1568 O O   . HOH B 2 .   ? -12.284 -7.272  -13.727 1.00 33.93 ? 272 HOH A O   1 
HETATM 1569 O O   . HOH B 2 .   ? 1.456   8.291   -13.277 1.00 30.02 ? 273 HOH A O   1 
HETATM 1570 O O   . HOH B 2 .   ? -4.288  8.070   -19.011 1.00 37.15 ? 274 HOH A O   1 
HETATM 1571 O O   . HOH B 2 .   ? -12.973 -19.261 -7.188  1.00 36.14 ? 275 HOH A O   1 
HETATM 1572 O O   . HOH B 2 .   ? 4.252   -1.712  -15.505 1.00 39.17 ? 277 HOH A O   1 
HETATM 1573 O O   . HOH B 2 .   ? 5.309   -8.794  -3.487  1.00 35.42 ? 278 HOH A O   1 
HETATM 1574 O O   . HOH B 2 .   ? 4.659   14.810  -10.460 1.00 39.62 ? 279 HOH A O   1 
HETATM 1575 O O   . HOH B 2 .   ? -5.240  -4.853  5.892   1.00 37.59 ? 280 HOH A O   1 
# 
